data_9LYS
# 
_entry.id   9LYS 
# 
_audit_conform.dict_name       mmcif_pdbx.dic 
_audit_conform.dict_version    5.408 
_audit_conform.dict_location   http://mmcif.pdb.org/dictionaries/ascii/mmcif_pdbx.dic 
# 
loop_
_database_2.database_id 
_database_2.database_code 
_database_2.pdbx_database_accession 
_database_2.pdbx_DOI 
PDB   9LYS         pdb_00009lys 10.2210/pdb9lys/pdb 
WWPDB D_1300056849 ?            ?                   
# 
_pdbx_audit_revision_history.ordinal             1 
_pdbx_audit_revision_history.data_content_type   'Structure model' 
_pdbx_audit_revision_history.major_revision      1 
_pdbx_audit_revision_history.minor_revision      0 
_pdbx_audit_revision_history.revision_date       2025-12-17 
_pdbx_audit_revision_history.part_number         ? 
# 
_pdbx_audit_revision_details.ordinal             1 
_pdbx_audit_revision_details.revision_ordinal    1 
_pdbx_audit_revision_details.data_content_type   'Structure model' 
_pdbx_audit_revision_details.provider            repository 
_pdbx_audit_revision_details.type                'Initial release' 
_pdbx_audit_revision_details.description         ? 
_pdbx_audit_revision_details.details             ? 
# 
_pdbx_database_status.status_code                     REL 
_pdbx_database_status.status_code_sf                  REL 
_pdbx_database_status.status_code_mr                  ? 
_pdbx_database_status.entry_id                        9LYS 
_pdbx_database_status.recvd_initial_deposition_date   2025-02-20 
_pdbx_database_status.SG_entry                        N 
_pdbx_database_status.deposit_site                    PDBJ 
_pdbx_database_status.process_site                    PDBC 
_pdbx_database_status.status_code_cs                  ? 
_pdbx_database_status.status_code_nmr_data            ? 
_pdbx_database_status.methods_development_category    ? 
_pdbx_database_status.pdb_format_compatible           Y 
# 
_pdbx_contact_author.id                 2 
_pdbx_contact_author.email              caolongxing@westlake.edu.cn 
_pdbx_contact_author.name_first         Longxing 
_pdbx_contact_author.name_last          Cao 
_pdbx_contact_author.name_mi            ? 
_pdbx_contact_author.role               'principal investigator/group leader' 
_pdbx_contact_author.identifier_ORCID   0000-0003-4002-3648 
# 
loop_
_audit_author.name 
_audit_author.pdbx_ordinal 
_audit_author.identifier_ORCID 
'Qihan, J.'    1 0000-0001-9271-4403 
'Longxing, C.' 2 0000-0003-4002-3648 
# 
_citation.abstract                  ? 
_citation.abstract_id_CAS           ? 
_citation.book_id_ISBN              ? 
_citation.book_publisher            ? 
_citation.book_publisher_city       ? 
_citation.book_title                ? 
_citation.coordinate_linkage        ? 
_citation.country                   US 
_citation.database_id_Medline       ? 
_citation.details                   ? 
_citation.id                        primary 
_citation.journal_abbrev            Science 
_citation.journal_id_ASTM           SCIEAS 
_citation.journal_id_CSD            0038 
_citation.journal_id_ISSN           1095-9203 
_citation.journal_full              ? 
_citation.journal_issue             ? 
_citation.journal_volume            ? 
_citation.language                  ? 
_citation.page_first                ? 
_citation.page_last                 ? 
_citation.title                     'De novo design of small molecule-regulated protein oligomers' 
_citation.year                      2026 
_citation.database_id_CSD           ? 
_citation.pdbx_database_id_DOI      10.1126/science.ady6017 
_citation.pdbx_database_id_PubMed   ? 
_citation.pdbx_database_id_patent   ? 
_citation.unpublished_flag          ? 
# 
loop_
_citation_author.citation_id 
_citation_author.name 
_citation_author.ordinal 
_citation_author.identifier_ORCID 
primary 'Jin, Q.'  1 ? 
primary 'Wang, Y.' 2 ? 
primary 'Chen, D.' 3 ? 
primary 'Liao, J.' 4 ? 
primary 'Cui, Z.'  5 ? 
primary 'Fan, Y.'  6 ? 
primary 'Zeng, A.' 7 ? 
primary 'Xie, M.'  8 ? 
primary 'Cao, L.'  9 ? 
# 
loop_
_entity.id 
_entity.type 
_entity.src_method 
_entity.pdbx_description 
_entity.formula_weight 
_entity.pdbx_number_of_molecules 
_entity.pdbx_ec 
_entity.pdbx_mutation 
_entity.pdbx_fragment 
_entity.details 
1 polymer     man dAIT03                                           6670.759 3   ? ? ? ? 
2 non-polymer syn '(3S,5S,7S)-tricyclo[3.3.1.1~3,7~]decan-1-amine' 151.249  1   ? ? ? ? 
3 water       nat water                                            18.015   114 ? ? ? ? 
# 
_entity_poly.entity_id                      1 
_entity_poly.type                           'polypeptide(L)' 
_entity_poly.nstd_linkage                   no 
_entity_poly.nstd_monomer                   no 
_entity_poly.pdbx_seq_one_letter_code       SEDRDTARVLLIMVRSLLKIGNPEDAEEVVKMIEELARRTNDPEIRRLLEEARKLVK 
_entity_poly.pdbx_seq_one_letter_code_can   SEDRDTARVLLIMVRSLLKIGNPEDAEEVVKMIEELARRTNDPEIRRLLEEARKLVK 
_entity_poly.pdbx_strand_id                 A,B,C 
_entity_poly.pdbx_target_identifier         ? 
# 
loop_
_pdbx_entity_nonpoly.entity_id 
_pdbx_entity_nonpoly.name 
_pdbx_entity_nonpoly.comp_id 
2 '(3S,5S,7S)-tricyclo[3.3.1.1~3,7~]decan-1-amine' 308 
3 water                                            HOH 
# 
loop_
_entity_poly_seq.entity_id 
_entity_poly_seq.num 
_entity_poly_seq.mon_id 
_entity_poly_seq.hetero 
1 1  SER n 
1 2  GLU n 
1 3  ASP n 
1 4  ARG n 
1 5  ASP n 
1 6  THR n 
1 7  ALA n 
1 8  ARG n 
1 9  VAL n 
1 10 LEU n 
1 11 LEU n 
1 12 ILE n 
1 13 MET n 
1 14 VAL n 
1 15 ARG n 
1 16 SER n 
1 17 LEU n 
1 18 LEU n 
1 19 LYS n 
1 20 ILE n 
1 21 GLY n 
1 22 ASN n 
1 23 PRO n 
1 24 GLU n 
1 25 ASP n 
1 26 ALA n 
1 27 GLU n 
1 28 GLU n 
1 29 VAL n 
1 30 VAL n 
1 31 LYS n 
1 32 MET n 
1 33 ILE n 
1 34 GLU n 
1 35 GLU n 
1 36 LEU n 
1 37 ALA n 
1 38 ARG n 
1 39 ARG n 
1 40 THR n 
1 41 ASN n 
1 42 ASP n 
1 43 PRO n 
1 44 GLU n 
1 45 ILE n 
1 46 ARG n 
1 47 ARG n 
1 48 LEU n 
1 49 LEU n 
1 50 GLU n 
1 51 GLU n 
1 52 ALA n 
1 53 ARG n 
1 54 LYS n 
1 55 LEU n 
1 56 VAL n 
1 57 LYS n 
# 
_entity_src_gen.entity_id                          1 
_entity_src_gen.pdbx_src_id                        1 
_entity_src_gen.pdbx_alt_source_flag               sample 
_entity_src_gen.pdbx_seq_type                      'Biological sequence' 
_entity_src_gen.pdbx_beg_seq_num                   1 
_entity_src_gen.pdbx_end_seq_num                   57 
_entity_src_gen.gene_src_common_name               ? 
_entity_src_gen.gene_src_genus                     ? 
_entity_src_gen.pdbx_gene_src_gene                 ? 
_entity_src_gen.gene_src_species                   ? 
_entity_src_gen.gene_src_strain                    ? 
_entity_src_gen.gene_src_tissue                    ? 
_entity_src_gen.gene_src_tissue_fraction           ? 
_entity_src_gen.gene_src_details                   ? 
_entity_src_gen.pdbx_gene_src_fragment             ? 
_entity_src_gen.pdbx_gene_src_scientific_name      'Escherichia coli' 
_entity_src_gen.pdbx_gene_src_ncbi_taxonomy_id     562 
_entity_src_gen.pdbx_gene_src_variant              ? 
_entity_src_gen.pdbx_gene_src_cell_line            ? 
_entity_src_gen.pdbx_gene_src_atcc                 ? 
_entity_src_gen.pdbx_gene_src_organ                ? 
_entity_src_gen.pdbx_gene_src_organelle            ? 
_entity_src_gen.pdbx_gene_src_cell                 ? 
_entity_src_gen.pdbx_gene_src_cellular_location    ? 
_entity_src_gen.host_org_common_name               ? 
_entity_src_gen.pdbx_host_org_scientific_name      'Escherichia coli' 
_entity_src_gen.pdbx_host_org_ncbi_taxonomy_id     562 
_entity_src_gen.host_org_genus                     ? 
_entity_src_gen.pdbx_host_org_gene                 ? 
_entity_src_gen.pdbx_host_org_organ                ? 
_entity_src_gen.host_org_species                   ? 
_entity_src_gen.pdbx_host_org_tissue               ? 
_entity_src_gen.pdbx_host_org_tissue_fraction      ? 
_entity_src_gen.pdbx_host_org_strain               ? 
_entity_src_gen.pdbx_host_org_variant              ? 
_entity_src_gen.pdbx_host_org_cell_line            ? 
_entity_src_gen.pdbx_host_org_atcc                 ? 
_entity_src_gen.pdbx_host_org_culture_collection   ? 
_entity_src_gen.pdbx_host_org_cell                 ? 
_entity_src_gen.pdbx_host_org_organelle            ? 
_entity_src_gen.pdbx_host_org_cellular_location    ? 
_entity_src_gen.pdbx_host_org_vector_type          ? 
_entity_src_gen.pdbx_host_org_vector               ? 
_entity_src_gen.host_org_details                   ? 
_entity_src_gen.expression_system_id               ? 
_entity_src_gen.plasmid_name                       ? 
_entity_src_gen.plasmid_details                    ? 
_entity_src_gen.pdbx_description                   ? 
# 
loop_
_chem_comp.id 
_chem_comp.type 
_chem_comp.mon_nstd_flag 
_chem_comp.name 
_chem_comp.pdbx_synonyms 
_chem_comp.formula 
_chem_comp.formula_weight 
308 non-polymer         . '(3S,5S,7S)-tricyclo[3.3.1.1~3,7~]decan-1-amine' Amantadine 'C10 H17 N'      151.249 
ALA 'L-peptide linking' y ALANINE                                          ?          'C3 H7 N O2'     89.093  
ARG 'L-peptide linking' y ARGININE                                         ?          'C6 H15 N4 O2 1' 175.209 
ASN 'L-peptide linking' y ASPARAGINE                                       ?          'C4 H8 N2 O3'    132.118 
ASP 'L-peptide linking' y 'ASPARTIC ACID'                                  ?          'C4 H7 N O4'     133.103 
GLU 'L-peptide linking' y 'GLUTAMIC ACID'                                  ?          'C5 H9 N O4'     147.129 
GLY 'peptide linking'   y GLYCINE                                          ?          'C2 H5 N O2'     75.067  
HOH non-polymer         . WATER                                            ?          'H2 O'           18.015  
ILE 'L-peptide linking' y ISOLEUCINE                                       ?          'C6 H13 N O2'    131.173 
LEU 'L-peptide linking' y LEUCINE                                          ?          'C6 H13 N O2'    131.173 
LYS 'L-peptide linking' y LYSINE                                           ?          'C6 H15 N2 O2 1' 147.195 
MET 'L-peptide linking' y METHIONINE                                       ?          'C5 H11 N O2 S'  149.211 
PRO 'L-peptide linking' y PROLINE                                          ?          'C5 H9 N O2'     115.130 
SER 'L-peptide linking' y SERINE                                           ?          'C3 H7 N O3'     105.093 
THR 'L-peptide linking' y THREONINE                                        ?          'C4 H9 N O3'     119.119 
VAL 'L-peptide linking' y VALINE                                           ?          'C5 H11 N O2'    117.146 
# 
loop_
_pdbx_poly_seq_scheme.asym_id 
_pdbx_poly_seq_scheme.entity_id 
_pdbx_poly_seq_scheme.seq_id 
_pdbx_poly_seq_scheme.mon_id 
_pdbx_poly_seq_scheme.ndb_seq_num 
_pdbx_poly_seq_scheme.pdb_seq_num 
_pdbx_poly_seq_scheme.auth_seq_num 
_pdbx_poly_seq_scheme.pdb_mon_id 
_pdbx_poly_seq_scheme.auth_mon_id 
_pdbx_poly_seq_scheme.pdb_strand_id 
_pdbx_poly_seq_scheme.pdb_ins_code 
_pdbx_poly_seq_scheme.hetero 
A 1 1  SER 1  1  ?  ?   ?   A . n 
A 1 2  GLU 2  2  2  GLU GLU A . n 
A 1 3  ASP 3  3  3  ASP ASP A . n 
A 1 4  ARG 4  4  4  ARG ARG A . n 
A 1 5  ASP 5  5  5  ASP ASP A . n 
A 1 6  THR 6  6  6  THR THR A . n 
A 1 7  ALA 7  7  7  ALA ALA A . n 
A 1 8  ARG 8  8  8  ARG ARG A . n 
A 1 9  VAL 9  9  9  VAL VAL A . n 
A 1 10 LEU 10 10 10 LEU LEU A . n 
A 1 11 LEU 11 11 11 LEU LEU A . n 
A 1 12 ILE 12 12 12 ILE ILE A . n 
A 1 13 MET 13 13 13 MET MET A . n 
A 1 14 VAL 14 14 14 VAL VAL A . n 
A 1 15 ARG 15 15 15 ARG ARG A . n 
A 1 16 SER 16 16 16 SER SER A . n 
A 1 17 LEU 17 17 17 LEU LEU A . n 
A 1 18 LEU 18 18 18 LEU LEU A . n 
A 1 19 LYS 19 19 19 LYS LYS A . n 
A 1 20 ILE 20 20 20 ILE ILE A . n 
A 1 21 GLY 21 21 21 GLY GLY A . n 
A 1 22 ASN 22 22 22 ASN ASN A . n 
A 1 23 PRO 23 23 23 PRO PRO A . n 
A 1 24 GLU 24 24 24 GLU GLU A . n 
A 1 25 ASP 25 25 25 ASP ASP A . n 
A 1 26 ALA 26 26 26 ALA ALA A . n 
A 1 27 GLU 27 27 27 GLU GLU A . n 
A 1 28 GLU 28 28 28 GLU GLU A . n 
A 1 29 VAL 29 29 29 VAL VAL A . n 
A 1 30 VAL 30 30 30 VAL VAL A . n 
A 1 31 LYS 31 31 31 LYS LYS A . n 
A 1 32 MET 32 32 32 MET MET A . n 
A 1 33 ILE 33 33 33 ILE ILE A . n 
A 1 34 GLU 34 34 34 GLU GLU A . n 
A 1 35 GLU 35 35 35 GLU GLU A . n 
A 1 36 LEU 36 36 36 LEU LEU A . n 
A 1 37 ALA 37 37 37 ALA ALA A . n 
A 1 38 ARG 38 38 38 ARG ARG A . n 
A 1 39 ARG 39 39 39 ARG ARG A . n 
A 1 40 THR 40 40 40 THR THR A . n 
A 1 41 ASN 41 41 41 ASN ASN A . n 
A 1 42 ASP 42 42 42 ASP ASP A . n 
A 1 43 PRO 43 43 43 PRO PRO A . n 
A 1 44 GLU 44 44 44 GLU GLU A . n 
A 1 45 ILE 45 45 45 ILE ILE A . n 
A 1 46 ARG 46 46 46 ARG ARG A . n 
A 1 47 ARG 47 47 47 ARG ARG A . n 
A 1 48 LEU 48 48 48 LEU LEU A . n 
A 1 49 LEU 49 49 49 LEU LEU A . n 
A 1 50 GLU 50 50 50 GLU GLU A . n 
A 1 51 GLU 51 51 51 GLU GLU A . n 
A 1 52 ALA 52 52 52 ALA ALA A . n 
A 1 53 ARG 53 53 53 ARG ARG A . n 
A 1 54 LYS 54 54 54 LYS LYS A . n 
A 1 55 LEU 55 55 55 LEU LEU A . n 
A 1 56 VAL 56 56 56 VAL VAL A . n 
A 1 57 LYS 57 57 ?  ?   ?   A . n 
B 1 1  SER 1  1  ?  ?   ?   B . n 
B 1 2  GLU 2  2  2  GLU GLU B . n 
B 1 3  ASP 3  3  3  ASP ASP B . n 
B 1 4  ARG 4  4  4  ARG ARG B . n 
B 1 5  ASP 5  5  5  ASP ASP B . n 
B 1 6  THR 6  6  6  THR THR B . n 
B 1 7  ALA 7  7  7  ALA ALA B . n 
B 1 8  ARG 8  8  8  ARG ARG B . n 
B 1 9  VAL 9  9  9  VAL VAL B . n 
B 1 10 LEU 10 10 10 LEU LEU B . n 
B 1 11 LEU 11 11 11 LEU LEU B . n 
B 1 12 ILE 12 12 12 ILE ILE B . n 
B 1 13 MET 13 13 13 MET MET B . n 
B 1 14 VAL 14 14 14 VAL VAL B . n 
B 1 15 ARG 15 15 15 ARG ARG B . n 
B 1 16 SER 16 16 16 SER SER B . n 
B 1 17 LEU 17 17 17 LEU LEU B . n 
B 1 18 LEU 18 18 18 LEU LEU B . n 
B 1 19 LYS 19 19 19 LYS LYS B . n 
B 1 20 ILE 20 20 20 ILE ILE B . n 
B 1 21 GLY 21 21 21 GLY GLY B . n 
B 1 22 ASN 22 22 22 ASN ASN B . n 
B 1 23 PRO 23 23 23 PRO PRO B . n 
B 1 24 GLU 24 24 24 GLU GLU B . n 
B 1 25 ASP 25 25 25 ASP ASP B . n 
B 1 26 ALA 26 26 26 ALA ALA B . n 
B 1 27 GLU 27 27 27 GLU GLU B . n 
B 1 28 GLU 28 28 28 GLU GLU B . n 
B 1 29 VAL 29 29 29 VAL VAL B . n 
B 1 30 VAL 30 30 30 VAL VAL B . n 
B 1 31 LYS 31 31 31 LYS LYS B . n 
B 1 32 MET 32 32 32 MET MET B . n 
B 1 33 ILE 33 33 33 ILE ILE B . n 
B 1 34 GLU 34 34 34 GLU GLU B . n 
B 1 35 GLU 35 35 35 GLU GLU B . n 
B 1 36 LEU 36 36 36 LEU LEU B . n 
B 1 37 ALA 37 37 37 ALA ALA B . n 
B 1 38 ARG 38 38 38 ARG ARG B . n 
B 1 39 ARG 39 39 39 ARG ARG B . n 
B 1 40 THR 40 40 40 THR THR B . n 
B 1 41 ASN 41 41 41 ASN ASN B . n 
B 1 42 ASP 42 42 42 ASP ASP B . n 
B 1 43 PRO 43 43 43 PRO PRO B . n 
B 1 44 GLU 44 44 44 GLU GLU B . n 
B 1 45 ILE 45 45 45 ILE ILE B . n 
B 1 46 ARG 46 46 46 ARG ARG B . n 
B 1 47 ARG 47 47 47 ARG ARG B . n 
B 1 48 LEU 48 48 48 LEU LEU B . n 
B 1 49 LEU 49 49 49 LEU LEU B . n 
B 1 50 GLU 50 50 50 GLU GLU B . n 
B 1 51 GLU 51 51 51 GLU GLU B . n 
B 1 52 ALA 52 52 52 ALA ALA B . n 
B 1 53 ARG 53 53 53 ARG ARG B . n 
B 1 54 LYS 54 54 54 LYS LYS B . n 
B 1 55 LEU 55 55 55 LEU LEU B . n 
B 1 56 VAL 56 56 56 VAL VAL B . n 
B 1 57 LYS 57 57 ?  ?   ?   B . n 
C 1 1  SER 1  1  ?  ?   ?   C . n 
C 1 2  GLU 2  2  2  GLU GLU C . n 
C 1 3  ASP 3  3  3  ASP ASP C . n 
C 1 4  ARG 4  4  4  ARG ARG C . n 
C 1 5  ASP 5  5  5  ASP ASP C . n 
C 1 6  THR 6  6  6  THR THR C . n 
C 1 7  ALA 7  7  7  ALA ALA C . n 
C 1 8  ARG 8  8  8  ARG ARG C . n 
C 1 9  VAL 9  9  9  VAL VAL C . n 
C 1 10 LEU 10 10 10 LEU LEU C . n 
C 1 11 LEU 11 11 11 LEU LEU C . n 
C 1 12 ILE 12 12 12 ILE ILE C . n 
C 1 13 MET 13 13 13 MET MET C . n 
C 1 14 VAL 14 14 14 VAL VAL C . n 
C 1 15 ARG 15 15 15 ARG ARG C . n 
C 1 16 SER 16 16 16 SER SER C . n 
C 1 17 LEU 17 17 17 LEU LEU C . n 
C 1 18 LEU 18 18 18 LEU LEU C . n 
C 1 19 LYS 19 19 19 LYS LYS C . n 
C 1 20 ILE 20 20 20 ILE ILE C . n 
C 1 21 GLY 21 21 21 GLY GLY C . n 
C 1 22 ASN 22 22 22 ASN ASN C . n 
C 1 23 PRO 23 23 23 PRO PRO C . n 
C 1 24 GLU 24 24 24 GLU GLU C . n 
C 1 25 ASP 25 25 25 ASP ASP C . n 
C 1 26 ALA 26 26 26 ALA ALA C . n 
C 1 27 GLU 27 27 27 GLU GLU C . n 
C 1 28 GLU 28 28 28 GLU GLU C . n 
C 1 29 VAL 29 29 29 VAL VAL C . n 
C 1 30 VAL 30 30 30 VAL VAL C . n 
C 1 31 LYS 31 31 31 LYS LYS C . n 
C 1 32 MET 32 32 32 MET MET C . n 
C 1 33 ILE 33 33 33 ILE ILE C . n 
C 1 34 GLU 34 34 34 GLU GLU C . n 
C 1 35 GLU 35 35 35 GLU GLU C . n 
C 1 36 LEU 36 36 36 LEU LEU C . n 
C 1 37 ALA 37 37 37 ALA ALA C . n 
C 1 38 ARG 38 38 38 ARG ARG C . n 
C 1 39 ARG 39 39 39 ARG ARG C . n 
C 1 40 THR 40 40 40 THR THR C . n 
C 1 41 ASN 41 41 41 ASN ASN C . n 
C 1 42 ASP 42 42 42 ASP ASP C . n 
C 1 43 PRO 43 43 43 PRO PRO C . n 
C 1 44 GLU 44 44 44 GLU GLU C . n 
C 1 45 ILE 45 45 45 ILE ILE C . n 
C 1 46 ARG 46 46 46 ARG ARG C . n 
C 1 47 ARG 47 47 47 ARG ARG C . n 
C 1 48 LEU 48 48 48 LEU LEU C . n 
C 1 49 LEU 49 49 49 LEU LEU C . n 
C 1 50 GLU 50 50 50 GLU GLU C . n 
C 1 51 GLU 51 51 51 GLU GLU C . n 
C 1 52 ALA 52 52 52 ALA ALA C . n 
C 1 53 ARG 53 53 53 ARG ARG C . n 
C 1 54 LYS 54 54 54 LYS LYS C . n 
C 1 55 LEU 55 55 55 LEU LEU C . n 
C 1 56 VAL 56 56 56 VAL VAL C . n 
C 1 57 LYS 57 57 ?  ?   ?   C . n 
# 
_pdbx_entity_instance_feature.ordinal        1 
_pdbx_entity_instance_feature.comp_id        308 
_pdbx_entity_instance_feature.asym_id        ? 
_pdbx_entity_instance_feature.seq_num        ? 
_pdbx_entity_instance_feature.auth_comp_id   308 
_pdbx_entity_instance_feature.auth_asym_id   ? 
_pdbx_entity_instance_feature.auth_seq_num   ? 
_pdbx_entity_instance_feature.feature_type   'SUBJECT OF INVESTIGATION' 
_pdbx_entity_instance_feature.details        ? 
# 
loop_
_pdbx_nonpoly_scheme.asym_id 
_pdbx_nonpoly_scheme.entity_id 
_pdbx_nonpoly_scheme.mon_id 
_pdbx_nonpoly_scheme.ndb_seq_num 
_pdbx_nonpoly_scheme.pdb_seq_num 
_pdbx_nonpoly_scheme.auth_seq_num 
_pdbx_nonpoly_scheme.pdb_mon_id 
_pdbx_nonpoly_scheme.auth_mon_id 
_pdbx_nonpoly_scheme.pdb_strand_id 
_pdbx_nonpoly_scheme.pdb_ins_code 
D 2 308 1  101 101 308 308 C . 
E 3 HOH 1  101 104 HOH HOH A . 
E 3 HOH 2  102 120 HOH HOH A . 
E 3 HOH 3  103 22  HOH HOH A . 
E 3 HOH 4  104 73  HOH HOH A . 
E 3 HOH 5  105 3   HOH HOH A . 
E 3 HOH 6  106 117 HOH HOH A . 
E 3 HOH 7  107 1   HOH HOH A . 
E 3 HOH 8  108 17  HOH HOH A . 
E 3 HOH 9  109 59  HOH HOH A . 
E 3 HOH 10 110 10  HOH HOH A . 
E 3 HOH 11 111 34  HOH HOH A . 
E 3 HOH 12 112 74  HOH HOH A . 
E 3 HOH 13 113 40  HOH HOH A . 
E 3 HOH 14 114 70  HOH HOH A . 
E 3 HOH 15 115 49  HOH HOH A . 
E 3 HOH 16 116 33  HOH HOH A . 
E 3 HOH 17 117 123 HOH HOH A . 
E 3 HOH 18 118 61  HOH HOH A . 
E 3 HOH 19 119 32  HOH HOH A . 
E 3 HOH 20 120 58  HOH HOH A . 
E 3 HOH 21 121 127 HOH HOH A . 
E 3 HOH 22 122 20  HOH HOH A . 
E 3 HOH 23 123 65  HOH HOH A . 
E 3 HOH 24 124 42  HOH HOH A . 
E 3 HOH 25 125 68  HOH HOH A . 
E 3 HOH 26 126 71  HOH HOH A . 
E 3 HOH 27 127 4   HOH HOH A . 
E 3 HOH 28 128 81  HOH HOH A . 
E 3 HOH 29 129 125 HOH HOH A . 
E 3 HOH 30 130 25  HOH HOH A . 
E 3 HOH 31 131 56  HOH HOH A . 
E 3 HOH 32 132 23  HOH HOH A . 
E 3 HOH 33 133 79  HOH HOH A . 
E 3 HOH 34 134 124 HOH HOH A . 
E 3 HOH 35 135 112 HOH HOH A . 
E 3 HOH 36 136 105 HOH HOH A . 
E 3 HOH 37 137 91  HOH HOH A . 
E 3 HOH 38 138 121 HOH HOH A . 
E 3 HOH 39 139 107 HOH HOH A . 
E 3 HOH 40 140 109 HOH HOH A . 
F 3 HOH 1  101 75  HOH HOH B . 
F 3 HOH 2  102 31  HOH HOH B . 
F 3 HOH 3  103 72  HOH HOH B . 
F 3 HOH 4  104 122 HOH HOH B . 
F 3 HOH 5  105 9   HOH HOH B . 
F 3 HOH 6  106 11  HOH HOH B . 
F 3 HOH 7  107 55  HOH HOH B . 
F 3 HOH 8  108 44  HOH HOH B . 
F 3 HOH 9  109 7   HOH HOH B . 
F 3 HOH 10 110 77  HOH HOH B . 
F 3 HOH 11 111 12  HOH HOH B . 
F 3 HOH 12 112 69  HOH HOH B . 
F 3 HOH 13 113 47  HOH HOH B . 
F 3 HOH 14 114 78  HOH HOH B . 
F 3 HOH 15 115 82  HOH HOH B . 
F 3 HOH 16 116 80  HOH HOH B . 
F 3 HOH 17 117 48  HOH HOH B . 
F 3 HOH 18 118 18  HOH HOH B . 
F 3 HOH 19 119 67  HOH HOH B . 
F 3 HOH 20 120 86  HOH HOH B . 
F 3 HOH 21 121 37  HOH HOH B . 
F 3 HOH 22 122 51  HOH HOH B . 
F 3 HOH 23 123 38  HOH HOH B . 
F 3 HOH 24 124 95  HOH HOH B . 
F 3 HOH 25 125 6   HOH HOH B . 
F 3 HOH 26 126 94  HOH HOH B . 
F 3 HOH 27 127 62  HOH HOH B . 
F 3 HOH 28 128 118 HOH HOH B . 
F 3 HOH 29 129 27  HOH HOH B . 
F 3 HOH 30 130 103 HOH HOH B . 
F 3 HOH 31 131 119 HOH HOH B . 
F 3 HOH 32 132 21  HOH HOH B . 
F 3 HOH 33 133 41  HOH HOH B . 
F 3 HOH 34 134 35  HOH HOH B . 
F 3 HOH 35 135 50  HOH HOH B . 
F 3 HOH 36 136 102 HOH HOH B . 
F 3 HOH 37 137 108 HOH HOH B . 
G 3 HOH 1  201 39  HOH HOH C . 
G 3 HOH 2  202 99  HOH HOH C . 
G 3 HOH 3  203 36  HOH HOH C . 
G 3 HOH 4  204 8   HOH HOH C . 
G 3 HOH 5  205 101 HOH HOH C . 
G 3 HOH 6  206 76  HOH HOH C . 
G 3 HOH 7  207 5   HOH HOH C . 
G 3 HOH 8  208 88  HOH HOH C . 
G 3 HOH 9  209 43  HOH HOH C . 
G 3 HOH 10 210 2   HOH HOH C . 
G 3 HOH 11 211 13  HOH HOH C . 
G 3 HOH 12 212 14  HOH HOH C . 
G 3 HOH 13 213 63  HOH HOH C . 
G 3 HOH 14 214 126 HOH HOH C . 
G 3 HOH 15 215 52  HOH HOH C . 
G 3 HOH 16 216 97  HOH HOH C . 
G 3 HOH 17 217 90  HOH HOH C . 
G 3 HOH 18 218 16  HOH HOH C . 
G 3 HOH 19 219 30  HOH HOH C . 
G 3 HOH 20 220 46  HOH HOH C . 
G 3 HOH 21 221 96  HOH HOH C . 
G 3 HOH 22 222 129 HOH HOH C . 
G 3 HOH 23 223 19  HOH HOH C . 
G 3 HOH 24 224 115 HOH HOH C . 
G 3 HOH 25 225 28  HOH HOH C . 
G 3 HOH 26 226 93  HOH HOH C . 
G 3 HOH 27 227 64  HOH HOH C . 
G 3 HOH 28 228 57  HOH HOH C . 
G 3 HOH 29 229 15  HOH HOH C . 
G 3 HOH 30 230 60  HOH HOH C . 
G 3 HOH 31 231 106 HOH HOH C . 
G 3 HOH 32 232 111 HOH HOH C . 
G 3 HOH 33 233 85  HOH HOH C . 
G 3 HOH 34 234 92  HOH HOH C . 
G 3 HOH 35 235 113 HOH HOH C . 
G 3 HOH 36 236 116 HOH HOH C . 
G 3 HOH 37 237 128 HOH HOH C . 
# 
loop_
_software.citation_id 
_software.classification 
_software.compiler_name 
_software.compiler_version 
_software.contact_author 
_software.contact_author_email 
_software.date 
_software.description 
_software.dependencies 
_software.hardware 
_software.language 
_software.location 
_software.mods 
_software.name 
_software.os 
_software.os_version 
_software.type 
_software.version 
_software.pdbx_reference_DOI 
_software.pdbx_ordinal 
? refinement       ? ? ? ? ? ? ? ? ? ? ? PHENIX      ? ? ? '(1.20.1_4487: ???)' ? 1 
? 'data reduction' ? ? ? ? ? ? ? ? ? ? ? CrysalisPro ? ? ? .                    ? 2 
? 'data scaling'   ? ? ? ? ? ? ? ? ? ? ? CrysalisPro ? ? ? .                    ? 3 
? phasing          ? ? ? ? ? ? ? ? ? ? ? PHENIX      ? ? ? .                    ? 4 
# 
_cell.angle_alpha                  90.00 
_cell.angle_alpha_esd              ? 
_cell.angle_beta                   90.00 
_cell.angle_beta_esd               ? 
_cell.angle_gamma                  120.00 
_cell.angle_gamma_esd              ? 
_cell.entry_id                     9LYS 
_cell.details                      ? 
_cell.formula_units_Z              ? 
_cell.length_a                     81.144 
_cell.length_a_esd                 ? 
_cell.length_b                     81.144 
_cell.length_b_esd                 ? 
_cell.length_c                     56.431 
_cell.length_c_esd                 ? 
_cell.volume                       ? 
_cell.volume_esd                   ? 
_cell.Z_PDB                        18 
_cell.reciprocal_angle_alpha       ? 
_cell.reciprocal_angle_beta        ? 
_cell.reciprocal_angle_gamma       ? 
_cell.reciprocal_angle_alpha_esd   ? 
_cell.reciprocal_angle_beta_esd    ? 
_cell.reciprocal_angle_gamma_esd   ? 
_cell.reciprocal_length_a          ? 
_cell.reciprocal_length_b          ? 
_cell.reciprocal_length_c          ? 
_cell.reciprocal_length_a_esd      ? 
_cell.reciprocal_length_b_esd      ? 
_cell.reciprocal_length_c_esd      ? 
_cell.pdbx_unique_axis             ? 
_cell.pdbx_esd_method              ? 
# 
_symmetry.entry_id                         9LYS 
_symmetry.cell_setting                     ? 
_symmetry.Int_Tables_number                173 
_symmetry.space_group_name_Hall            ? 
_symmetry.space_group_name_H-M             'P 63' 
_symmetry.pdbx_full_space_group_name_H-M   ? 
# 
_exptl.absorpt_coefficient_mu     ? 
_exptl.absorpt_correction_T_max   ? 
_exptl.absorpt_correction_T_min   ? 
_exptl.absorpt_correction_type    ? 
_exptl.absorpt_process_details    ? 
_exptl.entry_id                   9LYS 
_exptl.crystals_number            1 
_exptl.details                    ? 
_exptl.method                     'X-RAY DIFFRACTION' 
_exptl.method_details             ? 
# 
_exptl_crystal.colour                       ? 
_exptl_crystal.density_diffrn               ? 
_exptl_crystal.density_Matthews             2.68 
_exptl_crystal.density_method               ? 
_exptl_crystal.density_percent_sol          54.10 
_exptl_crystal.description                  ? 
_exptl_crystal.F_000                        ? 
_exptl_crystal.id                           1 
_exptl_crystal.preparation                  ? 
_exptl_crystal.size_max                     ? 
_exptl_crystal.size_mid                     ? 
_exptl_crystal.size_min                     ? 
_exptl_crystal.size_rad                     ? 
_exptl_crystal.colour_lustre                ? 
_exptl_crystal.colour_modifier              ? 
_exptl_crystal.colour_primary               ? 
_exptl_crystal.density_meas                 ? 
_exptl_crystal.density_meas_esd             ? 
_exptl_crystal.density_meas_gt              ? 
_exptl_crystal.density_meas_lt              ? 
_exptl_crystal.density_meas_temp            ? 
_exptl_crystal.density_meas_temp_esd        ? 
_exptl_crystal.density_meas_temp_gt         ? 
_exptl_crystal.density_meas_temp_lt         ? 
_exptl_crystal.pdbx_crystal_image_url       ? 
_exptl_crystal.pdbx_crystal_image_format    ? 
_exptl_crystal.pdbx_mosaicity               ? 
_exptl_crystal.pdbx_mosaicity_esd           ? 
_exptl_crystal.pdbx_mosaic_method           ? 
_exptl_crystal.pdbx_mosaic_block_size       ? 
_exptl_crystal.pdbx_mosaic_block_size_esd   ? 
# 
_exptl_crystal_grow.apparatus       ? 
_exptl_crystal_grow.atmosphere      ? 
_exptl_crystal_grow.crystal_id      1 
_exptl_crystal_grow.details         ? 
_exptl_crystal_grow.method          'VAPOR DIFFUSION, SITTING DROP' 
_exptl_crystal_grow.method_ref      ? 
_exptl_crystal_grow.pH              3.5 
_exptl_crystal_grow.pressure        ? 
_exptl_crystal_grow.pressure_esd    ? 
_exptl_crystal_grow.seeding         ? 
_exptl_crystal_grow.seeding_ref     ? 
_exptl_crystal_grow.temp_details    ? 
_exptl_crystal_grow.temp_esd        ? 
_exptl_crystal_grow.time            ? 
_exptl_crystal_grow.pdbx_details    '0.1 M Citric acid pH 3.5, 25% w/v Polyethylene glycol 3,350' 
_exptl_crystal_grow.pdbx_pH_range   ? 
_exptl_crystal_grow.temp            293.15 
# 
_diffrn.ambient_environment              ? 
_diffrn.ambient_temp                     181 
_diffrn.ambient_temp_details             ? 
_diffrn.ambient_temp_esd                 ? 
_diffrn.crystal_id                       1 
_diffrn.crystal_support                  ? 
_diffrn.crystal_treatment                ? 
_diffrn.details                          ? 
_diffrn.id                               1 
_diffrn.ambient_pressure                 ? 
_diffrn.ambient_pressure_esd             ? 
_diffrn.ambient_pressure_gt              ? 
_diffrn.ambient_pressure_lt              ? 
_diffrn.ambient_temp_gt                  ? 
_diffrn.ambient_temp_lt                  ? 
_diffrn.pdbx_serial_crystal_experiment   N 
# 
_diffrn_detector.details                      ? 
_diffrn_detector.detector                     PIXEL 
_diffrn_detector.diffrn_id                    1 
_diffrn_detector.type                         'RIGAKU HyPix-6000HE' 
_diffrn_detector.area_resol_mean              ? 
_diffrn_detector.dtime                        ? 
_diffrn_detector.pdbx_frames_total            ? 
_diffrn_detector.pdbx_collection_time_total   ? 
_diffrn_detector.pdbx_collection_date         2022-11-03 
_diffrn_detector.pdbx_frequency               ? 
_diffrn_detector.id                           ? 
_diffrn_detector.number_of_axes               ? 
# 
_diffrn_radiation.collimation                      ? 
_diffrn_radiation.diffrn_id                        1 
_diffrn_radiation.filter_edge                      ? 
_diffrn_radiation.inhomogeneity                    ? 
_diffrn_radiation.monochromator                    ? 
_diffrn_radiation.polarisn_norm                    ? 
_diffrn_radiation.polarisn_ratio                   ? 
_diffrn_radiation.probe                            ? 
_diffrn_radiation.type                             ? 
_diffrn_radiation.xray_symbol                      ? 
_diffrn_radiation.wavelength_id                    1 
_diffrn_radiation.pdbx_monochromatic_or_laue_m_l   M 
_diffrn_radiation.pdbx_wavelength_list             ? 
_diffrn_radiation.pdbx_wavelength                  ? 
_diffrn_radiation.pdbx_diffrn_protocol             'SINGLE WAVELENGTH' 
_diffrn_radiation.pdbx_analyzer                    ? 
_diffrn_radiation.pdbx_scattering_type             x-ray 
# 
_diffrn_radiation_wavelength.id           1 
_diffrn_radiation_wavelength.wavelength   1.54184 
_diffrn_radiation_wavelength.wt           1.0 
# 
_diffrn_source.current                     ? 
_diffrn_source.details                     ? 
_diffrn_source.diffrn_id                   1 
_diffrn_source.power                       ? 
_diffrn_source.size                        ? 
_diffrn_source.source                      'ROTATING ANODE' 
_diffrn_source.target                      ? 
_diffrn_source.type                        'Cu FINE FOCUS' 
_diffrn_source.voltage                     ? 
_diffrn_source.take-off_angle              ? 
_diffrn_source.pdbx_wavelength_list        1.54184 
_diffrn_source.pdbx_wavelength             ? 
_diffrn_source.pdbx_synchrotron_beamline   ? 
_diffrn_source.pdbx_synchrotron_site       ? 
# 
_reflns.B_iso_Wilson_estimate                          ? 
_reflns.entry_id                                       9LYS 
_reflns.data_reduction_details                         ? 
_reflns.data_reduction_method                          ? 
_reflns.d_resolution_high                              2.0 
_reflns.d_resolution_low                               29.83 
_reflns.details                                        ? 
_reflns.limit_h_max                                    ? 
_reflns.limit_h_min                                    ? 
_reflns.limit_k_max                                    ? 
_reflns.limit_k_min                                    ? 
_reflns.limit_l_max                                    ? 
_reflns.limit_l_min                                    ? 
_reflns.number_all                                     ? 
_reflns.number_obs                                     14737 
_reflns.observed_criterion                             ? 
_reflns.observed_criterion_F_max                       ? 
_reflns.observed_criterion_F_min                       ? 
_reflns.observed_criterion_I_max                       ? 
_reflns.observed_criterion_I_min                       ? 
_reflns.observed_criterion_sigma_F                     ? 
_reflns.observed_criterion_sigma_I                     ? 
_reflns.percent_possible_obs                           99.89 
_reflns.R_free_details                                 ? 
_reflns.Rmerge_F_all                                   ? 
_reflns.Rmerge_F_obs                                   ? 
_reflns.Friedel_coverage                               ? 
_reflns.number_gt                                      ? 
_reflns.threshold_expression                           ? 
_reflns.pdbx_redundancy                                3.7 
_reflns.pdbx_netI_over_av_sigmaI                       ? 
_reflns.pdbx_netI_over_sigmaI                          8.52 
_reflns.pdbx_res_netI_over_av_sigmaI_2                 ? 
_reflns.pdbx_res_netI_over_sigmaI_2                    ? 
_reflns.pdbx_chi_squared                               ? 
_reflns.pdbx_scaling_rejects                           ? 
_reflns.pdbx_d_res_high_opt                            ? 
_reflns.pdbx_d_res_low_opt                             ? 
_reflns.pdbx_d_res_opt_method                          ? 
_reflns.phase_calculation_details                      ? 
_reflns.pdbx_Rrim_I_all                                ? 
_reflns.pdbx_Rpim_I_all                                ? 
_reflns.pdbx_d_opt                                     ? 
_reflns.pdbx_number_measured_all                       ? 
_reflns.pdbx_diffrn_id                                 1 
_reflns.pdbx_ordinal                                   1 
_reflns.pdbx_CC_half                                   1 
_reflns.pdbx_CC_star                                   ? 
_reflns.pdbx_R_split                                   ? 
_reflns.pdbx_Rmerge_I_obs                              ? 
_reflns.pdbx_Rmerge_I_all                              ? 
_reflns.pdbx_Rsym_value                                ? 
_reflns.pdbx_CC_split_method                           ? 
_reflns.pdbx_aniso_diffraction_limit_axis_1_ortho[1]   ? 
_reflns.pdbx_aniso_diffraction_limit_axis_1_ortho[2]   ? 
_reflns.pdbx_aniso_diffraction_limit_axis_1_ortho[3]   ? 
_reflns.pdbx_aniso_diffraction_limit_axis_2_ortho[1]   ? 
_reflns.pdbx_aniso_diffraction_limit_axis_2_ortho[2]   ? 
_reflns.pdbx_aniso_diffraction_limit_axis_2_ortho[3]   ? 
_reflns.pdbx_aniso_diffraction_limit_axis_3_ortho[1]   ? 
_reflns.pdbx_aniso_diffraction_limit_axis_3_ortho[2]   ? 
_reflns.pdbx_aniso_diffraction_limit_axis_3_ortho[3]   ? 
_reflns.pdbx_aniso_diffraction_limit_1                 ? 
_reflns.pdbx_aniso_diffraction_limit_2                 ? 
_reflns.pdbx_aniso_diffraction_limit_3                 ? 
_reflns.pdbx_aniso_B_tensor_eigenvector_1_ortho[1]     ? 
_reflns.pdbx_aniso_B_tensor_eigenvector_1_ortho[2]     ? 
_reflns.pdbx_aniso_B_tensor_eigenvector_1_ortho[3]     ? 
_reflns.pdbx_aniso_B_tensor_eigenvector_2_ortho[1]     ? 
_reflns.pdbx_aniso_B_tensor_eigenvector_2_ortho[2]     ? 
_reflns.pdbx_aniso_B_tensor_eigenvector_2_ortho[3]     ? 
_reflns.pdbx_aniso_B_tensor_eigenvector_3_ortho[1]     ? 
_reflns.pdbx_aniso_B_tensor_eigenvector_3_ortho[2]     ? 
_reflns.pdbx_aniso_B_tensor_eigenvector_3_ortho[3]     ? 
_reflns.pdbx_aniso_B_tensor_eigenvalue_1               ? 
_reflns.pdbx_aniso_B_tensor_eigenvalue_2               ? 
_reflns.pdbx_aniso_B_tensor_eigenvalue_3               ? 
_reflns.pdbx_orthogonalization_convention              ? 
_reflns.pdbx_percent_possible_ellipsoidal              ? 
_reflns.pdbx_percent_possible_spherical                ? 
_reflns.pdbx_percent_possible_ellipsoidal_anomalous    ? 
_reflns.pdbx_percent_possible_spherical_anomalous      ? 
_reflns.pdbx_redundancy_anomalous                      ? 
_reflns.pdbx_CC_half_anomalous                         ? 
_reflns.pdbx_absDiff_over_sigma_anomalous              ? 
_reflns.pdbx_percent_possible_anomalous                ? 
_reflns.pdbx_observed_signal_threshold                 ? 
_reflns.pdbx_signal_type                               ? 
_reflns.pdbx_signal_details                            ? 
_reflns.pdbx_signal_software_id                        ? 
# 
_reflns_shell.d_res_high                                    2.0 
_reflns_shell.d_res_low                                     2.05 
_reflns_shell.meanI_over_sigI_all                           ? 
_reflns_shell.meanI_over_sigI_obs                           ? 
_reflns_shell.number_measured_all                           ? 
_reflns_shell.number_measured_obs                           ? 
_reflns_shell.number_possible                               ? 
_reflns_shell.number_unique_all                             ? 
_reflns_shell.number_unique_obs                             1443 
_reflns_shell.percent_possible_obs                          ? 
_reflns_shell.Rmerge_F_all                                  ? 
_reflns_shell.Rmerge_F_obs                                  ? 
_reflns_shell.meanI_over_sigI_gt                            ? 
_reflns_shell.meanI_over_uI_all                             ? 
_reflns_shell.meanI_over_uI_gt                              ? 
_reflns_shell.number_measured_gt                            ? 
_reflns_shell.number_unique_gt                              ? 
_reflns_shell.percent_possible_gt                           ? 
_reflns_shell.Rmerge_F_gt                                   ? 
_reflns_shell.Rmerge_I_gt                                   ? 
_reflns_shell.pdbx_redundancy                               ? 
_reflns_shell.pdbx_chi_squared                              ? 
_reflns_shell.pdbx_netI_over_sigmaI_all                     ? 
_reflns_shell.pdbx_netI_over_sigmaI_obs                     ? 
_reflns_shell.pdbx_Rrim_I_all                               ? 
_reflns_shell.pdbx_Rpim_I_all                               ? 
_reflns_shell.pdbx_rejects                                  ? 
_reflns_shell.pdbx_ordinal                                  1 
_reflns_shell.pdbx_diffrn_id                                1 
_reflns_shell.pdbx_CC_half                                  0.978 
_reflns_shell.pdbx_CC_star                                  ? 
_reflns_shell.pdbx_R_split                                  ? 
_reflns_shell.percent_possible_all                          ? 
_reflns_shell.Rmerge_I_all                                  ? 
_reflns_shell.Rmerge_I_obs                                  ? 
_reflns_shell.pdbx_Rsym_value                               ? 
_reflns_shell.pdbx_percent_possible_ellipsoidal             ? 
_reflns_shell.pdbx_percent_possible_spherical               ? 
_reflns_shell.pdbx_percent_possible_ellipsoidal_anomalous   ? 
_reflns_shell.pdbx_percent_possible_spherical_anomalous     ? 
_reflns_shell.pdbx_redundancy_anomalous                     ? 
_reflns_shell.pdbx_CC_half_anomalous                        ? 
_reflns_shell.pdbx_absDiff_over_sigma_anomalous             ? 
_reflns_shell.pdbx_percent_possible_anomalous               ? 
# 
_refine.aniso_B[1][1]                            ? 
_refine.aniso_B[1][2]                            ? 
_refine.aniso_B[1][3]                            ? 
_refine.aniso_B[2][2]                            ? 
_refine.aniso_B[2][3]                            ? 
_refine.aniso_B[3][3]                            ? 
_refine.B_iso_max                                ? 
_refine.B_iso_mean                               ? 
_refine.B_iso_min                                ? 
_refine.correlation_coeff_Fo_to_Fc               ? 
_refine.correlation_coeff_Fo_to_Fc_free          ? 
_refine.details                                  ? 
_refine.diff_density_max                         ? 
_refine.diff_density_max_esd                     ? 
_refine.diff_density_min                         ? 
_refine.diff_density_min_esd                     ? 
_refine.diff_density_rms                         ? 
_refine.diff_density_rms_esd                     ? 
_refine.entry_id                                 9LYS 
_refine.pdbx_refine_id                           'X-RAY DIFFRACTION' 
_refine.ls_abs_structure_details                 ? 
_refine.ls_abs_structure_Flack                   ? 
_refine.ls_abs_structure_Flack_esd               ? 
_refine.ls_abs_structure_Rogers                  ? 
_refine.ls_abs_structure_Rogers_esd              ? 
_refine.ls_d_res_high                            2.00 
_refine.ls_d_res_low                             29.83 
_refine.ls_extinction_coef                       ? 
_refine.ls_extinction_coef_esd                   ? 
_refine.ls_extinction_expression                 ? 
_refine.ls_extinction_method                     ? 
_refine.ls_goodness_of_fit_all                   ? 
_refine.ls_goodness_of_fit_all_esd               ? 
_refine.ls_goodness_of_fit_obs                   ? 
_refine.ls_goodness_of_fit_obs_esd               ? 
_refine.ls_hydrogen_treatment                    ? 
_refine.ls_matrix_type                           ? 
_refine.ls_number_constraints                    ? 
_refine.ls_number_parameters                     ? 
_refine.ls_number_reflns_all                     ? 
_refine.ls_number_reflns_obs                     13753 
_refine.ls_number_reflns_R_free                  1363 
_refine.ls_number_reflns_R_work                  ? 
_refine.ls_number_restraints                     ? 
_refine.ls_percent_reflns_obs                    95.42 
_refine.ls_percent_reflns_R_free                 9.91 
_refine.ls_R_factor_all                          ? 
_refine.ls_R_factor_obs                          0.2044 
_refine.ls_R_factor_R_free                       0.2511 
_refine.ls_R_factor_R_free_error                 ? 
_refine.ls_R_factor_R_free_error_details         ? 
_refine.ls_R_factor_R_work                       0.1992 
_refine.ls_R_Fsqd_factor_obs                     ? 
_refine.ls_R_I_factor_obs                        ? 
_refine.ls_redundancy_reflns_all                 ? 
_refine.ls_redundancy_reflns_obs                 ? 
_refine.ls_restrained_S_all                      ? 
_refine.ls_restrained_S_obs                      ? 
_refine.ls_shift_over_esd_max                    ? 
_refine.ls_shift_over_esd_mean                   ? 
_refine.ls_structure_factor_coef                 ? 
_refine.ls_weighting_details                     ? 
_refine.ls_weighting_scheme                      ? 
_refine.ls_wR_factor_all                         ? 
_refine.ls_wR_factor_obs                         ? 
_refine.ls_wR_factor_R_free                      ? 
_refine.ls_wR_factor_R_work                      ? 
_refine.occupancy_max                            ? 
_refine.occupancy_min                            ? 
_refine.solvent_model_details                    'FLAT BULK SOLVENT MODEL' 
_refine.solvent_model_param_bsol                 ? 
_refine.solvent_model_param_ksol                 ? 
_refine.correlation_coeff_I_to_Fcsqd_work        ? 
_refine.correlation_coeff_I_to_Fcsqd_free        ? 
_refine.pdbx_R_complete                          ? 
_refine.ls_R_factor_gt                           ? 
_refine.ls_goodness_of_fit_gt                    ? 
_refine.ls_goodness_of_fit_ref                   ? 
_refine.ls_shift_over_su_max                     ? 
_refine.ls_shift_over_su_max_lt                  ? 
_refine.ls_shift_over_su_mean                    ? 
_refine.ls_shift_over_su_mean_lt                 ? 
_refine.pdbx_ls_sigma_I                          ? 
_refine.pdbx_ls_sigma_F                          0.03 
_refine.pdbx_ls_sigma_Fsqd                       ? 
_refine.pdbx_data_cutoff_high_absF               ? 
_refine.pdbx_data_cutoff_high_rms_absF           ? 
_refine.pdbx_data_cutoff_low_absF                ? 
_refine.pdbx_isotropic_thermal_model             ? 
_refine.pdbx_ls_cross_valid_method               'FREE R-VALUE' 
_refine.pdbx_method_to_determine_struct          'MOLECULAR REPLACEMENT' 
_refine.pdbx_starting_model                      ? 
_refine.pdbx_stereochemistry_target_values       ML 
_refine.pdbx_R_Free_selection_details            1413 
_refine.pdbx_stereochem_target_val_spec_case     ? 
_refine.pdbx_overall_ESU_R                       ? 
_refine.pdbx_overall_ESU_R_Free                  ? 
_refine.pdbx_solvent_vdw_probe_radii             1.10 
_refine.pdbx_solvent_ion_probe_radii             ? 
_refine.pdbx_solvent_shrinkage_radii             0.90 
_refine.pdbx_real_space_R                        ? 
_refine.pdbx_density_correlation                 ? 
_refine.pdbx_pd_number_of_powder_patterns        ? 
_refine.pdbx_pd_number_of_points                 ? 
_refine.pdbx_pd_meas_number_of_points            ? 
_refine.pdbx_pd_proc_ls_prof_R_factor            ? 
_refine.pdbx_pd_proc_ls_prof_wR_factor           ? 
_refine.pdbx_pd_Marquardt_correlation_coeff      ? 
_refine.pdbx_pd_Fsqrd_R_factor                   ? 
_refine.pdbx_pd_ls_matrix_band_width             ? 
_refine.pdbx_overall_phase_error                 24.85 
_refine.pdbx_overall_SU_R_free_Cruickshank_DPI   ? 
_refine.pdbx_overall_SU_R_free_Blow_DPI          ? 
_refine.pdbx_overall_SU_R_Blow_DPI               ? 
_refine.pdbx_TLS_residual_ADP_flag               ? 
_refine.pdbx_diffrn_id                           1 
_refine.overall_SU_B                             ? 
_refine.overall_SU_ML                            0.17 
_refine.overall_SU_R_Cruickshank_DPI             ? 
_refine.overall_SU_R_free                        ? 
_refine.overall_FOM_free_R_set                   ? 
_refine.overall_FOM_work_R_set                   ? 
_refine.pdbx_average_fsc_overall                 ? 
_refine.pdbx_average_fsc_work                    ? 
_refine.pdbx_average_fsc_free                    ? 
# 
_refine_hist.pdbx_refine_id                   'X-RAY DIFFRACTION' 
_refine_hist.cycle_id                         LAST 
_refine_hist.details                          ? 
_refine_hist.d_res_high                       2.00 
_refine_hist.d_res_low                        29.83 
_refine_hist.number_atoms_solvent             114 
_refine_hist.number_atoms_total               1472 
_refine_hist.number_reflns_all                ? 
_refine_hist.number_reflns_obs                ? 
_refine_hist.number_reflns_R_free             ? 
_refine_hist.number_reflns_R_work             ? 
_refine_hist.R_factor_all                     ? 
_refine_hist.R_factor_obs                     ? 
_refine_hist.R_factor_R_free                  ? 
_refine_hist.R_factor_R_work                  ? 
_refine_hist.pdbx_number_residues_total       ? 
_refine_hist.pdbx_B_iso_mean_ligand           ? 
_refine_hist.pdbx_B_iso_mean_solvent          ? 
_refine_hist.pdbx_number_atoms_protein        1358 
_refine_hist.pdbx_number_atoms_nucleic_acid   0 
_refine_hist.pdbx_number_atoms_ligand         0 
_refine_hist.pdbx_number_atoms_lipid          ? 
_refine_hist.pdbx_number_atoms_carb           ? 
_refine_hist.pdbx_pseudo_atom_details         ? 
# 
loop_
_refine_ls_restr.pdbx_refine_id 
_refine_ls_restr.criterion 
_refine_ls_restr.dev_ideal 
_refine_ls_restr.dev_ideal_target 
_refine_ls_restr.number 
_refine_ls_restr.rejects 
_refine_ls_restr.type 
_refine_ls_restr.weight 
_refine_ls_restr.pdbx_Zscore 
_refine_ls_restr.pdbx_restraint_function 
'X-RAY DIFFRACTION' ? 0.008 ? 1363 ? f_bond_d           ? ? ? 
'X-RAY DIFFRACTION' ? 0.795 ? 1830 ? f_angle_d          ? ? ? 
'X-RAY DIFFRACTION' ? 4.382 ? 186  ? f_dihedral_angle_d ? ? ? 
'X-RAY DIFFRACTION' ? 0.044 ? 223  ? f_chiral_restr     ? ? ? 
'X-RAY DIFFRACTION' ? 0.007 ? 237  ? f_plane_restr      ? ? ? 
# 
loop_
_refine_ls_shell.pdbx_refine_id 
_refine_ls_shell.d_res_high 
_refine_ls_shell.d_res_low 
_refine_ls_shell.number_reflns_all 
_refine_ls_shell.number_reflns_obs 
_refine_ls_shell.number_reflns_R_free 
_refine_ls_shell.number_reflns_R_work 
_refine_ls_shell.percent_reflns_obs 
_refine_ls_shell.percent_reflns_R_free 
_refine_ls_shell.R_factor_all 
_refine_ls_shell.R_factor_obs 
_refine_ls_shell.R_factor_R_free_error 
_refine_ls_shell.R_factor_R_work 
_refine_ls_shell.redundancy_reflns_all 
_refine_ls_shell.redundancy_reflns_obs 
_refine_ls_shell.wR_factor_all 
_refine_ls_shell.wR_factor_obs 
_refine_ls_shell.wR_factor_R_free 
_refine_ls_shell.wR_factor_R_work 
_refine_ls_shell.pdbx_R_complete 
_refine_ls_shell.correlation_coeff_Fo_to_Fc 
_refine_ls_shell.correlation_coeff_Fo_to_Fc_free 
_refine_ls_shell.correlation_coeff_I_to_Fcsqd_work 
_refine_ls_shell.correlation_coeff_I_to_Fcsqd_free 
_refine_ls_shell.pdbx_total_number_of_bins_used 
_refine_ls_shell.pdbx_phase_error 
_refine_ls_shell.pdbx_fsc_work 
_refine_ls_shell.pdbx_fsc_free 
_refine_ls_shell.R_factor_R_free 
'X-RAY DIFFRACTION' 2.00 2.07  . . 129 1172 90.00 . . . . 0.1956 . . . . . . . . . . . . . . . 0.2863 
'X-RAY DIFFRACTION' 2.07 2.15  . . 133 1190 94.00 . . . . 0.1989 . . . . . . . . . . . . . . . 0.2450 
'X-RAY DIFFRACTION' 2.15 2.25  . . 130 1209 93.00 . . . . 0.1883 . . . . . . . . . . . . . . . 0.2456 
'X-RAY DIFFRACTION' 2.25 2.37  . . 129 1199 94.00 . . . . 0.1953 . . . . . . . . . . . . . . . 0.2603 
'X-RAY DIFFRACTION' 2.37 2.52  . . 132 1226 95.00 . . . . 0.2143 . . . . . . . . . . . . . . . 0.2653 
'X-RAY DIFFRACTION' 2.52 2.71  . . 140 1247 96.00 . . . . 0.2138 . . . . . . . . . . . . . . . 0.2415 
'X-RAY DIFFRACTION' 2.71 2.99  . . 139 1254 97.00 . . . . 0.2064 . . . . . . . . . . . . . . . 0.2827 
'X-RAY DIFFRACTION' 2.99 3.42  . . 141 1277 98.00 . . . . 0.2163 . . . . . . . . . . . . . . . 0.2930 
'X-RAY DIFFRACTION' 3.42 4.30  . . 145 1292 99.00 . . . . 0.1834 . . . . . . . . . . . . . . . 0.2246 
'X-RAY DIFFRACTION' 4.31 29.83 . . 145 1324 99.00 . . . . 0.1941 . . . . . . . . . . . . . . . 0.2250 
# 
_struct.entry_id                     9LYS 
_struct.title                        'Crystal structure of de novo designed amantadine binding homotrimer dAIT03' 
_struct.pdbx_model_details           ? 
_struct.pdbx_formula_weight          ? 
_struct.pdbx_formula_weight_method   ? 
_struct.pdbx_model_type_details      ? 
_struct.pdbx_CASP_flag               N 
# 
_struct_keywords.entry_id        9LYS 
_struct_keywords.text            'Drug binding homotrimer, DE NOVO PROTEIN' 
_struct_keywords.pdbx_keywords   'DE NOVO PROTEIN' 
# 
loop_
_struct_asym.id 
_struct_asym.pdbx_blank_PDB_chainid_flag 
_struct_asym.pdbx_modified 
_struct_asym.entity_id 
_struct_asym.details 
A N N 1 ? 
B N N 1 ? 
C N N 1 ? 
D N N 2 ? 
E N N 3 ? 
F N N 3 ? 
G N N 3 ? 
# 
_struct_ref.id                         1 
_struct_ref.db_name                    PDB 
_struct_ref.db_code                    9LYS 
_struct_ref.pdbx_db_accession          9LYS 
_struct_ref.pdbx_db_isoform            ? 
_struct_ref.entity_id                  1 
_struct_ref.pdbx_seq_one_letter_code   ? 
_struct_ref.pdbx_align_begin           1 
# 
loop_
_struct_ref_seq.align_id 
_struct_ref_seq.ref_id 
_struct_ref_seq.pdbx_PDB_id_code 
_struct_ref_seq.pdbx_strand_id 
_struct_ref_seq.seq_align_beg 
_struct_ref_seq.pdbx_seq_align_beg_ins_code 
_struct_ref_seq.seq_align_end 
_struct_ref_seq.pdbx_seq_align_end_ins_code 
_struct_ref_seq.pdbx_db_accession 
_struct_ref_seq.db_align_beg 
_struct_ref_seq.pdbx_db_align_beg_ins_code 
_struct_ref_seq.db_align_end 
_struct_ref_seq.pdbx_db_align_end_ins_code 
_struct_ref_seq.pdbx_auth_seq_align_beg 
_struct_ref_seq.pdbx_auth_seq_align_end 
1 1 9LYS A 1 ? 57 ? 9LYS 1 ? 57 ? 1 57 
2 1 9LYS B 1 ? 57 ? 9LYS 1 ? 57 ? 1 57 
3 1 9LYS C 1 ? 57 ? 9LYS 1 ? 57 ? 1 57 
# 
_pdbx_struct_assembly.id                   1 
_pdbx_struct_assembly.details              author_and_software_defined_assembly 
_pdbx_struct_assembly.method_details       PISA 
_pdbx_struct_assembly.oligomeric_details   trimeric 
_pdbx_struct_assembly.oligomeric_count     3 
# 
loop_
_pdbx_struct_assembly_prop.biol_id 
_pdbx_struct_assembly_prop.type 
_pdbx_struct_assembly_prop.value 
_pdbx_struct_assembly_prop.details 
1 'ABSA (A^2)' 2700 ? 
1 MORE         -23  ? 
1 'SSA (A^2)'  8810 ? 
# 
_pdbx_struct_assembly_gen.assembly_id       1 
_pdbx_struct_assembly_gen.oper_expression   1 
_pdbx_struct_assembly_gen.asym_id_list      A,B,C,D,E,F,G 
# 
_pdbx_struct_assembly_auth_evidence.id                     1 
_pdbx_struct_assembly_auth_evidence.assembly_id            1 
_pdbx_struct_assembly_auth_evidence.experimental_support   'assay for oligomerization' 
_pdbx_struct_assembly_auth_evidence.details                SEC-MALS 
# 
_pdbx_struct_oper_list.id                   1 
_pdbx_struct_oper_list.type                 'identity operation' 
_pdbx_struct_oper_list.name                 1_555 
_pdbx_struct_oper_list.symmetry_operation   x,y,z 
_pdbx_struct_oper_list.matrix[1][1]         1.0000000000 
_pdbx_struct_oper_list.matrix[1][2]         0.0000000000 
_pdbx_struct_oper_list.matrix[1][3]         0.0000000000 
_pdbx_struct_oper_list.vector[1]            0.0000000000 
_pdbx_struct_oper_list.matrix[2][1]         0.0000000000 
_pdbx_struct_oper_list.matrix[2][2]         1.0000000000 
_pdbx_struct_oper_list.matrix[2][3]         0.0000000000 
_pdbx_struct_oper_list.vector[2]            0.0000000000 
_pdbx_struct_oper_list.matrix[3][1]         0.0000000000 
_pdbx_struct_oper_list.matrix[3][2]         0.0000000000 
_pdbx_struct_oper_list.matrix[3][3]         1.0000000000 
_pdbx_struct_oper_list.vector[3]            0.0000000000 
# 
loop_
_struct_conf.conf_type_id 
_struct_conf.id 
_struct_conf.pdbx_PDB_helix_id 
_struct_conf.beg_label_comp_id 
_struct_conf.beg_label_asym_id 
_struct_conf.beg_label_seq_id 
_struct_conf.pdbx_beg_PDB_ins_code 
_struct_conf.end_label_comp_id 
_struct_conf.end_label_asym_id 
_struct_conf.end_label_seq_id 
_struct_conf.pdbx_end_PDB_ins_code 
_struct_conf.beg_auth_comp_id 
_struct_conf.beg_auth_asym_id 
_struct_conf.beg_auth_seq_id 
_struct_conf.end_auth_comp_id 
_struct_conf.end_auth_asym_id 
_struct_conf.end_auth_seq_id 
_struct_conf.pdbx_PDB_helix_class 
_struct_conf.details 
_struct_conf.pdbx_PDB_helix_length 
HELX_P HELX_P1 AA1 GLU A 2  ? ILE A 20 ? GLU A 2  ILE A 20 1 ? 19 
HELX_P HELX_P2 AA2 ASN A 22 ? THR A 40 ? ASN A 22 THR A 40 1 ? 19 
HELX_P HELX_P3 AA3 ASP A 42 ? VAL A 56 ? ASP A 42 VAL A 56 1 ? 15 
HELX_P HELX_P4 AA4 ASP B 3  ? ILE B 20 ? ASP B 3  ILE B 20 1 ? 18 
HELX_P HELX_P5 AA5 ASN B 22 ? ASN B 41 ? ASN B 22 ASN B 41 1 ? 20 
HELX_P HELX_P6 AA6 ASP B 42 ? VAL B 56 ? ASP B 42 VAL B 56 1 ? 15 
HELX_P HELX_P7 AA7 ASP C 3  ? ILE C 20 ? ASP C 3  ILE C 20 1 ? 18 
HELX_P HELX_P8 AA8 ASN C 22 ? ASN C 41 ? ASN C 22 ASN C 41 1 ? 20 
HELX_P HELX_P9 AA9 ASP C 42 ? VAL C 56 ? ASP C 42 VAL C 56 1 ? 15 
# 
_struct_conf_type.id          HELX_P 
_struct_conf_type.criteria    ? 
_struct_conf_type.reference   ? 
# 
_pdbx_entry_details.entry_id                   9LYS 
_pdbx_entry_details.nonpolymer_details         ? 
_pdbx_entry_details.sequence_details           ? 
_pdbx_entry_details.compound_details           ? 
_pdbx_entry_details.source_details             ? 
_pdbx_entry_details.has_ligand_of_interest     Y 
_pdbx_entry_details.has_protein_modification   N 
# 
loop_
_pdbx_validate_torsion.id 
_pdbx_validate_torsion.PDB_model_num 
_pdbx_validate_torsion.auth_comp_id 
_pdbx_validate_torsion.auth_asym_id 
_pdbx_validate_torsion.auth_seq_id 
_pdbx_validate_torsion.PDB_ins_code 
_pdbx_validate_torsion.label_alt_id 
_pdbx_validate_torsion.phi 
_pdbx_validate_torsion.psi 
1 1 THR C 40 ? ? -122.22 -53.35 
2 1 ASN C 41 ? ? 66.30   74.14  
# 
loop_
_pdbx_distant_solvent_atoms.id 
_pdbx_distant_solvent_atoms.PDB_model_num 
_pdbx_distant_solvent_atoms.auth_atom_id 
_pdbx_distant_solvent_atoms.label_alt_id 
_pdbx_distant_solvent_atoms.auth_asym_id 
_pdbx_distant_solvent_atoms.auth_comp_id 
_pdbx_distant_solvent_atoms.auth_seq_id 
_pdbx_distant_solvent_atoms.PDB_ins_code 
_pdbx_distant_solvent_atoms.neighbor_macromolecule_distance 
_pdbx_distant_solvent_atoms.neighbor_ligand_distance 
1 1 O ? A HOH 139 ? 7.37 . 
2 1 O ? A HOH 140 ? 8.95 . 
# 
loop_
_pdbx_unobs_or_zero_occ_residues.id 
_pdbx_unobs_or_zero_occ_residues.PDB_model_num 
_pdbx_unobs_or_zero_occ_residues.polymer_flag 
_pdbx_unobs_or_zero_occ_residues.occupancy_flag 
_pdbx_unobs_or_zero_occ_residues.auth_asym_id 
_pdbx_unobs_or_zero_occ_residues.auth_comp_id 
_pdbx_unobs_or_zero_occ_residues.auth_seq_id 
_pdbx_unobs_or_zero_occ_residues.PDB_ins_code 
_pdbx_unobs_or_zero_occ_residues.label_asym_id 
_pdbx_unobs_or_zero_occ_residues.label_comp_id 
_pdbx_unobs_or_zero_occ_residues.label_seq_id 
1 1 Y 1 A SER 1  ? A SER 1  
2 1 Y 1 A LYS 57 ? A LYS 57 
3 1 Y 1 B SER 1  ? B SER 1  
4 1 Y 1 B LYS 57 ? B LYS 57 
5 1 Y 1 C SER 1  ? C SER 1  
6 1 Y 1 C LYS 57 ? C LYS 57 
# 
loop_
_chem_comp_atom.comp_id 
_chem_comp_atom.atom_id 
_chem_comp_atom.type_symbol 
_chem_comp_atom.pdbx_aromatic_flag 
_chem_comp_atom.pdbx_stereo_config 
_chem_comp_atom.pdbx_ordinal 
308 N1   N N N 1   
308 C10  C N N 2   
308 C7   C N N 3   
308 C1   C N N 4   
308 C8   C N N 5   
308 C5   C N N 6   
308 C6   C N N 7   
308 C4   C N N 8   
308 C9   C N N 9   
308 C3   C N N 10  
308 C2   C N N 11  
308 HN1  H N N 12  
308 HN1A H N N 13  
308 H7   H N N 14  
308 H7A  H N N 15  
308 H1   H N N 16  
308 H8   H N N 17  
308 H8A  H N N 18  
308 H5   H N N 19  
308 H6   H N N 20  
308 H6A  H N N 21  
308 H4   H N N 22  
308 H4A  H N N 23  
308 H9   H N N 24  
308 H9A  H N N 25  
308 H3   H N N 26  
308 H2   H N N 27  
308 H2A  H N N 28  
ALA N    N N N 29  
ALA CA   C N S 30  
ALA C    C N N 31  
ALA O    O N N 32  
ALA CB   C N N 33  
ALA OXT  O N N 34  
ALA H    H N N 35  
ALA H2   H N N 36  
ALA HA   H N N 37  
ALA HB1  H N N 38  
ALA HB2  H N N 39  
ALA HB3  H N N 40  
ALA HXT  H N N 41  
ARG N    N N N 42  
ARG CA   C N S 43  
ARG C    C N N 44  
ARG O    O N N 45  
ARG CB   C N N 46  
ARG CG   C N N 47  
ARG CD   C N N 48  
ARG NE   N N N 49  
ARG CZ   C N N 50  
ARG NH1  N N N 51  
ARG NH2  N N N 52  
ARG OXT  O N N 53  
ARG H    H N N 54  
ARG H2   H N N 55  
ARG HA   H N N 56  
ARG HB2  H N N 57  
ARG HB3  H N N 58  
ARG HG2  H N N 59  
ARG HG3  H N N 60  
ARG HD2  H N N 61  
ARG HD3  H N N 62  
ARG HE   H N N 63  
ARG HH11 H N N 64  
ARG HH12 H N N 65  
ARG HH21 H N N 66  
ARG HH22 H N N 67  
ARG HXT  H N N 68  
ASN N    N N N 69  
ASN CA   C N S 70  
ASN C    C N N 71  
ASN O    O N N 72  
ASN CB   C N N 73  
ASN CG   C N N 74  
ASN OD1  O N N 75  
ASN ND2  N N N 76  
ASN OXT  O N N 77  
ASN H    H N N 78  
ASN H2   H N N 79  
ASN HA   H N N 80  
ASN HB2  H N N 81  
ASN HB3  H N N 82  
ASN HD21 H N N 83  
ASN HD22 H N N 84  
ASN HXT  H N N 85  
ASP N    N N N 86  
ASP CA   C N S 87  
ASP C    C N N 88  
ASP O    O N N 89  
ASP CB   C N N 90  
ASP CG   C N N 91  
ASP OD1  O N N 92  
ASP OD2  O N N 93  
ASP OXT  O N N 94  
ASP H    H N N 95  
ASP H2   H N N 96  
ASP HA   H N N 97  
ASP HB2  H N N 98  
ASP HB3  H N N 99  
ASP HD2  H N N 100 
ASP HXT  H N N 101 
GLU N    N N N 102 
GLU CA   C N S 103 
GLU C    C N N 104 
GLU O    O N N 105 
GLU CB   C N N 106 
GLU CG   C N N 107 
GLU CD   C N N 108 
GLU OE1  O N N 109 
GLU OE2  O N N 110 
GLU OXT  O N N 111 
GLU H    H N N 112 
GLU H2   H N N 113 
GLU HA   H N N 114 
GLU HB2  H N N 115 
GLU HB3  H N N 116 
GLU HG2  H N N 117 
GLU HG3  H N N 118 
GLU HE2  H N N 119 
GLU HXT  H N N 120 
GLY N    N N N 121 
GLY CA   C N N 122 
GLY C    C N N 123 
GLY O    O N N 124 
GLY OXT  O N N 125 
GLY H    H N N 126 
GLY H2   H N N 127 
GLY HA2  H N N 128 
GLY HA3  H N N 129 
GLY HXT  H N N 130 
HOH O    O N N 131 
HOH H1   H N N 132 
HOH H2   H N N 133 
ILE N    N N N 134 
ILE CA   C N S 135 
ILE C    C N N 136 
ILE O    O N N 137 
ILE CB   C N S 138 
ILE CG1  C N N 139 
ILE CG2  C N N 140 
ILE CD1  C N N 141 
ILE OXT  O N N 142 
ILE H    H N N 143 
ILE H2   H N N 144 
ILE HA   H N N 145 
ILE HB   H N N 146 
ILE HG12 H N N 147 
ILE HG13 H N N 148 
ILE HG21 H N N 149 
ILE HG22 H N N 150 
ILE HG23 H N N 151 
ILE HD11 H N N 152 
ILE HD12 H N N 153 
ILE HD13 H N N 154 
ILE HXT  H N N 155 
LEU N    N N N 156 
LEU CA   C N S 157 
LEU C    C N N 158 
LEU O    O N N 159 
LEU CB   C N N 160 
LEU CG   C N N 161 
LEU CD1  C N N 162 
LEU CD2  C N N 163 
LEU OXT  O N N 164 
LEU H    H N N 165 
LEU H2   H N N 166 
LEU HA   H N N 167 
LEU HB2  H N N 168 
LEU HB3  H N N 169 
LEU HG   H N N 170 
LEU HD11 H N N 171 
LEU HD12 H N N 172 
LEU HD13 H N N 173 
LEU HD21 H N N 174 
LEU HD22 H N N 175 
LEU HD23 H N N 176 
LEU HXT  H N N 177 
LYS N    N N N 178 
LYS CA   C N S 179 
LYS C    C N N 180 
LYS O    O N N 181 
LYS CB   C N N 182 
LYS CG   C N N 183 
LYS CD   C N N 184 
LYS CE   C N N 185 
LYS NZ   N N N 186 
LYS OXT  O N N 187 
LYS H    H N N 188 
LYS H2   H N N 189 
LYS HA   H N N 190 
LYS HB2  H N N 191 
LYS HB3  H N N 192 
LYS HG2  H N N 193 
LYS HG3  H N N 194 
LYS HD2  H N N 195 
LYS HD3  H N N 196 
LYS HE2  H N N 197 
LYS HE3  H N N 198 
LYS HZ1  H N N 199 
LYS HZ2  H N N 200 
LYS HZ3  H N N 201 
LYS HXT  H N N 202 
MET N    N N N 203 
MET CA   C N S 204 
MET C    C N N 205 
MET O    O N N 206 
MET CB   C N N 207 
MET CG   C N N 208 
MET SD   S N N 209 
MET CE   C N N 210 
MET OXT  O N N 211 
MET H    H N N 212 
MET H2   H N N 213 
MET HA   H N N 214 
MET HB2  H N N 215 
MET HB3  H N N 216 
MET HG2  H N N 217 
MET HG3  H N N 218 
MET HE1  H N N 219 
MET HE2  H N N 220 
MET HE3  H N N 221 
MET HXT  H N N 222 
PRO N    N N N 223 
PRO CA   C N S 224 
PRO C    C N N 225 
PRO O    O N N 226 
PRO CB   C N N 227 
PRO CG   C N N 228 
PRO CD   C N N 229 
PRO OXT  O N N 230 
PRO H    H N N 231 
PRO HA   H N N 232 
PRO HB2  H N N 233 
PRO HB3  H N N 234 
PRO HG2  H N N 235 
PRO HG3  H N N 236 
PRO HD2  H N N 237 
PRO HD3  H N N 238 
PRO HXT  H N N 239 
SER N    N N N 240 
SER CA   C N S 241 
SER C    C N N 242 
SER O    O N N 243 
SER CB   C N N 244 
SER OG   O N N 245 
SER OXT  O N N 246 
SER H    H N N 247 
SER H2   H N N 248 
SER HA   H N N 249 
SER HB2  H N N 250 
SER HB3  H N N 251 
SER HG   H N N 252 
SER HXT  H N N 253 
THR N    N N N 254 
THR CA   C N S 255 
THR C    C N N 256 
THR O    O N N 257 
THR CB   C N R 258 
THR OG1  O N N 259 
THR CG2  C N N 260 
THR OXT  O N N 261 
THR H    H N N 262 
THR H2   H N N 263 
THR HA   H N N 264 
THR HB   H N N 265 
THR HG1  H N N 266 
THR HG21 H N N 267 
THR HG22 H N N 268 
THR HG23 H N N 269 
THR HXT  H N N 270 
VAL N    N N N 271 
VAL CA   C N S 272 
VAL C    C N N 273 
VAL O    O N N 274 
VAL CB   C N N 275 
VAL CG1  C N N 276 
VAL CG2  C N N 277 
VAL OXT  O N N 278 
VAL H    H N N 279 
VAL H2   H N N 280 
VAL HA   H N N 281 
VAL HB   H N N 282 
VAL HG11 H N N 283 
VAL HG12 H N N 284 
VAL HG13 H N N 285 
VAL HG21 H N N 286 
VAL HG22 H N N 287 
VAL HG23 H N N 288 
VAL HXT  H N N 289 
# 
loop_
_chem_comp_bond.comp_id 
_chem_comp_bond.atom_id_1 
_chem_comp_bond.atom_id_2 
_chem_comp_bond.value_order 
_chem_comp_bond.pdbx_aromatic_flag 
_chem_comp_bond.pdbx_stereo_config 
_chem_comp_bond.pdbx_ordinal 
308 N1  C10  sing N N 1   
308 C10 C7   sing N N 2   
308 C10 C8   sing N N 3   
308 C10 C9   sing N N 4   
308 C7  C1   sing N N 5   
308 C1  C6   sing N N 6   
308 C1  C2   sing N N 7   
308 C8  C5   sing N N 8   
308 C5  C6   sing N N 9   
308 C5  C4   sing N N 10  
308 C4  C3   sing N N 11  
308 C9  C3   sing N N 12  
308 C3  C2   sing N N 13  
308 N1  HN1  sing N N 14  
308 N1  HN1A sing N N 15  
308 C7  H7   sing N N 16  
308 C7  H7A  sing N N 17  
308 C1  H1   sing N N 18  
308 C8  H8   sing N N 19  
308 C8  H8A  sing N N 20  
308 C5  H5   sing N N 21  
308 C6  H6   sing N N 22  
308 C6  H6A  sing N N 23  
308 C4  H4   sing N N 24  
308 C4  H4A  sing N N 25  
308 C9  H9   sing N N 26  
308 C9  H9A  sing N N 27  
308 C3  H3   sing N N 28  
308 C2  H2   sing N N 29  
308 C2  H2A  sing N N 30  
ALA N   CA   sing N N 31  
ALA N   H    sing N N 32  
ALA N   H2   sing N N 33  
ALA CA  C    sing N N 34  
ALA CA  CB   sing N N 35  
ALA CA  HA   sing N N 36  
ALA C   O    doub N N 37  
ALA C   OXT  sing N N 38  
ALA CB  HB1  sing N N 39  
ALA CB  HB2  sing N N 40  
ALA CB  HB3  sing N N 41  
ALA OXT HXT  sing N N 42  
ARG N   CA   sing N N 43  
ARG N   H    sing N N 44  
ARG N   H2   sing N N 45  
ARG CA  C    sing N N 46  
ARG CA  CB   sing N N 47  
ARG CA  HA   sing N N 48  
ARG C   O    doub N N 49  
ARG C   OXT  sing N N 50  
ARG CB  CG   sing N N 51  
ARG CB  HB2  sing N N 52  
ARG CB  HB3  sing N N 53  
ARG CG  CD   sing N N 54  
ARG CG  HG2  sing N N 55  
ARG CG  HG3  sing N N 56  
ARG CD  NE   sing N N 57  
ARG CD  HD2  sing N N 58  
ARG CD  HD3  sing N N 59  
ARG NE  CZ   sing N N 60  
ARG NE  HE   sing N N 61  
ARG CZ  NH1  sing N N 62  
ARG CZ  NH2  doub N N 63  
ARG NH1 HH11 sing N N 64  
ARG NH1 HH12 sing N N 65  
ARG NH2 HH21 sing N N 66  
ARG NH2 HH22 sing N N 67  
ARG OXT HXT  sing N N 68  
ASN N   CA   sing N N 69  
ASN N   H    sing N N 70  
ASN N   H2   sing N N 71  
ASN CA  C    sing N N 72  
ASN CA  CB   sing N N 73  
ASN CA  HA   sing N N 74  
ASN C   O    doub N N 75  
ASN C   OXT  sing N N 76  
ASN CB  CG   sing N N 77  
ASN CB  HB2  sing N N 78  
ASN CB  HB3  sing N N 79  
ASN CG  OD1  doub N N 80  
ASN CG  ND2  sing N N 81  
ASN ND2 HD21 sing N N 82  
ASN ND2 HD22 sing N N 83  
ASN OXT HXT  sing N N 84  
ASP N   CA   sing N N 85  
ASP N   H    sing N N 86  
ASP N   H2   sing N N 87  
ASP CA  C    sing N N 88  
ASP CA  CB   sing N N 89  
ASP CA  HA   sing N N 90  
ASP C   O    doub N N 91  
ASP C   OXT  sing N N 92  
ASP CB  CG   sing N N 93  
ASP CB  HB2  sing N N 94  
ASP CB  HB3  sing N N 95  
ASP CG  OD1  doub N N 96  
ASP CG  OD2  sing N N 97  
ASP OD2 HD2  sing N N 98  
ASP OXT HXT  sing N N 99  
GLU N   CA   sing N N 100 
GLU N   H    sing N N 101 
GLU N   H2   sing N N 102 
GLU CA  C    sing N N 103 
GLU CA  CB   sing N N 104 
GLU CA  HA   sing N N 105 
GLU C   O    doub N N 106 
GLU C   OXT  sing N N 107 
GLU CB  CG   sing N N 108 
GLU CB  HB2  sing N N 109 
GLU CB  HB3  sing N N 110 
GLU CG  CD   sing N N 111 
GLU CG  HG2  sing N N 112 
GLU CG  HG3  sing N N 113 
GLU CD  OE1  doub N N 114 
GLU CD  OE2  sing N N 115 
GLU OE2 HE2  sing N N 116 
GLU OXT HXT  sing N N 117 
GLY N   CA   sing N N 118 
GLY N   H    sing N N 119 
GLY N   H2   sing N N 120 
GLY CA  C    sing N N 121 
GLY CA  HA2  sing N N 122 
GLY CA  HA3  sing N N 123 
GLY C   O    doub N N 124 
GLY C   OXT  sing N N 125 
GLY OXT HXT  sing N N 126 
HOH O   H1   sing N N 127 
HOH O   H2   sing N N 128 
ILE N   CA   sing N N 129 
ILE N   H    sing N N 130 
ILE N   H2   sing N N 131 
ILE CA  C    sing N N 132 
ILE CA  CB   sing N N 133 
ILE CA  HA   sing N N 134 
ILE C   O    doub N N 135 
ILE C   OXT  sing N N 136 
ILE CB  CG1  sing N N 137 
ILE CB  CG2  sing N N 138 
ILE CB  HB   sing N N 139 
ILE CG1 CD1  sing N N 140 
ILE CG1 HG12 sing N N 141 
ILE CG1 HG13 sing N N 142 
ILE CG2 HG21 sing N N 143 
ILE CG2 HG22 sing N N 144 
ILE CG2 HG23 sing N N 145 
ILE CD1 HD11 sing N N 146 
ILE CD1 HD12 sing N N 147 
ILE CD1 HD13 sing N N 148 
ILE OXT HXT  sing N N 149 
LEU N   CA   sing N N 150 
LEU N   H    sing N N 151 
LEU N   H2   sing N N 152 
LEU CA  C    sing N N 153 
LEU CA  CB   sing N N 154 
LEU CA  HA   sing N N 155 
LEU C   O    doub N N 156 
LEU C   OXT  sing N N 157 
LEU CB  CG   sing N N 158 
LEU CB  HB2  sing N N 159 
LEU CB  HB3  sing N N 160 
LEU CG  CD1  sing N N 161 
LEU CG  CD2  sing N N 162 
LEU CG  HG   sing N N 163 
LEU CD1 HD11 sing N N 164 
LEU CD1 HD12 sing N N 165 
LEU CD1 HD13 sing N N 166 
LEU CD2 HD21 sing N N 167 
LEU CD2 HD22 sing N N 168 
LEU CD2 HD23 sing N N 169 
LEU OXT HXT  sing N N 170 
LYS N   CA   sing N N 171 
LYS N   H    sing N N 172 
LYS N   H2   sing N N 173 
LYS CA  C    sing N N 174 
LYS CA  CB   sing N N 175 
LYS CA  HA   sing N N 176 
LYS C   O    doub N N 177 
LYS C   OXT  sing N N 178 
LYS CB  CG   sing N N 179 
LYS CB  HB2  sing N N 180 
LYS CB  HB3  sing N N 181 
LYS CG  CD   sing N N 182 
LYS CG  HG2  sing N N 183 
LYS CG  HG3  sing N N 184 
LYS CD  CE   sing N N 185 
LYS CD  HD2  sing N N 186 
LYS CD  HD3  sing N N 187 
LYS CE  NZ   sing N N 188 
LYS CE  HE2  sing N N 189 
LYS CE  HE3  sing N N 190 
LYS NZ  HZ1  sing N N 191 
LYS NZ  HZ2  sing N N 192 
LYS NZ  HZ3  sing N N 193 
LYS OXT HXT  sing N N 194 
MET N   CA   sing N N 195 
MET N   H    sing N N 196 
MET N   H2   sing N N 197 
MET CA  C    sing N N 198 
MET CA  CB   sing N N 199 
MET CA  HA   sing N N 200 
MET C   O    doub N N 201 
MET C   OXT  sing N N 202 
MET CB  CG   sing N N 203 
MET CB  HB2  sing N N 204 
MET CB  HB3  sing N N 205 
MET CG  SD   sing N N 206 
MET CG  HG2  sing N N 207 
MET CG  HG3  sing N N 208 
MET SD  CE   sing N N 209 
MET CE  HE1  sing N N 210 
MET CE  HE2  sing N N 211 
MET CE  HE3  sing N N 212 
MET OXT HXT  sing N N 213 
PRO N   CA   sing N N 214 
PRO N   CD   sing N N 215 
PRO N   H    sing N N 216 
PRO CA  C    sing N N 217 
PRO CA  CB   sing N N 218 
PRO CA  HA   sing N N 219 
PRO C   O    doub N N 220 
PRO C   OXT  sing N N 221 
PRO CB  CG   sing N N 222 
PRO CB  HB2  sing N N 223 
PRO CB  HB3  sing N N 224 
PRO CG  CD   sing N N 225 
PRO CG  HG2  sing N N 226 
PRO CG  HG3  sing N N 227 
PRO CD  HD2  sing N N 228 
PRO CD  HD3  sing N N 229 
PRO OXT HXT  sing N N 230 
SER N   CA   sing N N 231 
SER N   H    sing N N 232 
SER N   H2   sing N N 233 
SER CA  C    sing N N 234 
SER CA  CB   sing N N 235 
SER CA  HA   sing N N 236 
SER C   O    doub N N 237 
SER C   OXT  sing N N 238 
SER CB  OG   sing N N 239 
SER CB  HB2  sing N N 240 
SER CB  HB3  sing N N 241 
SER OG  HG   sing N N 242 
SER OXT HXT  sing N N 243 
THR N   CA   sing N N 244 
THR N   H    sing N N 245 
THR N   H2   sing N N 246 
THR CA  C    sing N N 247 
THR CA  CB   sing N N 248 
THR CA  HA   sing N N 249 
THR C   O    doub N N 250 
THR C   OXT  sing N N 251 
THR CB  OG1  sing N N 252 
THR CB  CG2  sing N N 253 
THR CB  HB   sing N N 254 
THR OG1 HG1  sing N N 255 
THR CG2 HG21 sing N N 256 
THR CG2 HG22 sing N N 257 
THR CG2 HG23 sing N N 258 
THR OXT HXT  sing N N 259 
VAL N   CA   sing N N 260 
VAL N   H    sing N N 261 
VAL N   H2   sing N N 262 
VAL CA  C    sing N N 263 
VAL CA  CB   sing N N 264 
VAL CA  HA   sing N N 265 
VAL C   O    doub N N 266 
VAL C   OXT  sing N N 267 
VAL CB  CG1  sing N N 268 
VAL CB  CG2  sing N N 269 
VAL CB  HB   sing N N 270 
VAL CG1 HG11 sing N N 271 
VAL CG1 HG12 sing N N 272 
VAL CG1 HG13 sing N N 273 
VAL CG2 HG21 sing N N 274 
VAL CG2 HG22 sing N N 275 
VAL CG2 HG23 sing N N 276 
VAL OXT HXT  sing N N 277 
# 
_pdbx_audit_support.funding_organization   'Ministry of Science and Technology (MoST, China)' 
_pdbx_audit_support.country                China 
_pdbx_audit_support.grant_number           2022YFA1303700 
_pdbx_audit_support.ordinal                1 
# 
_pdbx_initial_refinement_model.id               1 
_pdbx_initial_refinement_model.entity_id_list   ? 
_pdbx_initial_refinement_model.type             'in silico model' 
_pdbx_initial_refinement_model.source_name      RoseTTAFold 
_pdbx_initial_refinement_model.accession_code   ? 
_pdbx_initial_refinement_model.details          ? 
# 
_atom_sites.entry_id                    9LYS 
_atom_sites.Cartn_transf_matrix[1][1]   ? 
_atom_sites.Cartn_transf_matrix[1][2]   ? 
_atom_sites.Cartn_transf_matrix[1][3]   ? 
_atom_sites.Cartn_transf_matrix[2][1]   ? 
_atom_sites.Cartn_transf_matrix[2][2]   ? 
_atom_sites.Cartn_transf_matrix[2][3]   ? 
_atom_sites.Cartn_transf_matrix[3][1]   ? 
_atom_sites.Cartn_transf_matrix[3][2]   ? 
_atom_sites.Cartn_transf_matrix[3][3]   ? 
_atom_sites.Cartn_transf_vector[1]      ? 
_atom_sites.Cartn_transf_vector[2]      ? 
_atom_sites.Cartn_transf_vector[3]      ? 
_atom_sites.Cartn_transform_axes        ? 
_atom_sites.fract_transf_matrix[1][1]   0.01217137 
_atom_sites.fract_transf_matrix[1][2]   -0.00728932 
_atom_sites.fract_transf_matrix[1][3]   0.00110812 
_atom_sites.fract_transf_matrix[2][1]   0.01141987 
_atom_sites.fract_transf_matrix[2][2]   0.00404384 
_atom_sites.fract_transf_matrix[2][3]   -0.00746504 
_atom_sites.fract_transf_matrix[3][1]   0.00504577 
_atom_sites.fract_transf_matrix[3][2]   0.01046001 
_atom_sites.fract_transf_matrix[3][3]   0.01338515 
_atom_sites.fract_transf_vector[1]      -0.456006 
_atom_sites.fract_transf_vector[2]      -0.069872 
_atom_sites.fract_transf_vector[3]      0.020199 
_atom_sites.solution_primary            ? 
_atom_sites.solution_secondary          ? 
_atom_sites.solution_hydrogens          ? 
_atom_sites.special_details             ? 
# 
loop_
_atom_type.symbol 
C 
H 
N 
O 
S 
# 
loop_
_atom_site.group_PDB 
_atom_site.id 
_atom_site.type_symbol 
_atom_site.label_atom_id 
_atom_site.label_alt_id 
_atom_site.label_comp_id 
_atom_site.label_asym_id 
_atom_site.label_entity_id 
_atom_site.label_seq_id 
_atom_site.pdbx_PDB_ins_code 
_atom_site.Cartn_x 
_atom_site.Cartn_y 
_atom_site.Cartn_z 
_atom_site.occupancy 
_atom_site.B_iso_or_equiv 
_atom_site.pdbx_formal_charge 
_atom_site.auth_seq_id 
_atom_site.auth_comp_id 
_atom_site.auth_asym_id 
_atom_site.auth_atom_id 
_atom_site.pdbx_PDB_model_num 
ATOM   1    N N   . GLU A 1 2  ? 12.880  2.711   2.693   1.00 42.43 ? 2   GLU A N   1 
ATOM   2    C CA  . GLU A 1 2  ? 13.052  2.995   4.109   1.00 35.20 ? 2   GLU A CA  1 
ATOM   3    C C   . GLU A 1 2  ? 12.029  2.255   4.961   1.00 42.65 ? 2   GLU A C   1 
ATOM   4    O O   . GLU A 1 2  ? 10.820  2.306   4.707   1.00 41.69 ? 2   GLU A O   1 
ATOM   5    C CB  . GLU A 1 2  ? 12.952  4.493   4.382   1.00 38.75 ? 2   GLU A CB  1 
ATOM   6    C CG  . GLU A 1 2  ? 13.103  4.848   5.844   1.00 36.47 ? 2   GLU A CG  1 
ATOM   7    C CD  . GLU A 1 2  ? 14.565  4.959   6.258   1.00 45.82 ? 2   GLU A CD  1 
ATOM   8    O OE1 . GLU A 1 2  ? 15.183  6.016   5.997   1.00 46.76 ? 2   GLU A OE1 1 
ATOM   9    O OE2 . GLU A 1 2  ? 15.096  3.988   6.843   1.00 47.28 ? 2   GLU A OE2 1 
ATOM   10   N N   . ASP A 1 3  ? 12.536  1.578   5.990   1.00 42.16 ? 3   ASP A N   1 
ATOM   11   C CA  . ASP A 1 3  ? 11.673  0.788   6.856   1.00 40.92 ? 3   ASP A CA  1 
ATOM   12   C C   . ASP A 1 3  ? 10.651  1.667   7.562   1.00 37.06 ? 3   ASP A C   1 
ATOM   13   O O   . ASP A 1 3  ? 9.474   1.301   7.662   1.00 33.03 ? 3   ASP A O   1 
ATOM   14   C CB  . ASP A 1 3  ? 12.525  0.023   7.862   1.00 37.55 ? 3   ASP A CB  1 
ATOM   15   C CG  . ASP A 1 3  ? 13.262  -1.135  7.226   1.00 45.50 ? 3   ASP A CG  1 
ATOM   16   O OD1 . ASP A 1 3  ? 12.825  -1.592  6.146   1.00 43.23 ? 3   ASP A OD1 1 
ATOM   17   O OD2 . ASP A 1 3  ? 14.294  -1.564  7.784   1.00 50.59 ? 3   ASP A OD2 1 
ATOM   18   N N   . ARG A 1 4  ? 11.076  2.838   8.046   1.00 33.87 ? 4   ARG A N   1 
ATOM   19   C CA  . ARG A 1 4  ? 10.137  3.727   8.722   1.00 37.78 ? 4   ARG A CA  1 
ATOM   20   C C   . ARG A 1 4  ? 9.052   4.204   7.764   1.00 40.48 ? 4   ARG A C   1 
ATOM   21   O O   . ARG A 1 4  ? 7.884   4.355   8.153   1.00 32.53 ? 4   ARG A O   1 
ATOM   22   C CB  . ARG A 1 4  ? 10.877  4.917   9.330   1.00 36.65 ? 4   ARG A CB  1 
ATOM   23   C CG  . ARG A 1 4  ? 11.494  4.651   10.688  1.00 38.45 ? 4   ARG A CG  1 
ATOM   24   C CD  . ARG A 1 4  ? 12.201  5.896   11.198  1.00 42.10 ? 4   ARG A CD  1 
ATOM   25   N NE  . ARG A 1 4  ? 13.277  6.302   10.301  1.00 45.13 ? 4   ARG A NE  1 
ATOM   26   C CZ  . ARG A 1 4  ? 14.566  6.242   10.608  1.00 51.89 ? 4   ARG A CZ  1 
ATOM   27   N NH1 . ARG A 1 4  ? 14.970  5.836   11.800  1.00 43.32 ? 4   ARG A NH1 1 
ATOM   28   N NH2 . ARG A 1 4  ? 15.470  6.594   9.694   1.00 48.62 ? 4   ARG A NH2 1 
ATOM   29   N N   . ASP A 1 5  ? 9.420   4.431   6.501   1.00 38.38 ? 5   ASP A N   1 
ATOM   30   C CA  . ASP A 1 5  ? 8.463   4.905   5.505   1.00 38.48 ? 5   ASP A CA  1 
ATOM   31   C C   . ASP A 1 5  ? 7.398   3.856   5.218   1.00 33.06 ? 5   ASP A C   1 
ATOM   32   O O   . ASP A 1 5  ? 6.206   4.176   5.145   1.00 31.32 ? 5   ASP A O   1 
ATOM   33   C CB  . ASP A 1 5  ? 9.197   5.272   4.219   1.00 35.59 ? 5   ASP A CB  1 
ATOM   34   C CG  . ASP A 1 5  ? 9.946   6.587   4.325   1.00 30.58 ? 5   ASP A CG  1 
ATOM   35   O OD1 . ASP A 1 5  ? 9.774   7.308   5.331   1.00 34.46 ? 5   ASP A OD1 1 
ATOM   36   O OD2 . ASP A 1 5  ? 10.702  6.892   3.380   1.00 33.08 ? 5   ASP A OD2 1 
ATOM   37   N N   . THR A 1 6  ? 7.817   2.606   5.007   1.00 31.88 ? 6   THR A N   1 
ATOM   38   C CA  . THR A 1 6  ? 6.860   1.523   4.826   1.00 29.59 ? 6   THR A CA  1 
ATOM   39   C C   . THR A 1 6  ? 5.918   1.427   6.019   1.00 31.68 ? 6   THR A C   1 
ATOM   40   O O   . THR A 1 6  ? 4.725   1.142   5.861   1.00 25.80 ? 6   THR A O   1 
ATOM   41   C CB  . THR A 1 6  ? 7.596   0.197   4.622   1.00 35.91 ? 6   THR A CB  1 
ATOM   42   O OG1 . THR A 1 6  ? 8.506   0.316   3.524   1.00 35.39 ? 6   THR A OG1 1 
ATOM   43   C CG2 . THR A 1 6  ? 6.603   -0.948  4.329   1.00 29.66 ? 6   THR A CG2 1 
ATOM   44   N N   . ALA A 1 7  ? 6.433   1.669   7.224   1.00 30.63 ? 7   ALA A N   1 
ATOM   45   C CA  . ALA A 1 7  ? 5.579   1.552   8.395   1.00 30.21 ? 7   ALA A CA  1 
ATOM   46   C C   . ALA A 1 7  ? 4.548   2.670   8.431   1.00 28.11 ? 7   ALA A C   1 
ATOM   47   O O   . ALA A 1 7  ? 3.409   2.447   8.855   1.00 23.34 ? 7   ALA A O   1 
ATOM   48   C CB  . ALA A 1 7  ? 6.417   1.533   9.670   1.00 30.57 ? 7   ALA A CB  1 
ATOM   49   N N   . ARG A 1 8  ? 4.920   3.879   7.992   1.00 25.70 ? 8   ARG A N   1 
ATOM   50   C CA  . ARG A 1 8  ? 3.948   4.967   7.953   1.00 24.64 ? 8   ARG A CA  1 
ATOM   51   C C   . ARG A 1 8  ? 2.883   4.746   6.889   1.00 20.71 ? 8   ARG A C   1 
ATOM   52   O O   . ARG A 1 8  ? 1.738   5.179   7.074   1.00 19.16 ? 8   ARG A O   1 
ATOM   53   C CB  . ARG A 1 8  ? 4.628   6.314   7.707   1.00 27.20 ? 8   ARG A CB  1 
ATOM   54   C CG  . ARG A 1 8  ? 5.861   6.577   8.544   1.00 33.12 ? 8   ARG A CG  1 
ATOM   55   C CD  . ARG A 1 8  ? 6.246   8.062   8.547   1.00 43.62 ? 8   ARG A CD  1 
ATOM   56   N NE  . ARG A 1 8  ? 6.610   8.509   9.888   1.00 46.68 ? 8   ARG A NE  1 
ATOM   57   C CZ  . ARG A 1 8  ? 5.743   8.948   10.796  1.00 49.33 ? 8   ARG A CZ  1 
ATOM   58   N NH1 . ARG A 1 8  ? 4.447   9.056   10.525  1.00 53.61 ? 8   ARG A NH1 1 
ATOM   59   N NH2 . ARG A 1 8  ? 6.184   9.282   12.006  1.00 47.36 ? 8   ARG A NH2 1 
ATOM   60   N N   . VAL A 1 9  ? 3.245   4.137   5.756   1.00 22.50 ? 9   VAL A N   1 
ATOM   61   C CA  . VAL A 1 9  ? 2.246   3.832   4.730   1.00 20.10 ? 9   VAL A CA  1 
ATOM   62   C C   . VAL A 1 9  ? 1.288   2.764   5.240   1.00 20.05 ? 9   VAL A C   1 
ATOM   63   O O   . VAL A 1 9  ? 0.078   2.816   4.984   1.00 16.77 ? 9   VAL A O   1 
ATOM   64   C CB  . VAL A 1 9  ? 2.935   3.387   3.423   1.00 24.86 ? 9   VAL A CB  1 
ATOM   65   C CG1 . VAL A 1 9  ? 1.897   2.865   2.385   1.00 24.50 ? 9   VAL A CG1 1 
ATOM   66   C CG2 . VAL A 1 9  ? 3.792   4.530   2.840   1.00 24.62 ? 9   VAL A CG2 1 
ATOM   67   N N   . LEU A 1 10 ? 1.818   1.763   5.939   1.00 18.02 ? 10  LEU A N   1 
ATOM   68   C CA  . LEU A 1 10 ? 0.960   0.699   6.447   1.00 18.30 ? 10  LEU A CA  1 
ATOM   69   C C   . LEU A 1 10 ? 0.015   1.235   7.513   1.00 15.82 ? 10  LEU A C   1 
ATOM   70   O O   . LEU A 1 10 ? -1.146  0.821   7.579   1.00 15.49 ? 10  LEU A O   1 
ATOM   71   C CB  . LEU A 1 10 ? 1.812   -0.455  6.991   1.00 16.95 ? 10  LEU A CB  1 
ATOM   72   C CG  . LEU A 1 10 ? 2.671   -1.223  5.980   1.00 22.55 ? 10  LEU A CG  1 
ATOM   73   C CD1 . LEU A 1 10 ? 3.545   -2.273  6.681   1.00 21.91 ? 10  LEU A CD1 1 
ATOM   74   C CD2 . LEU A 1 10 ? 1.816   -1.875  4.922   1.00 22.69 ? 10  LEU A CD2 1 
ATOM   75   N N   . LEU A 1 11 ? 0.487   2.166   8.353   1.00 16.32 ? 11  LEU A N   1 
ATOM   76   C CA  . LEU A 1 11 ? -0.407  2.778   9.334   1.00 15.72 ? 11  LEU A CA  1 
ATOM   77   C C   . LEU A 1 11 ? -1.558  3.505   8.653   1.00 15.97 ? 11  LEU A C   1 
ATOM   78   O O   . LEU A 1 11 ? -2.700  3.461   9.127   1.00 11.66 ? 11  LEU A O   1 
ATOM   79   C CB  . LEU A 1 11 ? 0.361   3.743   10.239  1.00 20.03 ? 11  LEU A CB  1 
ATOM   80   C CG  . LEU A 1 11 ? -0.541  4.582   11.152  1.00 24.36 ? 11  LEU A CG  1 
ATOM   81   C CD1 . LEU A 1 11 ? -1.324  3.687   12.115  1.00 23.79 ? 11  LEU A CD1 1 
ATOM   82   C CD2 . LEU A 1 11 ? 0.269   5.622   11.922  1.00 28.35 ? 11  LEU A CD2 1 
ATOM   83   N N   . ILE A 1 12 ? -1.273  4.206   7.559   1.00 13.63 ? 12  ILE A N   1 
ATOM   84   C CA  . ILE A 1 12 ? -2.328  4.915   6.843   1.00 13.70 ? 12  ILE A CA  1 
ATOM   85   C C   . ILE A 1 12 ? -3.326  3.918   6.258   1.00 13.30 ? 12  ILE A C   1 
ATOM   86   O O   . ILE A 1 12 ? -4.539  4.173   6.241   1.00 13.75 ? 12  ILE A O   1 
ATOM   87   C CB  . ILE A 1 12 ? -1.701  5.822   5.759   1.00 15.87 ? 12  ILE A CB  1 
ATOM   88   C CG1 . ILE A 1 12 ? -1.006  7.022   6.402   1.00 17.93 ? 12  ILE A CG1 1 
ATOM   89   C CG2 . ILE A 1 12 ? -2.747  6.321   4.728   1.00 13.46 ? 12  ILE A CG2 1 
ATOM   90   C CD1 . ILE A 1 12 ? -0.156  7.824   5.400   1.00 18.26 ? 12  ILE A CD1 1 
ATOM   91   N N   . MET A 1 13 ? -2.833  2.764   5.788   1.00 14.15 ? 13  MET A N   1 
ATOM   92   C CA  . MET A 1 13 ? -3.722  1.701   5.314   1.00 14.99 ? 13  MET A CA  1 
ATOM   93   C C   . MET A 1 13 ? -4.634  1.211   6.426   1.00 13.09 ? 13  MET A C   1 
ATOM   94   O O   . MET A 1 13 ? -5.843  1.050   6.224   1.00 9.91  ? 13  MET A O   1 
ATOM   95   C CB  . MET A 1 13 ? -2.916  0.527   4.761   1.00 15.81 ? 13  MET A CB  1 
ATOM   96   C CG  . MET A 1 13 ? -2.087  0.829   3.530   1.00 18.60 ? 13  MET A CG  1 
ATOM   97   S SD  . MET A 1 13 ? -1.514  -0.709  2.746   1.00 23.82 ? 13  MET A SD  1 
ATOM   98   C CE  . MET A 1 13 ? -2.978  -1.717  2.686   1.00 18.64 ? 13  MET A CE  1 
ATOM   99   N N   . VAL A 1 14 ? -4.065  0.972   7.616   1.00 11.30 ? 14  VAL A N   1 
ATOM   100  C CA  . VAL A 1 14 ? -4.859  0.566   8.775   1.00 11.95 ? 14  VAL A CA  1 
ATOM   101  C C   . VAL A 1 14 ? -5.990  1.552   9.006   1.00 10.25 ? 14  VAL A C   1 
ATOM   102  O O   . VAL A 1 14 ? -7.154  1.173   9.176   1.00 11.60 ? 14  VAL A O   1 
ATOM   103  C CB  . VAL A 1 14 ? -3.957  0.427   10.020  1.00 10.51 ? 14  VAL A CB  1 
ATOM   104  C CG1 . VAL A 1 14 ? -4.802  0.311   11.299  1.00 15.32 ? 14  VAL A CG1 1 
ATOM   105  C CG2 . VAL A 1 14 ? -3.045  -0.797  9.884   1.00 11.97 ? 14  VAL A CG2 1 
ATOM   106  N N   . ARG A 1 15 ? -5.670  2.838   8.989   1.00 13.00 ? 15  ARG A N   1 
ATOM   107  C CA  . ARG A 1 15 ? -6.674  3.843   9.299   1.00 12.41 ? 15  ARG A CA  1 
ATOM   108  C C   . ARG A 1 15 ? -7.773  3.854   8.241   1.00 14.52 ? 15  ARG A C   1 
ATOM   109  O O   . ARG A 1 15 ? -8.971  3.914   8.565   1.00 12.66 ? 15  ARG A O   1 
ATOM   110  C CB  . ARG A 1 15 ? -5.992  5.215   9.422   1.00 13.73 ? 15  ARG A CB  1 
ATOM   111  C CG  . ARG A 1 15 ? -6.954  6.396   9.506   1.00 20.11 ? 15  ARG A CG  1 
ATOM   112  C CD  . ARG A 1 15 ? -6.245  7.746   9.713   1.00 21.13 ? 15  ARG A CD  1 
ATOM   113  N NE  . ARG A 1 15 ? -5.300  7.710   10.825  1.00 20.81 ? 15  ARG A NE  1 
ATOM   114  C CZ  . ARG A 1 15 ? -3.985  7.650   10.677  1.00 24.93 ? 15  ARG A CZ  1 
ATOM   115  N NH1 . ARG A 1 15 ? -3.427  7.655   9.478   1.00 20.37 ? 15  ARG A NH1 1 
ATOM   116  N NH2 . ARG A 1 15 ? -3.211  7.573   11.759  1.00 24.56 ? 15  ARG A NH2 1 
ATOM   117  N N   . SER A 1 16 ? -7.373  3.792   6.968   1.00 12.29 ? 16  SER A N   1 
ATOM   118  C CA  . SER A 1 16 ? -8.325  3.787   5.859   1.00 12.11 ? 16  SER A CA  1 
ATOM   119  C C   . SER A 1 16 ? -9.175  2.519   5.848   1.00 9.06  ? 16  SER A C   1 
ATOM   120  O O   . SER A 1 16 ? -10.376 2.575   5.565   1.00 10.19 ? 16  SER A O   1 
ATOM   121  C CB  . SER A 1 16 ? -7.568  3.899   4.539   1.00 17.11 ? 16  SER A CB  1 
ATOM   122  O OG  . SER A 1 16 ? -6.861  5.116   4.492   1.00 21.09 ? 16  SER A OG  1 
ATOM   123  N N   . LEU A 1 17 ? -8.569  1.367   6.133   1.00 9.29  ? 17  LEU A N   1 
ATOM   124  C CA  . LEU A 1 17 ? -9.328  0.113   6.143   1.00 10.07 ? 17  LEU A CA  1 
ATOM   125  C C   . LEU A 1 17 ? -10.391 0.102   7.233   1.00 9.51  ? 17  LEU A C   1 
ATOM   126  O O   . LEU A 1 17 ? -11.490 -0.450  7.041   1.00 10.22 ? 17  LEU A O   1 
ATOM   127  C CB  . LEU A 1 17 ? -8.382  -1.074  6.316   1.00 8.53  ? 17  LEU A CB  1 
ATOM   128  C CG  . LEU A 1 17 ? -7.551  -1.407  5.083   1.00 11.62 ? 17  LEU A CG  1 
ATOM   129  C CD1 . LEU A 1 17 ? -6.328  -2.207  5.514   1.00 11.73 ? 17  LEU A CD1 1 
ATOM   130  C CD2 . LEU A 1 17 ? -8.366  -2.193  4.044   1.00 11.22 ? 17  LEU A CD2 1 
ATOM   131  N N   . LEU A 1 18 ? -10.074 0.670   8.396   1.00 9.57  ? 18  LEU A N   1 
ATOM   132  C CA  . LEU A 1 18 ? -11.073 0.812   9.445   1.00 11.83 ? 18  LEU A CA  1 
ATOM   133  C C   . LEU A 1 18 ? -12.187 1.746   9.004   1.00 13.17 ? 18  LEU A C   1 
ATOM   134  O O   . LEU A 1 18 ? -13.368 1.486   9.275   1.00 11.42 ? 18  LEU A O   1 
ATOM   135  C CB  . LEU A 1 18 ? -10.422 1.332   10.734  1.00 15.25 ? 18  LEU A CB  1 
ATOM   136  C CG  . LEU A 1 18 ? -9.381  0.398   11.363  1.00 12.67 ? 18  LEU A CG  1 
ATOM   137  C CD1 . LEU A 1 18 ? -8.538  1.167   12.376  1.00 14.58 ? 18  LEU A CD1 1 
ATOM   138  C CD2 . LEU A 1 18 ? -10.076 -0.838  11.995  1.00 11.69 ? 18  LEU A CD2 1 
ATOM   139  N N   . LYS A 1 19 ? -11.829 2.840   8.317   1.00 12.67 ? 19  LYS A N   1 
ATOM   140  C CA  . LYS A 1 19 ? -12.825 3.800   7.839   1.00 12.27 ? 19  LYS A CA  1 
ATOM   141  C C   . LYS A 1 19 ? -13.846 3.164   6.903   1.00 14.40 ? 19  LYS A C   1 
ATOM   142  O O   . LYS A 1 19 ? -15.021 3.578   6.882   1.00 13.75 ? 19  LYS A O   1 
ATOM   143  C CB  . LYS A 1 19 ? -12.139 4.968   7.120   1.00 12.69 ? 19  LYS A CB  1 
ATOM   144  C CG  . LYS A 1 19 ? -12.935 6.253   7.169   1.00 14.82 ? 19  LYS A CG  1 
ATOM   145  C CD  . LYS A 1 19 ? -12.741 6.978   8.492   1.00 19.38 ? 19  LYS A CD  1 
ATOM   146  C CE  . LYS A 1 19 ? -13.585 8.238   8.550   1.00 25.10 ? 19  LYS A CE  1 
ATOM   147  N NZ  . LYS A 1 19 ? -13.517 8.948   9.876   1.00 22.24 ? 19  LYS A NZ  1 
ATOM   148  N N   . ILE A 1 20 ? -13.434 2.183   6.109   1.00 11.02 ? 20  ILE A N   1 
ATOM   149  C CA  . ILE A 1 20 ? -14.388 1.514   5.224   1.00 10.64 ? 20  ILE A CA  1 
ATOM   150  C C   . ILE A 1 20 ? -14.934 0.252   5.893   1.00 13.73 ? 20  ILE A C   1 
ATOM   151  O O   . ILE A 1 20 ? -15.453 -0.645  5.227   1.00 17.09 ? 20  ILE A O   1 
ATOM   152  C CB  . ILE A 1 20 ? -13.763 1.208   3.847   1.00 13.89 ? 20  ILE A CB  1 
ATOM   153  C CG1 . ILE A 1 20 ? -12.563 0.275   3.962   1.00 11.93 ? 20  ILE A CG1 1 
ATOM   154  C CG2 . ILE A 1 20 ? -13.319 2.514   3.165   1.00 12.20 ? 20  ILE A CG2 1 
ATOM   155  C CD1 . ILE A 1 20 ? -12.227 -0.433  2.639   1.00 12.48 ? 20  ILE A CD1 1 
ATOM   156  N N   . GLY A 1 21 ? -14.847 0.179   7.217   1.00 14.02 ? 21  GLY A N   1 
ATOM   157  C CA  . GLY A 1 21 ? -15.481 -0.931  7.907   1.00 14.37 ? 21  GLY A CA  1 
ATOM   158  C C   . GLY A 1 21 ? -14.835 -2.285  7.689   1.00 16.04 ? 21  GLY A C   1 
ATOM   159  O O   . GLY A 1 21 ? -15.535 -3.308  7.700   1.00 14.21 ? 21  GLY A O   1 
ATOM   160  N N   . ASN A 1 22 ? -13.517 -2.339  7.499   1.00 13.44 ? 22  ASN A N   1 
ATOM   161  C CA  . ASN A 1 22 ? -12.825 -3.613  7.304   1.00 14.43 ? 22  ASN A CA  1 
ATOM   162  C C   . ASN A 1 22 ? -11.709 -3.762  8.336   1.00 12.76 ? 22  ASN A C   1 
ATOM   163  O O   . ASN A 1 22 ? -10.520 -3.719  7.993   1.00 10.94 ? 22  ASN A O   1 
ATOM   164  C CB  . ASN A 1 22 ? -12.269 -3.751  5.888   1.00 10.84 ? 22  ASN A CB  1 
ATOM   165  C CG  . ASN A 1 22 ? -11.989 -5.196  5.526   1.00 18.08 ? 22  ASN A CG  1 
ATOM   166  O OD1 . ASN A 1 22 ? -11.298 -5.890  6.260   1.00 16.94 ? 22  ASN A OD1 1 
ATOM   167  N ND2 . ASN A 1 22 ? -12.541 -5.665  4.403   1.00 22.42 ? 22  ASN A ND2 1 
ATOM   168  N N   . PRO A 1 23 ? -12.059 -3.957  9.615   1.00 16.28 ? 23  PRO A N   1 
ATOM   169  C CA  . PRO A 1 23 ? -11.015 -4.186  10.621  1.00 10.08 ? 23  PRO A CA  1 
ATOM   170  C C   . PRO A 1 23 ? -10.271 -5.490  10.429  1.00 13.31 ? 23  PRO A C   1 
ATOM   171  O O   . PRO A 1 23 ? -9.149  -5.607  10.929  1.00 9.19  ? 23  PRO A O   1 
ATOM   172  C CB  . PRO A 1 23 ? -11.797 -4.192  11.948  1.00 12.40 ? 23  PRO A CB  1 
ATOM   173  C CG  . PRO A 1 23 ? -13.198 -4.646  11.544  1.00 11.99 ? 23  PRO A CG  1 
ATOM   174  C CD  . PRO A 1 23 ? -13.415 -3.987  10.209  1.00 12.90 ? 23  PRO A CD  1 
ATOM   175  N N   . GLU A 1 24 ? -10.860 -6.490  9.763   1.00 10.21 ? 24  GLU A N   1 
ATOM   176  C CA  . GLU A 1 24 ? -10.122 -7.728  9.559   1.00 13.83 ? 24  GLU A CA  1 
ATOM   177  C C   . GLU A 1 24 ? -8.922  -7.500  8.639   1.00 13.69 ? 24  GLU A C   1 
ATOM   178  O O   . GLU A 1 24 ? -7.840  -8.040  8.893   1.00 15.31 ? 24  GLU A O   1 
ATOM   179  C CB  . GLU A 1 24 ? -11.055 -8.840  9.045   1.00 11.38 ? 24  GLU A CB  1 
ATOM   180  C CG  . GLU A 1 24 ? -11.663 -8.619  7.654   1.00 13.66 ? 24  GLU A CG  1 
ATOM   181  C CD  . GLU A 1 24 ? -12.938 -7.782  7.677   1.00 13.02 ? 24  GLU A CD  1 
ATOM   182  O OE1 . GLU A 1 24 ? -13.173 -7.023  8.648   1.00 15.15 ? 24  GLU A OE1 1 
ATOM   183  O OE2 . GLU A 1 24 ? -13.735 -7.899  6.722   1.00 16.87 ? 24  GLU A OE2 1 
ATOM   184  N N   . ASP A 1 25 ? -9.068  -6.645  7.610   1.00 12.76 ? 25  ASP A N   1 
ATOM   185  C CA  . ASP A 1 25 ? -7.923  -6.333  6.747   1.00 11.61 ? 25  ASP A CA  1 
ATOM   186  C C   . ASP A 1 25 ? -6.952  -5.397  7.438   1.00 14.18 ? 25  ASP A C   1 
ATOM   187  O O   . ASP A 1 25 ? -5.731  -5.552  7.288   1.00 13.78 ? 25  ASP A O   1 
ATOM   188  C CB  . ASP A 1 25 ? -8.384  -5.724  5.417   1.00 13.25 ? 25  ASP A CB  1 
ATOM   189  C CG  . ASP A 1 25 ? -8.945  -6.772  4.474   1.00 17.06 ? 25  ASP A CG  1 
ATOM   190  O OD1 . ASP A 1 25 ? -8.944  -7.958  4.868   1.00 17.09 ? 25  ASP A OD1 1 
ATOM   191  O OD2 . ASP A 1 25 ? -9.394  -6.428  3.361   1.00 15.25 ? 25  ASP A OD2 1 
ATOM   192  N N   . ALA A 1 26 ? -7.474  -4.423  8.201   1.00 11.76 ? 26  ALA A N   1 
ATOM   193  C CA  . ALA A 1 26 ? -6.603  -3.575  9.007   1.00 11.39 ? 26  ALA A CA  1 
ATOM   194  C C   . ALA A 1 26 ? -5.738  -4.406  9.942   1.00 13.35 ? 26  ALA A C   1 
ATOM   195  O O   . ALA A 1 26 ? -4.558  -4.100  10.137  1.00 11.73 ? 26  ALA A O   1 
ATOM   196  C CB  . ALA A 1 26 ? -7.427  -2.574  9.806   1.00 13.09 ? 26  ALA A CB  1 
ATOM   197  N N   . GLU A 1 27 ? -6.314  -5.457  10.540  1.00 14.15 ? 27  GLU A N   1 
ATOM   198  C CA  . GLU A 1 27 ? -5.561  -6.284  11.485  1.00 14.78 ? 27  GLU A CA  1 
ATOM   199  C C   . GLU A 1 27 ? -4.476  -7.089  10.775  1.00 15.13 ? 27  GLU A C   1 
ATOM   200  O O   . GLU A 1 27 ? -3.380  -7.288  11.322  1.00 14.94 ? 27  GLU A O   1 
ATOM   201  C CB  . GLU A 1 27 ? -6.521  -7.197  12.261  1.00 13.51 ? 27  GLU A CB  1 
ATOM   202  C CG  . GLU A 1 27 ? -5.825  -8.248  13.167  1.00 17.16 ? 27  GLU A CG  1 
ATOM   203  C CD  . GLU A 1 27 ? -4.870  -7.636  14.190  1.00 15.63 ? 27  GLU A CD  1 
ATOM   204  O OE1 . GLU A 1 27 ? -5.047  -6.465  14.573  1.00 18.78 ? 27  GLU A OE1 1 
ATOM   205  O OE2 . GLU A 1 27 ? -3.914  -8.323  14.603  1.00 23.89 ? 27  GLU A OE2 1 
ATOM   206  N N   . GLU A 1 28 ? -4.749  -7.530  9.546   1.00 13.89 ? 28  GLU A N   1 
ATOM   207  C CA  . GLU A 1 28 ? -3.724  -8.176  8.733   1.00 18.92 ? 28  GLU A CA  1 
ATOM   208  C C   . GLU A 1 28 ? -2.533  -7.248  8.511   1.00 17.22 ? 28  GLU A C   1 
ATOM   209  O O   . GLU A 1 28 ? -1.380  -7.692  8.525   1.00 17.32 ? 28  GLU A O   1 
ATOM   210  C CB  . GLU A 1 28 ? -4.349  -8.614  7.402   1.00 20.86 ? 28  GLU A CB  1 
ATOM   211  C CG  . GLU A 1 28 ? -3.542  -9.577  6.503   1.00 35.25 ? 28  GLU A CG  1 
ATOM   212  C CD  . GLU A 1 28 ? -2.747  -10.638 7.265   1.00 40.77 ? 28  GLU A CD  1 
ATOM   213  O OE1 . GLU A 1 28 ? -3.345  -11.352 8.103   1.00 37.69 ? 28  GLU A OE1 1 
ATOM   214  O OE2 . GLU A 1 28 ? -1.532  -10.787 6.991   1.00 39.64 ? 28  GLU A OE2 1 
ATOM   215  N N   . VAL A 1 29 ? -2.792  -5.951  8.311   1.00 14.28 ? 29  VAL A N   1 
ATOM   216  C CA  . VAL A 1 29 ? -1.713  -4.981  8.101   1.00 16.91 ? 29  VAL A CA  1 
ATOM   217  C C   . VAL A 1 29 ? -0.976  -4.681  9.408   1.00 18.27 ? 29  VAL A C   1 
ATOM   218  O O   . VAL A 1 29 ? 0.252   -4.491  9.412   1.00 18.74 ? 29  VAL A O   1 
ATOM   219  C CB  . VAL A 1 29 ? -2.271  -3.698  7.458   1.00 15.66 ? 29  VAL A CB  1 
ATOM   220  C CG1 . VAL A 1 29 ? -1.179  -2.638  7.332   1.00 14.66 ? 29  VAL A CG1 1 
ATOM   221  C CG2 . VAL A 1 29 ? -2.903  -4.019  6.089   1.00 14.53 ? 29  VAL A CG2 1 
ATOM   222  N N   . VAL A 1 30 ? -1.702  -4.610  10.528  1.00 17.11 ? 30  VAL A N   1 
ATOM   223  C CA  . VAL A 1 30 ? -1.049  -4.476  11.834  1.00 16.90 ? 30  VAL A CA  1 
ATOM   224  C C   . VAL A 1 30 ? 0.007   -5.558  12.006  1.00 19.35 ? 30  VAL A C   1 
ATOM   225  O O   . VAL A 1 30 ? 1.103   -5.303  12.515  1.00 19.74 ? 30  VAL A O   1 
ATOM   226  C CB  . VAL A 1 30 ? -2.086  -4.527  12.975  1.00 15.51 ? 30  VAL A CB  1 
ATOM   227  C CG1 . VAL A 1 30 ? -1.393  -4.636  14.340  1.00 22.85 ? 30  VAL A CG1 1 
ATOM   228  C CG2 . VAL A 1 30 ? -2.979  -3.302  12.962  1.00 14.90 ? 30  VAL A CG2 1 
ATOM   229  N N   . LYS A 1 31 ? -0.308  -6.783  11.582  1.00 22.31 ? 31  LYS A N   1 
ATOM   230  C CA  . LYS A 1 31 ? 0.639   -7.887  11.720  1.00 25.29 ? 31  LYS A CA  1 
ATOM   231  C C   . LYS A 1 31 ? 1.927   -7.592  10.961  1.00 29.70 ? 31  LYS A C   1 
ATOM   232  O O   . LYS A 1 31 ? 3.025   -7.963  11.402  1.00 23.81 ? 31  LYS A O   1 
ATOM   233  C CB  . LYS A 1 31 ? 0.011   -9.187  11.210  1.00 24.83 ? 31  LYS A CB  1 
ATOM   234  C CG  . LYS A 1 31 ? -1.046  -9.835  12.121  1.00 25.09 ? 31  LYS A CG  1 
ATOM   235  C CD  . LYS A 1 31 ? -1.679  -11.053 11.407  1.00 30.53 ? 31  LYS A CD  1 
ATOM   236  C CE  . LYS A 1 31 ? -3.010  -11.534 12.049  1.00 39.08 ? 31  LYS A CE  1 
ATOM   237  N NZ  . LYS A 1 31 ? -4.243  -11.279 11.187  1.00 30.06 ? 31  LYS A NZ  1 
ATOM   238  N N   . MET A 1 32 ? 1.813   -6.917  9.811   1.00 25.34 ? 32  MET A N   1 
ATOM   239  C CA  . MET A 1 32 ? 3.003   -6.583  9.034   1.00 26.81 ? 32  MET A CA  1 
ATOM   240  C C   . MET A 1 32 ? 3.824   -5.509  9.713   1.00 29.35 ? 32  MET A C   1 
ATOM   241  O O   . MET A 1 32 ? 5.060   -5.575  9.707   1.00 30.58 ? 32  MET A O   1 
ATOM   242  C CB  . MET A 1 32 ? 2.613   -6.135  7.636   1.00 23.28 ? 32  MET A CB  1 
ATOM   243  C CG  . MET A 1 32 ? 1.930   -7.209  6.921   1.00 26.01 ? 32  MET A CG  1 
ATOM   244  S SD  . MET A 1 32 ? 1.252   -6.598  5.402   1.00 34.22 ? 32  MET A SD  1 
ATOM   245  C CE  . MET A 1 32 ? 0.629   -8.139  4.742   1.00 27.45 ? 32  MET A CE  1 
ATOM   246  N N   . ILE A 1 33 ? 3.161   -4.502  10.285  1.00 25.55 ? 33  ILE A N   1 
ATOM   247  C CA  . ILE A 1 33 ? 3.881   -3.487  11.049  1.00 26.72 ? 33  ILE A CA  1 
ATOM   248  C C   . ILE A 1 33 ? 4.607   -4.131  12.221  1.00 34.41 ? 33  ILE A C   1 
ATOM   249  O O   . ILE A 1 33 ? 5.723   -3.735  12.583  1.00 33.75 ? 33  ILE A O   1 
ATOM   250  C CB  . ILE A 1 33 ? 2.912   -2.393  11.518  1.00 25.05 ? 33  ILE A CB  1 
ATOM   251  C CG1 . ILE A 1 33 ? 2.107   -1.849  10.332  1.00 23.19 ? 33  ILE A CG1 1 
ATOM   252  C CG2 . ILE A 1 33 ? 3.665   -1.278  12.210  1.00 27.94 ? 33  ILE A CG2 1 
ATOM   253  C CD1 . ILE A 1 33 ? 1.107   -0.789  10.730  1.00 19.16 ? 33  ILE A CD1 1 
ATOM   254  N N   . GLU A 1 34 ? 3.986   -5.142  12.826  1.00 34.13 ? 34  GLU A N   1 
ATOM   255  C CA  . GLU A 1 34 ? 4.598   -5.821  13.960  1.00 35.38 ? 34  GLU A CA  1 
ATOM   256  C C   . GLU A 1 34 ? 5.855   -6.578  13.537  1.00 37.40 ? 34  GLU A C   1 
ATOM   257  O O   . GLU A 1 34 ? 6.878   -6.530  14.228  1.00 38.05 ? 34  GLU A O   1 
ATOM   258  C CB  . GLU A 1 34 ? 3.572   -6.755  14.589  1.00 36.51 ? 34  GLU A CB  1 
ATOM   259  C CG  . GLU A 1 34 ? 4.128   -7.737  15.574  1.00 44.14 ? 34  GLU A CG  1 
ATOM   260  C CD  . GLU A 1 34 ? 3.175   -8.879  15.794  1.00 49.36 ? 34  GLU A CD  1 
ATOM   261  O OE1 . GLU A 1 34 ? 1.951   -8.671  15.601  1.00 40.86 ? 34  GLU A OE1 1 
ATOM   262  O OE2 . GLU A 1 34 ? 3.648   -9.977  16.162  1.00 55.87 ? 34  GLU A OE2 1 
ATOM   263  N N   . GLU A 1 35 ? 5.804   -7.270  12.398  1.00 35.18 ? 35  GLU A N   1 
ATOM   264  C CA  . GLU A 1 35 ? 6.997   -7.955  11.912  1.00 42.86 ? 35  GLU A CA  1 
ATOM   265  C C   . GLU A 1 35 ? 8.049   -6.973  11.418  1.00 43.27 ? 35  GLU A C   1 
ATOM   266  O O   . GLU A 1 35 ? 9.243   -7.292  11.424  1.00 46.40 ? 35  GLU A O   1 
ATOM   267  C CB  . GLU A 1 35 ? 6.633   -8.950  10.810  1.00 41.95 ? 35  GLU A CB  1 
ATOM   268  C CG  . GLU A 1 35 ? 6.306   -10.349 11.340  1.00 52.60 ? 35  GLU A CG  1 
ATOM   269  C CD  . GLU A 1 35 ? 7.233   -10.790 12.479  1.00 54.44 ? 35  GLU A CD  1 
ATOM   270  O OE1 . GLU A 1 35 ? 8.478   -10.696 12.335  1.00 54.51 ? 35  GLU A OE1 1 
ATOM   271  O OE2 . GLU A 1 35 ? 6.709   -11.223 13.529  1.00 53.65 ? 35  GLU A OE2 1 
ATOM   272  N N   . LEU A 1 36 ? 7.626   -5.787  10.978  1.00 38.75 ? 36  LEU A N   1 
ATOM   273  C CA  . LEU A 1 36 ? 8.570   -4.719  10.683  1.00 37.78 ? 36  LEU A CA  1 
ATOM   274  C C   . LEU A 1 36 ? 9.265   -4.247  11.949  1.00 42.60 ? 36  LEU A C   1 
ATOM   275  O O   . LEU A 1 36 ? 10.479  -4.001  11.945  1.00 43.69 ? 36  LEU A O   1 
ATOM   276  C CB  . LEU A 1 36 ? 7.843   -3.552  10.015  1.00 37.30 ? 36  LEU A CB  1 
ATOM   277  C CG  . LEU A 1 36 ? 8.557   -2.672  8.988   1.00 38.24 ? 36  LEU A CG  1 
ATOM   278  C CD1 . LEU A 1 36 ? 9.594   -3.463  8.226   1.00 39.81 ? 36  LEU A CD1 1 
ATOM   279  C CD2 . LEU A 1 36 ? 7.534   -2.050  8.044   1.00 36.74 ? 36  LEU A CD2 1 
ATOM   280  N N   . ALA A 1 37 ? 8.505   -4.104  13.038  1.00 37.73 ? 37  ALA A N   1 
ATOM   281  C CA  . ALA A 1 37 ? 9.080   -3.694  14.312  1.00 43.11 ? 37  ALA A CA  1 
ATOM   282  C C   . ALA A 1 37 ? 10.021  -4.754  14.862  1.00 42.74 ? 37  ALA A C   1 
ATOM   283  O O   . ALA A 1 37 ? 10.986  -4.423  15.559  1.00 45.11 ? 37  ALA A O   1 
ATOM   284  C CB  . ALA A 1 37 ? 7.968   -3.387  15.319  1.00 37.03 ? 37  ALA A CB  1 
ATOM   285  N N   . ARG A 1 38 ? 9.766   -6.024  14.545  1.00 43.89 ? 38  ARG A N   1 
ATOM   286  C CA  . ARG A 1 38 ? 10.635  -7.106  14.993  1.00 46.66 ? 38  ARG A CA  1 
ATOM   287  C C   . ARG A 1 38 ? 11.946  -7.114  14.219  1.00 47.60 ? 38  ARG A C   1 
ATOM   288  O O   . ARG A 1 38 ? 13.027  -7.199  14.813  1.00 51.67 ? 38  ARG A O   1 
ATOM   289  C CB  . ARG A 1 38 ? 9.915   -8.447  14.839  1.00 45.27 ? 38  ARG A CB  1 
ATOM   290  C CG  . ARG A 1 38 ? 9.981   -9.347  16.059  1.00 53.90 ? 38  ARG A CG  1 
ATOM   291  C CD  . ARG A 1 38 ? 8.769   -10.275 16.135  1.00 52.79 ? 38  ARG A CD  1 
ATOM   292  N NE  . ARG A 1 38 ? 7.537   -9.578  16.499  1.00 53.22 ? 38  ARG A NE  1 
ATOM   293  C CZ  . ARG A 1 38 ? 7.269   -9.093  17.706  1.00 57.63 ? 38  ARG A CZ  1 
ATOM   294  N NH1 . ARG A 1 38 ? 8.138   -9.190  18.700  1.00 56.84 ? 38  ARG A NH1 1 
ATOM   295  N NH2 . ARG A 1 38 ? 6.097   -8.502  17.925  1.00 51.74 ? 38  ARG A NH2 1 
ATOM   296  N N   . ARG A 1 39 ? 11.870  -7.041  12.888  1.00 49.08 ? 39  ARG A N   1 
ATOM   297  C CA  . ARG A 1 39 ? 13.076  -7.106  12.067  1.00 51.29 ? 39  ARG A CA  1 
ATOM   298  C C   . ARG A 1 39 ? 14.021  -5.958  12.399  1.00 53.65 ? 39  ARG A C   1 
ATOM   299  O O   . ARG A 1 39 ? 15.206  -6.174  12.679  1.00 57.64 ? 39  ARG A O   1 
ATOM   300  C CB  . ARG A 1 39 ? 12.704  -7.095  10.585  1.00 52.53 ? 39  ARG A CB  1 
ATOM   301  C CG  . ARG A 1 39 ? 12.578  -8.478  9.972   1.00 55.87 ? 39  ARG A CG  1 
ATOM   302  C CD  . ARG A 1 39 ? 11.471  -8.533  8.933   1.00 59.76 ? 39  ARG A CD  1 
ATOM   303  N NE  . ARG A 1 39 ? 11.878  -7.937  7.666   1.00 65.37 ? 39  ARG A NE  1 
ATOM   304  C CZ  . ARG A 1 39 ? 11.056  -7.317  6.827   1.00 65.83 ? 39  ARG A CZ  1 
ATOM   305  N NH1 . ARG A 1 39 ? 9.766   -7.181  7.094   1.00 57.82 ? 39  ARG A NH1 1 
ATOM   306  N NH2 . ARG A 1 39 ? 11.541  -6.824  5.689   1.00 62.88 ? 39  ARG A NH2 1 
ATOM   307  N N   . THR A 1 40 ? 13.512  -4.732  12.383  1.00 50.69 ? 40  THR A N   1 
ATOM   308  C CA  . THR A 1 40 ? 14.291  -3.590  12.833  1.00 48.05 ? 40  THR A CA  1 
ATOM   309  C C   . THR A 1 40 ? 14.284  -3.571  14.357  1.00 52.22 ? 40  THR A C   1 
ATOM   310  O O   . THR A 1 40 ? 13.838  -4.515  15.014  1.00 55.20 ? 40  THR A O   1 
ATOM   311  C CB  . THR A 1 40 ? 13.729  -2.296  12.251  1.00 45.85 ? 40  THR A CB  1 
ATOM   312  O OG1 . THR A 1 40 ? 12.565  -1.904  12.992  1.00 43.96 ? 40  THR A OG1 1 
ATOM   313  C CG2 . THR A 1 40 ? 13.354  -2.493  10.793  1.00 43.35 ? 40  THR A CG2 1 
ATOM   314  N N   . ASN A 1 41 ? 14.778  -2.484  14.942  1.00 56.13 ? 41  ASN A N   1 
ATOM   315  C CA  . ASN A 1 41 ? 14.605  -2.251  16.368  1.00 51.92 ? 41  ASN A CA  1 
ATOM   316  C C   . ASN A 1 41 ? 14.172  -0.817  16.607  1.00 53.45 ? 41  ASN A C   1 
ATOM   317  O O   . ASN A 1 41 ? 14.530  -0.209  17.622  1.00 57.42 ? 41  ASN A O   1 
ATOM   318  C CB  . ASN A 1 41 ? 15.880  -2.564  17.145  1.00 60.29 ? 41  ASN A CB  1 
ATOM   319  C CG  . ASN A 1 41 ? 15.609  -3.373  18.395  1.00 62.58 ? 41  ASN A CG  1 
ATOM   320  O OD1 . ASN A 1 41 ? 14.470  -3.460  18.852  1.00 61.58 ? 41  ASN A OD1 1 
ATOM   321  N ND2 . ASN A 1 41 ? 16.656  -3.980  18.952  1.00 62.19 ? 41  ASN A ND2 1 
ATOM   322  N N   . ASP A 1 42 ? 13.391  -0.274  15.687  1.00 49.51 ? 42  ASP A N   1 
ATOM   323  C CA  . ASP A 1 42 ? 13.151  1.161   15.640  1.00 42.49 ? 42  ASP A CA  1 
ATOM   324  C C   . ASP A 1 42 ? 12.027  1.543   16.598  1.00 47.02 ? 42  ASP A C   1 
ATOM   325  O O   . ASP A 1 42 ? 10.910  1.029   16.462  1.00 46.39 ? 42  ASP A O   1 
ATOM   326  C CB  . ASP A 1 42 ? 12.809  1.559   14.206  1.00 44.89 ? 42  ASP A CB  1 
ATOM   327  C CG  . ASP A 1 42 ? 12.944  3.037   13.962  1.00 43.93 ? 42  ASP A CG  1 
ATOM   328  O OD1 . ASP A 1 42 ? 12.408  3.829   14.769  1.00 44.58 ? 42  ASP A OD1 1 
ATOM   329  O OD2 . ASP A 1 42 ? 13.587  3.412   12.962  1.00 44.63 ? 42  ASP A OD2 1 
ATOM   330  N N   . PRO A 1 43 ? 12.266  2.442   17.562  1.00 47.39 ? 43  PRO A N   1 
ATOM   331  C CA  . PRO A 1 43 ? 11.177  2.866   18.452  1.00 49.04 ? 43  PRO A CA  1 
ATOM   332  C C   . PRO A 1 43 ? 10.141  3.752   17.776  1.00 44.62 ? 43  PRO A C   1 
ATOM   333  O O   . PRO A 1 43 ? 9.065   3.953   18.355  1.00 45.92 ? 43  PRO A O   1 
ATOM   334  C CB  . PRO A 1 43 ? 11.917  3.595   19.575  1.00 46.10 ? 43  PRO A CB  1 
ATOM   335  C CG  . PRO A 1 43 ? 13.229  4.060   18.954  1.00 47.75 ? 43  PRO A CG  1 
ATOM   336  C CD  . PRO A 1 43 ? 13.422  3.357   17.634  1.00 48.28 ? 43  PRO A CD  1 
ATOM   337  N N   . GLU A 1 44 ? 10.424  4.283   16.583  1.00 41.97 ? 44  GLU A N   1 
ATOM   338  C CA  . GLU A 1 44 ? 9.393   4.973   15.812  1.00 44.13 ? 44  GLU A CA  1 
ATOM   339  C C   . GLU A 1 44 ? 8.427   3.974   15.174  1.00 40.32 ? 44  GLU A C   1 
ATOM   340  O O   . GLU A 1 44 ? 7.203   4.144   15.250  1.00 35.66 ? 44  GLU A O   1 
ATOM   341  C CB  . GLU A 1 44 ? 10.052  5.863   14.755  1.00 46.80 ? 44  GLU A CB  1 
ATOM   342  C CG  . GLU A 1 44 ? 9.118   6.511   13.726  1.00 45.00 ? 44  GLU A CG  1 
ATOM   343  C CD  . GLU A 1 44 ? 8.015   7.350   14.335  1.00 50.74 ? 44  GLU A CD  1 
ATOM   344  O OE1 . GLU A 1 44 ? 7.017   7.605   13.622  1.00 50.46 ? 44  GLU A OE1 1 
ATOM   345  O OE2 . GLU A 1 44 ? 8.128   7.754   15.517  1.00 48.89 ? 44  GLU A OE2 1 
ATOM   346  N N   . ILE A 1 45 ? 8.967   2.919   14.557  1.00 35.70 ? 45  ILE A N   1 
ATOM   347  C CA  . ILE A 1 45 ? 8.147   1.815   14.063  1.00 36.61 ? 45  ILE A CA  1 
ATOM   348  C C   . ILE A 1 45 ? 7.395   1.150   15.206  1.00 36.77 ? 45  ILE A C   1 
ATOM   349  O O   . ILE A 1 45 ? 6.272   0.657   15.025  1.00 36.55 ? 45  ILE A O   1 
ATOM   350  C CB  . ILE A 1 45 ? 9.029   0.806   13.299  1.00 33.84 ? 45  ILE A CB  1 
ATOM   351  C CG1 . ILE A 1 45 ? 9.761   1.504   12.151  1.00 38.52 ? 45  ILE A CG1 1 
ATOM   352  C CG2 . ILE A 1 45 ? 8.210   -0.381  12.783  1.00 33.14 ? 45  ILE A CG2 1 
ATOM   353  C CD1 . ILE A 1 45 ? 10.468  0.561   11.209  1.00 29.16 ? 45  ILE A CD1 1 
ATOM   354  N N   . ARG A 1 46 ? 7.990   1.128   16.400  1.00 37.43 ? 46  ARG A N   1 
ATOM   355  C CA  . ARG A 1 46 ? 7.261   0.658   17.573  1.00 36.96 ? 46  ARG A CA  1 
ATOM   356  C C   . ARG A 1 46 ? 6.108   1.586   17.906  1.00 33.46 ? 46  ARG A C   1 
ATOM   357  O O   . ARG A 1 46 ? 5.002   1.127   18.208  1.00 34.90 ? 46  ARG A O   1 
ATOM   358  C CB  . ARG A 1 46 ? 8.203   0.541   18.771  1.00 44.94 ? 46  ARG A CB  1 
ATOM   359  C CG  . ARG A 1 46 ? 9.262   -0.535  18.624  1.00 50.54 ? 46  ARG A CG  1 
ATOM   360  C CD  . ARG A 1 46 ? 9.746   -1.057  19.971  1.00 58.04 ? 46  ARG A CD  1 
ATOM   361  N NE  . ARG A 1 46 ? 11.065  -1.671  19.856  1.00 63.13 ? 46  ARG A NE  1 
ATOM   362  C CZ  . ARG A 1 46 ? 12.215  -1.033  20.035  1.00 59.35 ? 46  ARG A CZ  1 
ATOM   363  N NH1 . ARG A 1 46 ? 12.253  0.242   20.384  1.00 54.90 ? 46  ARG A NH1 1 
ATOM   364  N NH2 . ARG A 1 46 ? 13.357  -1.696  19.861  1.00 59.53 ? 46  ARG A NH2 1 
ATOM   365  N N   . ARG A 1 47 ? 6.350   2.899   17.870  1.00 32.37 ? 47  ARG A N   1 
ATOM   366  C CA  . ARG A 1 47 ? 5.280   3.846   18.160  1.00 35.52 ? 47  ARG A CA  1 
ATOM   367  C C   . ARG A 1 47 ? 4.139   3.705   17.159  1.00 31.98 ? 47  ARG A C   1 
ATOM   368  O O   . ARG A 1 47 ? 2.961   3.724   17.541  1.00 30.58 ? 47  ARG A O   1 
ATOM   369  C CB  . ARG A 1 47 ? 5.826   5.275   18.165  1.00 40.51 ? 47  ARG A CB  1 
ATOM   370  C CG  . ARG A 1 47 ? 4.793   6.336   18.523  1.00 41.43 ? 47  ARG A CG  1 
ATOM   371  C CD  . ARG A 1 47 ? 5.363   7.744   18.373  1.00 47.32 ? 47  ARG A CD  1 
ATOM   372  N NE  . ARG A 1 47 ? 5.382   8.177   16.981  1.00 53.55 ? 47  ARG A NE  1 
ATOM   373  C CZ  . ARG A 1 47 ? 4.362   8.758   16.363  1.00 53.70 ? 47  ARG A CZ  1 
ATOM   374  N NH1 . ARG A 1 47 ? 3.218   8.995   16.989  1.00 50.80 ? 47  ARG A NH1 1 
ATOM   375  N NH2 . ARG A 1 47 ? 4.489   9.108   15.085  1.00 54.03 ? 47  ARG A NH2 1 
ATOM   376  N N   . LEU A 1 48 ? 4.470   3.560   15.875  1.00 31.22 ? 48  LEU A N   1 
ATOM   377  C CA  . LEU A 1 48 ? 3.434   3.409   14.855  1.00 29.59 ? 48  LEU A CA  1 
ATOM   378  C C   . LEU A 1 48 ? 2.636   2.133   15.071  1.00 25.67 ? 48  LEU A C   1 
ATOM   379  O O   . LEU A 1 48 ? 1.416   2.117   14.872  1.00 27.86 ? 48  LEU A O   1 
ATOM   380  C CB  . LEU A 1 48 ? 4.065   3.410   13.461  1.00 25.26 ? 48  LEU A CB  1 
ATOM   381  C CG  . LEU A 1 48 ? 4.740   4.733   13.074  1.00 31.82 ? 48  LEU A CG  1 
ATOM   382  C CD1 . LEU A 1 48 ? 5.913   4.479   12.146  1.00 29.32 ? 48  LEU A CD1 1 
ATOM   383  C CD2 . LEU A 1 48 ? 3.762   5.741   12.470  1.00 32.53 ? 48  LEU A CD2 1 
ATOM   384  N N   . LEU A 1 49 ? 3.313   1.048   15.460  1.00 24.12 ? 49  LEU A N   1 
ATOM   385  C CA  . LEU A 1 49 ? 2.619   -0.201  15.756  1.00 28.21 ? 49  LEU A CA  1 
ATOM   386  C C   . LEU A 1 49 ? 1.576   -0.002  16.851  1.00 30.33 ? 49  LEU A C   1 
ATOM   387  O O   . LEU A 1 49 ? 0.429   -0.452  16.729  1.00 27.00 ? 49  LEU A O   1 
ATOM   388  C CB  . LEU A 1 49 ? 3.633   -1.275  16.159  1.00 29.08 ? 49  LEU A CB  1 
ATOM   389  C CG  . LEU A 1 49 ? 3.085   -2.628  16.624  1.00 30.43 ? 49  LEU A CG  1 
ATOM   390  C CD1 . LEU A 1 49 ? 2.007   -3.132  15.672  1.00 31.48 ? 49  LEU A CD1 1 
ATOM   391  C CD2 . LEU A 1 49 ? 4.209   -3.643  16.749  1.00 31.88 ? 49  LEU A CD2 1 
ATOM   392  N N   . GLU A 1 50 ? 1.958   0.683   17.931  1.00 29.03 ? 50  GLU A N   1 
ATOM   393  C CA  . GLU A 1 50 ? 1.032   0.905   19.036  1.00 30.12 ? 50  GLU A CA  1 
ATOM   394  C C   . GLU A 1 50 ? -0.143  1.767   18.602  1.00 27.13 ? 50  GLU A C   1 
ATOM   395  O O   . GLU A 1 50 ? -1.289  1.495   18.973  1.00 23.14 ? 50  GLU A O   1 
ATOM   396  C CB  . GLU A 1 50 ? 1.767   1.547   20.216  1.00 26.17 ? 50  GLU A CB  1 
ATOM   397  C CG  . GLU A 1 50 ? 2.581   0.561   21.044  1.00 35.67 ? 50  GLU A CG  1 
ATOM   398  C CD  . GLU A 1 50 ? 1.782   -0.665  21.481  1.00 45.24 ? 50  GLU A CD  1 
ATOM   399  O OE1 . GLU A 1 50 ? 0.890   -0.508  22.350  1.00 47.15 ? 50  GLU A OE1 1 
ATOM   400  O OE2 . GLU A 1 50 ? 2.049   -1.784  20.970  1.00 39.71 ? 50  GLU A OE2 1 
ATOM   401  N N   . GLU A 1 51 ? 0.120   2.815   17.816  1.00 25.67 ? 51  GLU A N   1 
ATOM   402  C CA  . GLU A 1 51 ? -0.981  3.628   17.305  1.00 30.08 ? 51  GLU A CA  1 
ATOM   403  C C   . GLU A 1 51 ? -1.917  2.787   16.444  1.00 23.03 ? 51  GLU A C   1 
ATOM   404  O O   . GLU A 1 51 ? -3.140  2.902   16.552  1.00 26.49 ? 51  GLU A O   1 
ATOM   405  C CB  . GLU A 1 51 ? -0.453  4.823   16.508  1.00 28.44 ? 51  GLU A CB  1 
ATOM   406  C CG  . GLU A 1 51 ? -1.427  5.998   16.545  1.00 36.77 ? 51  GLU A CG  1 
ATOM   407  C CD  . GLU A 1 51 ? -1.289  6.972   15.386  1.00 44.51 ? 51  GLU A CD  1 
ATOM   408  O OE1 . GLU A 1 51 ? -0.143  7.371   15.055  1.00 43.59 ? 51  GLU A OE1 1 
ATOM   409  O OE2 . GLU A 1 51 ? -2.345  7.358   14.824  1.00 41.23 ? 51  GLU A OE2 1 
ATOM   410  N N   . ALA A 1 52 ? -1.350  1.932   15.597  1.00 21.69 ? 52  ALA A N   1 
ATOM   411  C CA  . ALA A 1 52 ? -2.155  1.054   14.752  1.00 25.51 ? 52  ALA A CA  1 
ATOM   412  C C   . ALA A 1 52 ? -3.009  0.106   15.590  1.00 25.57 ? 52  ALA A C   1 
ATOM   413  O O   . ALA A 1 52 ? -4.227  0.001   15.388  1.00 22.72 ? 52  ALA A O   1 
ATOM   414  C CB  . ALA A 1 52 ? -1.239  0.268   13.811  1.00 23.98 ? 52  ALA A CB  1 
ATOM   415  N N   . ARG A 1 53 ? -2.379  -0.598  16.533  1.00 27.11 ? 53  ARG A N   1 
ATOM   416  C CA  . ARG A 1 53 ? -3.124  -1.461  17.444  1.00 25.61 ? 53  ARG A CA  1 
ATOM   417  C C   . ARG A 1 53 ? -4.246  -0.699  18.133  1.00 20.62 ? 53  ARG A C   1 
ATOM   418  O O   . ARG A 1 53 ? -5.351  -1.229  18.314  1.00 22.95 ? 53  ARG A O   1 
ATOM   419  C CB  . ARG A 1 53 ? -2.176  -2.068  18.482  1.00 28.25 ? 53  ARG A CB  1 
ATOM   420  C CG  . ARG A 1 53 ? -1.328  -3.225  17.971  1.00 29.27 ? 53  ARG A CG  1 
ATOM   421  C CD  . ARG A 1 53 ? -0.288  -3.666  19.030  1.00 31.49 ? 53  ARG A CD  1 
ATOM   422  N NE  . ARG A 1 53 ? 0.383   -4.901  18.641  1.00 41.26 ? 53  ARG A NE  1 
ATOM   423  C CZ  . ARG A 1 53 ? 1.595   -5.263  19.041  1.00 40.95 ? 53  ARG A CZ  1 
ATOM   424  N NH1 . ARG A 1 53 ? 2.310   -4.502  19.852  1.00 36.66 ? 53  ARG A NH1 1 
ATOM   425  N NH2 . ARG A 1 53 ? 2.102   -6.418  18.613  1.00 39.63 ? 53  ARG A NH2 1 
ATOM   426  N N   . LYS A 1 54 ? -3.988  0.560   18.503  1.00 23.47 ? 54  LYS A N   1 
ATOM   427  C CA  . LYS A 1 54 ? -4.970  1.351   19.244  1.00 25.24 ? 54  LYS A CA  1 
ATOM   428  C C   . LYS A 1 54 ? -6.173  1.707   18.378  1.00 26.81 ? 54  LYS A C   1 
ATOM   429  O O   . LYS A 1 54 ? -7.324  1.653   18.841  1.00 19.26 ? 54  LYS A O   1 
ATOM   430  C CB  . LYS A 1 54 ? -4.305  2.616   19.793  1.00 29.48 ? 54  LYS A CB  1 
ATOM   431  C CG  . LYS A 1 54 ? -5.250  3.573   20.533  1.00 32.29 ? 54  LYS A CG  1 
ATOM   432  C CD  . LYS A 1 54 ? -4.464  4.621   21.329  1.00 41.95 ? 54  LYS A CD  1 
ATOM   433  C CE  . LYS A 1 54 ? -5.252  5.915   21.530  1.00 41.38 ? 54  LYS A CE  1 
ATOM   434  N NZ  . LYS A 1 54 ? -6.724  5.706   21.421  1.00 41.99 ? 54  LYS A NZ  1 
ATOM   435  N N   . LEU A 1 55 ? -5.934  2.075   17.117  1.00 21.75 ? 55  LEU A N   1 
ATOM   436  C CA  . LEU A 1 55 ? -7.043  2.356   16.209  1.00 18.83 ? 55  LEU A CA  1 
ATOM   437  C C   . LEU A 1 55 ? -7.891  1.112   15.970  1.00 16.01 ? 55  LEU A C   1 
ATOM   438  O O   . LEU A 1 55 ? -9.112  1.205   15.824  1.00 15.44 ? 55  LEU A O   1 
ATOM   439  C CB  . LEU A 1 55 ? -6.504  2.895   14.883  1.00 21.17 ? 55  LEU A CB  1 
ATOM   440  C CG  . LEU A 1 55 ? -5.832  4.271   14.941  1.00 26.25 ? 55  LEU A CG  1 
ATOM   441  C CD1 . LEU A 1 55 ? -5.175  4.621   13.618  1.00 28.28 ? 55  LEU A CD1 1 
ATOM   442  C CD2 . LEU A 1 55 ? -6.846  5.335   15.322  1.00 25.04 ? 55  LEU A CD2 1 
ATOM   443  N N   . VAL A 1 56 ? -7.261  -0.055  15.924  1.00 14.32 ? 56  VAL A N   1 
ATOM   444  C CA  . VAL A 1 56 ? -7.953  -1.278  15.529  1.00 19.56 ? 56  VAL A CA  1 
ATOM   445  C C   . VAL A 1 56 ? -8.825  -1.826  16.648  1.00 21.48 ? 56  VAL A C   1 
ATOM   446  O O   . VAL A 1 56 ? -9.933  -2.316  16.365  1.00 21.44 ? 56  VAL A O   1 
ATOM   447  C CB  . VAL A 1 56 ? -6.956  -2.344  15.055  1.00 17.95 ? 56  VAL A CB  1 
ATOM   448  C CG1 . VAL A 1 56 ? -7.653  -3.673  14.909  1.00 19.13 ? 56  VAL A CG1 1 
ATOM   449  C CG2 . VAL A 1 56 ? -6.335  -1.928  13.705  1.00 11.92 ? 56  VAL A CG2 1 
ATOM   450  N N   . GLU B 1 2  ? 9.382   -8.516  2.211   1.00 41.56 ? 2   GLU B N   1 
ATOM   451  C CA  . GLU B 1 2  ? 9.004   -9.839  1.719   1.00 40.60 ? 2   GLU B CA  1 
ATOM   452  C C   . GLU B 1 2  ? 7.961   -9.744  0.601   1.00 40.42 ? 2   GLU B C   1 
ATOM   453  O O   . GLU B 1 2  ? 7.018   -8.946  0.665   1.00 37.21 ? 2   GLU B O   1 
ATOM   454  C CB  . GLU B 1 2  ? 8.484   -10.711 2.867   1.00 38.53 ? 2   GLU B CB  1 
ATOM   455  C CG  . GLU B 1 2  ? 7.929   -12.066 2.455   1.00 41.57 ? 2   GLU B CG  1 
ATOM   456  C CD  . GLU B 1 2  ? 9.009   -13.125 2.220   1.00 53.44 ? 2   GLU B CD  1 
ATOM   457  O OE1 . GLU B 1 2  ? 10.118  -12.777 1.758   1.00 55.19 ? 2   GLU B OE1 1 
ATOM   458  O OE2 . GLU B 1 2  ? 8.739   -14.320 2.484   1.00 52.12 ? 2   GLU B OE2 1 
ATOM   459  N N   . ASP B 1 3  ? 8.142   -10.577 -0.425  1.00 38.97 ? 3   ASP B N   1 
ATOM   460  C CA  . ASP B 1 3  ? 7.254   -10.546 -1.582  1.00 36.37 ? 3   ASP B CA  1 
ATOM   461  C C   . ASP B 1 3  ? 5.855   -11.047 -1.231  1.00 36.99 ? 3   ASP B C   1 
ATOM   462  O O   . ASP B 1 3  ? 4.860   -10.537 -1.761  1.00 28.71 ? 3   ASP B O   1 
ATOM   463  C CB  . ASP B 1 3  ? 7.855   -11.379 -2.714  1.00 38.77 ? 3   ASP B CB  1 
ATOM   464  C CG  . ASP B 1 3  ? 9.334   -11.093 -2.924  1.00 46.56 ? 3   ASP B CG  1 
ATOM   465  O OD1 . ASP B 1 3  ? 9.789   -9.989  -2.550  1.00 49.24 ? 3   ASP B OD1 1 
ATOM   466  O OD2 . ASP B 1 3  ? 10.040  -11.974 -3.470  1.00 52.75 ? 3   ASP B OD2 1 
ATOM   467  N N   . ARG B 1 4  ? 5.764   -12.051 -0.349  1.00 34.92 ? 4   ARG B N   1 
ATOM   468  C CA  . ARG B 1 4  ? 4.461   -12.550 0.084   1.00 35.85 ? 4   ARG B CA  1 
ATOM   469  C C   . ARG B 1 4  ? 3.681   -11.486 0.847   1.00 30.51 ? 4   ARG B C   1 
ATOM   470  O O   . ARG B 1 4  ? 2.460   -11.359 0.675   1.00 28.53 ? 4   ARG B O   1 
ATOM   471  C CB  . ARG B 1 4  ? 4.636   -13.801 0.942   1.00 38.01 ? 4   ARG B CB  1 
ATOM   472  C CG  . ARG B 1 4  ? 4.605   -15.089 0.151   1.00 38.50 ? 4   ARG B CG  1 
ATOM   473  C CD  . ARG B 1 4  ? 5.399   -16.172 0.840   1.00 47.12 ? 4   ARG B CD  1 
ATOM   474  N NE  . ARG B 1 4  ? 4.615   -17.387 1.022   1.00 55.35 ? 4   ARG B NE  1 
ATOM   475  C CZ  . ARG B 1 4  ? 5.082   -18.505 1.562   1.00 56.45 ? 4   ARG B CZ  1 
ATOM   476  N NH1 . ARG B 1 4  ? 6.340   -18.602 1.966   1.00 61.91 ? 4   ARG B NH1 1 
ATOM   477  N NH2 . ARG B 1 4  ? 4.269   -19.551 1.701   1.00 52.95 ? 4   ARG B NH2 1 
ATOM   478  N N   . ASP B 1 5  ? 4.360   -10.727 1.709   1.00 31.09 ? 5   ASP B N   1 
ATOM   479  C CA  . ASP B 1 5  ? 3.709   -9.623  2.405   1.00 31.74 ? 5   ASP B CA  1 
ATOM   480  C C   . ASP B 1 5  ? 3.220   -8.570  1.422   1.00 29.60 ? 5   ASP B C   1 
ATOM   481  O O   . ASP B 1 5  ? 2.126   -8.013  1.584   1.00 28.33 ? 5   ASP B O   1 
ATOM   482  C CB  . ASP B 1 5  ? 4.678   -8.993  3.408   1.00 32.99 ? 5   ASP B CB  1 
ATOM   483  C CG  . ASP B 1 5  ? 4.677   -9.702  4.748   1.00 41.69 ? 5   ASP B CG  1 
ATOM   484  O OD1 . ASP B 1 5  ? 3.811   -10.584 4.959   1.00 41.38 ? 5   ASP B OD1 1 
ATOM   485  O OD2 . ASP B 1 5  ? 5.553   -9.379  5.584   1.00 44.19 ? 5   ASP B OD2 1 
ATOM   486  N N   . THR B 1 6  ? 4.031   -8.268  0.404   1.00 25.95 ? 6   THR B N   1 
ATOM   487  C CA  . THR B 1 6  ? 3.610   -7.338  -0.637  1.00 25.19 ? 6   THR B CA  1 
ATOM   488  C C   . THR B 1 6  ? 2.369   -7.846  -1.361  1.00 23.36 ? 6   THR B C   1 
ATOM   489  O O   . THR B 1 6  ? 1.430   -7.082  -1.603  1.00 21.05 ? 6   THR B O   1 
ATOM   490  C CB  . THR B 1 6  ? 4.761   -7.104  -1.622  1.00 25.60 ? 6   THR B CB  1 
ATOM   491  O OG1 . THR B 1 6  ? 5.845   -6.484  -0.931  1.00 31.51 ? 6   THR B OG1 1 
ATOM   492  C CG2 . THR B 1 6  ? 4.341   -6.199  -2.782  1.00 23.95 ? 6   THR B CG2 1 
ATOM   493  N N   . ALA B 1 7  ? 2.331   -9.139  -1.694  1.00 25.33 ? 7   ALA B N   1 
ATOM   494  C CA  . ALA B 1 7  ? 1.164   -9.665  -2.396  1.00 25.96 ? 7   ALA B CA  1 
ATOM   495  C C   . ALA B 1 7  ? -0.090  -9.594  -1.524  1.00 22.00 ? 7   ALA B C   1 
ATOM   496  O O   . ALA B 1 7  ? -1.192  -9.325  -2.028  1.00 16.84 ? 7   ALA B O   1 
ATOM   497  C CB  . ALA B 1 7  ? 1.428   -11.103 -2.861  1.00 25.54 ? 7   ALA B CB  1 
ATOM   498  N N   . ARG B 1 8  ? 0.057   -9.837  -0.219  1.00 18.51 ? 8   ARG B N   1 
ATOM   499  C CA  . ARG B 1 8  ? -1.075  -9.695  0.691   1.00 20.03 ? 8   ARG B CA  1 
ATOM   500  C C   . ARG B 1 8  ? -1.554  -8.252  0.747   1.00 19.89 ? 8   ARG B C   1 
ATOM   501  O O   . ARG B 1 8  ? -2.766  -7.995  0.766   1.00 18.44 ? 8   ARG B O   1 
ATOM   502  C CB  . ARG B 1 8  ? -0.699  -10.176 2.094   1.00 26.20 ? 8   ARG B CB  1 
ATOM   503  C CG  . ARG B 1 8  ? -0.172  -11.600 2.170   1.00 30.87 ? 8   ARG B CG  1 
ATOM   504  C CD  . ARG B 1 8  ? -0.632  -12.337 3.432   1.00 41.61 ? 8   ARG B CD  1 
ATOM   505  N NE  . ARG B 1 8  ? -1.848  -13.109 3.191   1.00 45.34 ? 8   ARG B NE  1 
ATOM   506  C CZ  . ARG B 1 8  ? -3.078  -12.623 3.306   1.00 38.09 ? 8   ARG B CZ  1 
ATOM   507  N NH1 . ARG B 1 8  ? -3.293  -11.369 3.673   1.00 41.48 ? 8   ARG B NH1 1 
ATOM   508  N NH2 . ARG B 1 8  ? -4.116  -13.411 3.033   1.00 42.34 ? 8   ARG B NH2 1 
ATOM   509  N N   . VAL B 1 9  ? -0.615  -7.296  0.793   1.00 17.43 ? 9   VAL B N   1 
ATOM   510  C CA  . VAL B 1 9  ? -0.984  -5.886  0.788   1.00 18.19 ? 9   VAL B CA  1 
ATOM   511  C C   . VAL B 1 9  ? -1.743  -5.550  -0.486  1.00 18.21 ? 9   VAL B C   1 
ATOM   512  O O   . VAL B 1 9  ? -2.761  -4.855  -0.450  1.00 14.55 ? 9   VAL B O   1 
ATOM   513  C CB  . VAL B 1 9  ? 0.266   -4.993  0.959   1.00 19.70 ? 9   VAL B CB  1 
ATOM   514  C CG1 . VAL B 1 9  ? -0.075  -3.519  0.724   1.00 25.07 ? 9   VAL B CG1 1 
ATOM   515  C CG2 . VAL B 1 9  ? 0.865   -5.180  2.335   1.00 25.88 ? 9   VAL B CG2 1 
ATOM   516  N N   . LEU B 1 10 ? -1.272  -6.057  -1.633  1.00 16.11 ? 10  LEU B N   1 
ATOM   517  C CA  . LEU B 1 10 ? -1.943  -5.750  -2.896  1.00 16.30 ? 10  LEU B CA  1 
ATOM   518  C C   . LEU B 1 10 ? -3.339  -6.367  -2.959  1.00 14.09 ? 10  LEU B C   1 
ATOM   519  O O   . LEU B 1 10 ? -4.274  -5.748  -3.478  1.00 13.50 ? 10  LEU B O   1 
ATOM   520  C CB  . LEU B 1 10 ? -1.090  -6.241  -4.075  1.00 17.47 ? 10  LEU B CB  1 
ATOM   521  C CG  . LEU B 1 10 ? 0.315   -5.640  -4.182  1.00 18.39 ? 10  LEU B CG  1 
ATOM   522  C CD1 . LEU B 1 10 ? 1.114   -6.318  -5.306  1.00 18.37 ? 10  LEU B CD1 1 
ATOM   523  C CD2 . LEU B 1 10 ? 0.256   -4.157  -4.397  1.00 16.61 ? 10  LEU B CD2 1 
ATOM   524  N N   . LEU B 1 11 ? -3.495  -7.603  -2.486  1.00 16.62 ? 11  LEU B N   1 
ATOM   525  C CA  . LEU B 1 11 ? -4.831  -8.187  -2.452  1.00 13.98 ? 11  LEU B CA  1 
ATOM   526  C C   . LEU B 1 11 ? -5.776  -7.328  -1.626  1.00 14.38 ? 11  LEU B C   1 
ATOM   527  O O   . LEU B 1 11 ? -6.914  -7.066  -2.039  1.00 13.95 ? 11  LEU B O   1 
ATOM   528  C CB  . LEU B 1 11 ? -4.775  -9.608  -1.891  1.00 16.31 ? 11  LEU B CB  1 
ATOM   529  C CG  . LEU B 1 11 ? -6.119  -10.289 -1.641  1.00 19.53 ? 11  LEU B CG  1 
ATOM   530  C CD1 . LEU B 1 11 ? -6.943  -10.363 -2.939  1.00 15.69 ? 11  LEU B CD1 1 
ATOM   531  C CD2 . LEU B 1 11 ? -5.920  -11.690 -1.043  1.00 23.44 ? 11  LEU B CD2 1 
ATOM   532  N N   . ILE B 1 12 ? -5.322  -6.884  -0.446  1.00 16.88 ? 12  ILE B N   1 
ATOM   533  C CA  . ILE B 1 12 ? -6.138  -6.011  0.392   1.00 15.22 ? 12  ILE B CA  1 
ATOM   534  C C   . ILE B 1 12 ? -6.512  -4.739  -0.363  1.00 11.80 ? 12  ILE B C   1 
ATOM   535  O O   . ILE B 1 12 ? -7.656  -4.270  -0.287  1.00 10.37 ? 12  ILE B O   1 
ATOM   536  C CB  . ILE B 1 12 ? -5.406  -5.707  1.713   1.00 15.00 ? 12  ILE B CB  1 
ATOM   537  C CG1 . ILE B 1 12 ? -5.351  -6.970  2.580   1.00 15.51 ? 12  ILE B CG1 1 
ATOM   538  C CG2 . ILE B 1 12 ? -6.110  -4.557  2.471   1.00 13.32 ? 12  ILE B CG2 1 
ATOM   539  C CD1 . ILE B 1 12 ? -4.571  -6.792  3.899   1.00 18.49 ? 12  ILE B CD1 1 
ATOM   540  N N   . MET B 1 13 ? -5.571  -4.180  -1.132  1.00 12.04 ? 13  MET B N   1 
ATOM   541  C CA  . MET B 1 13 ? -5.875  -2.996  -1.939  1.00 12.80 ? 13  MET B CA  1 
ATOM   542  C C   . MET B 1 13 ? -6.916  -3.284  -3.015  1.00 11.29 ? 13  MET B C   1 
ATOM   543  O O   . MET B 1 13 ? -7.790  -2.447  -3.271  1.00 9.98  ? 13  MET B O   1 
ATOM   544  C CB  . MET B 1 13 ? -4.602  -2.458  -2.583  1.00 14.26 ? 13  MET B CB  1 
ATOM   545  C CG  . MET B 1 13 ? -3.667  -1.825  -1.601  1.00 14.41 ? 13  MET B CG  1 
ATOM   546  S SD  . MET B 1 13 ? -2.205  -1.132  -2.402  1.00 27.07 ? 13  MET B SD  1 
ATOM   547  C CE  . MET B 1 13 ? -2.964  0.293   -3.204  1.00 17.87 ? 13  MET B CE  1 
ATOM   548  N N   . VAL B 1 14 ? -6.844  -4.456  -3.662  1.00 11.32 ? 14  VAL B N   1 
ATOM   549  C CA  . VAL B 1 14 ? -7.855  -4.829  -4.655  1.00 12.12 ? 14  VAL B CA  1 
ATOM   550  C C   . VAL B 1 14 ? -9.244  -4.823  -4.025  1.00 12.75 ? 14  VAL B C   1 
ATOM   551  O O   . VAL B 1 14 ? -10.190 -4.218  -4.542  1.00 13.04 ? 14  VAL B O   1 
ATOM   552  C CB  . VAL B 1 14 ? -7.540  -6.214  -5.250  1.00 13.78 ? 14  VAL B CB  1 
ATOM   553  C CG1 . VAL B 1 14 ? -8.716  -6.695  -6.087  1.00 15.71 ? 14  VAL B CG1 1 
ATOM   554  C CG2 . VAL B 1 14 ? -6.241  -6.200  -6.055  1.00 15.05 ? 14  VAL B CG2 1 
ATOM   555  N N   . ARG B 1 15 ? -9.390  -5.522  -2.901  1.00 12.72 ? 15  ARG B N   1 
ATOM   556  C CA  . ARG B 1 15 ? -10.674 -5.561  -2.204  1.00 13.13 ? 15  ARG B CA  1 
ATOM   557  C C   . ARG B 1 15 ? -11.149 -4.169  -1.797  1.00 14.03 ? 15  ARG B C   1 
ATOM   558  O O   . ARG B 1 15 ? -12.336 -3.848  -1.932  1.00 15.14 ? 15  ARG B O   1 
ATOM   559  C CB  . ARG B 1 15 ? -10.548 -6.465  -0.981  1.00 14.15 ? 15  ARG B CB  1 
ATOM   560  C CG  . ARG B 1 15 ? -11.851 -6.685  -0.255  1.00 17.51 ? 15  ARG B CG  1 
ATOM   561  C CD  . ARG B 1 15 ? -11.566 -7.510  0.967   1.00 19.69 ? 15  ARG B CD  1 
ATOM   562  N NE  . ARG B 1 15 ? -11.101 -8.831  0.575   1.00 19.61 ? 15  ARG B NE  1 
ATOM   563  C CZ  . ARG B 1 15 ? -9.919  -9.342  0.889   1.00 23.76 ? 15  ARG B CZ  1 
ATOM   564  N NH1 . ARG B 1 15 ? -9.044  -8.669  1.615   1.00 23.76 ? 15  ARG B NH1 1 
ATOM   565  N NH2 . ARG B 1 15 ? -9.605  -10.559 0.455   1.00 27.13 ? 15  ARG B NH2 1 
ATOM   566  N N   . SER B 1 16 ? -10.243 -3.328  -1.289  1.00 10.87 ? 16  SER B N   1 
ATOM   567  C CA  . SER B 1 16 ? -10.621 -1.986  -0.847  1.00 12.47 ? 16  SER B CA  1 
ATOM   568  C C   . SER B 1 16 ? -10.984 -1.087  -2.018  1.00 12.12 ? 16  SER B C   1 
ATOM   569  O O   . SER B 1 16 ? -11.891 -0.255  -1.921  1.00 9.76  ? 16  SER B O   1 
ATOM   570  C CB  . SER B 1 16 ? -9.472  -1.356  -0.051  1.00 12.50 ? 16  SER B CB  1 
ATOM   571  O OG  . SER B 1 16 ? -9.065  -2.239  0.973   1.00 18.74 ? 16  SER B OG  1 
ATOM   572  N N   . LEU B 1 17 ? -10.253 -1.193  -3.113  1.00 10.07 ? 17  LEU B N   1 
ATOM   573  C CA  . LEU B 1 17 ? -10.544 -0.336  -4.255  1.00 10.49 ? 17  LEU B CA  1 
ATOM   574  C C   . LEU B 1 17 ? -11.866 -0.724  -4.895  1.00 12.76 ? 17  LEU B C   1 
ATOM   575  O O   . LEU B 1 17 ? -12.627 0.144   -5.340  1.00 13.55 ? 17  LEU B O   1 
ATOM   576  C CB  . LEU B 1 17 ? -9.405  -0.421  -5.274  1.00 13.77 ? 17  LEU B CB  1 
ATOM   577  C CG  . LEU B 1 17 ? -8.088  0.231   -4.861  1.00 13.60 ? 17  LEU B CG  1 
ATOM   578  C CD1 . LEU B 1 17 ? -6.909  -0.340  -5.690  1.00 13.65 ? 17  LEU B CD1 1 
ATOM   579  C CD2 . LEU B 1 17 ? -8.176  1.734   -5.056  1.00 11.43 ? 17  LEU B CD2 1 
ATOM   580  N N   . LEU B 1 18 ? -12.162 -2.022  -4.952  1.00 11.76 ? 18  LEU B N   1 
ATOM   581  C CA  . LEU B 1 18 ? -13.476 -2.429  -5.444  1.00 13.97 ? 18  LEU B CA  1 
ATOM   582  C C   . LEU B 1 18 ? -14.566 -1.884  -4.537  1.00 13.84 ? 18  LEU B C   1 
ATOM   583  O O   . LEU B 1 18 ? -15.609 -1.414  -5.007  1.00 15.27 ? 18  LEU B O   1 
ATOM   584  C CB  . LEU B 1 18 ? -13.545 -3.951  -5.526  1.00 11.40 ? 18  LEU B CB  1 
ATOM   585  C CG  . LEU B 1 18 ? -12.700 -4.574  -6.644  1.00 13.60 ? 18  LEU B CG  1 
ATOM   586  C CD1 . LEU B 1 18 ? -12.513 -6.081  -6.401  1.00 18.60 ? 18  LEU B CD1 1 
ATOM   587  C CD2 . LEU B 1 18 ? -13.344 -4.311  -8.004  1.00 14.19 ? 18  LEU B CD2 1 
ATOM   588  N N   . LYS B 1 19 ? -14.326 -1.927  -3.223  1.00 12.96 ? 19  LYS B N   1 
ATOM   589  C CA  . LYS B 1 19 ? -15.306 -1.464  -2.243  1.00 14.22 ? 19  LYS B CA  1 
ATOM   590  C C   . LYS B 1 19 ? -15.614 0.030   -2.388  1.00 13.28 ? 19  LYS B C   1 
ATOM   591  O O   . LYS B 1 19 ? -16.768 0.450   -2.253  1.00 15.89 ? 19  LYS B O   1 
ATOM   592  C CB  . LYS B 1 19 ? -14.779 -1.783  -0.841  1.00 15.98 ? 19  LYS B CB  1 
ATOM   593  C CG  . LYS B 1 19 ? -15.547 -1.165  0.282   1.00 23.10 ? 19  LYS B CG  1 
ATOM   594  C CD  . LYS B 1 19 ? -16.403 -2.202  0.941   1.00 29.18 ? 19  LYS B CD  1 
ATOM   595  C CE  . LYS B 1 19 ? -16.977 -1.637  2.221   1.00 32.60 ? 19  LYS B CE  1 
ATOM   596  N NZ  . LYS B 1 19 ? -17.155 -2.650  3.311   1.00 34.26 ? 19  LYS B NZ  1 
ATOM   597  N N   . ILE B 1 20 ? -14.602 0.864   -2.648  1.00 12.48 ? 20  ILE B N   1 
ATOM   598  C CA  . ILE B 1 20 ? -14.868 2.298   -2.798  1.00 13.98 ? 20  ILE B CA  1 
ATOM   599  C C   . ILE B 1 20 ? -15.252 2.662   -4.229  1.00 15.26 ? 20  ILE B C   1 
ATOM   600  O O   . ILE B 1 20 ? -15.436 3.851   -4.533  1.00 15.08 ? 20  ILE B O   1 
ATOM   601  C CB  . ILE B 1 20 ? -13.677 3.168   -2.316  1.00 11.66 ? 20  ILE B CB  1 
ATOM   602  C CG1 . ILE B 1 20 ? -12.424 2.937   -3.156  1.00 10.70 ? 20  ILE B CG1 1 
ATOM   603  C CG2 . ILE B 1 20 ? -13.378 2.917   -0.813  1.00 11.05 ? 20  ILE B CG2 1 
ATOM   604  C CD1 . ILE B 1 20 ? -11.337 4.007   -2.933  1.00 13.99 ? 20  ILE B CD1 1 
ATOM   605  N N   . GLY B 1 21 ? -15.362 1.678   -5.119  1.00 14.09 ? 21  GLY B N   1 
ATOM   606  C CA  . GLY B 1 21 ? -15.874 1.929   -6.452  1.00 14.36 ? 21  GLY B CA  1 
ATOM   607  C C   . GLY B 1 21 ? -14.858 2.410   -7.464  1.00 16.43 ? 21  GLY B C   1 
ATOM   608  O O   . GLY B 1 21 ? -15.196 3.235   -8.315  1.00 19.08 ? 21  GLY B O   1 
ATOM   609  N N   . ASN B 1 22 ? -13.604 1.948   -7.391  1.00 13.45 ? 22  ASN B N   1 
ATOM   610  C CA  . ASN B 1 22 ? -12.640 2.197   -8.463  1.00 15.04 ? 22  ASN B CA  1 
ATOM   611  C C   . ASN B 1 22 ? -12.159 0.828   -8.926  1.00 16.30 ? 22  ASN B C   1 
ATOM   612  O O   . ASN B 1 22 ? -11.067 0.372   -8.544  1.00 12.63 ? 22  ASN B O   1 
ATOM   613  C CB  . ASN B 1 22 ? -11.475 3.088   -8.043  1.00 19.39 ? 22  ASN B CB  1 
ATOM   614  C CG  . ASN B 1 22 ? -10.793 3.765   -9.258  1.00 24.93 ? 22  ASN B CG  1 
ATOM   615  O OD1 . ASN B 1 22 ? -10.648 3.160   -10.340 1.00 19.65 ? 22  ASN B OD1 1 
ATOM   616  N ND2 . ASN B 1 22 ? -10.371 5.025   -9.077  1.00 30.30 ? 22  ASN B ND2 1 
ATOM   617  N N   . PRO B 1 23 ? -12.963 0.132   -9.731  1.00 14.69 ? 23  PRO B N   1 
ATOM   618  C CA  . PRO B 1 23 ? -12.501 -1.143  -10.281 1.00 15.68 ? 23  PRO B CA  1 
ATOM   619  C C   . PRO B 1 23 ? -11.320 -0.970  -11.207 1.00 14.67 ? 23  PRO B C   1 
ATOM   620  O O   . PRO B 1 23 ? -10.519 -1.895  -11.348 1.00 13.35 ? 23  PRO B O   1 
ATOM   621  C CB  . PRO B 1 23 ? -13.733 -1.673  -11.032 1.00 16.19 ? 23  PRO B CB  1 
ATOM   622  C CG  . PRO B 1 23 ? -14.518 -0.449  -11.380 1.00 17.89 ? 23  PRO B CG  1 
ATOM   623  C CD  . PRO B 1 23 ? -14.291 0.514   -10.245 1.00 17.34 ? 23  PRO B CD  1 
ATOM   624  N N   . GLU B 1 24 ? -11.169 0.189   -11.840 1.00 16.76 ? 24  GLU B N   1 
ATOM   625  C CA  . GLU B 1 24 ? -10.037 0.345   -12.745 1.00 19.03 ? 24  GLU B CA  1 
ATOM   626  C C   . GLU B 1 24 ? -8.718  0.337   -11.982 1.00 16.46 ? 24  GLU B C   1 
ATOM   627  O O   . GLU B 1 24 ? -7.748  -0.285  -12.423 1.00 16.65 ? 24  GLU B O   1 
ATOM   628  C CB  . GLU B 1 24 ? -10.191 1.611   -13.572 1.00 16.63 ? 24  GLU B CB  1 
ATOM   629  C CG  . GLU B 1 24 ? -11.288 1.470   -14.630 1.00 26.80 ? 24  GLU B CG  1 
ATOM   630  C CD  . GLU B 1 24 ? -10.889 1.991   -15.993 1.00 36.14 ? 24  GLU B CD  1 
ATOM   631  O OE1 . GLU B 1 24 ? -10.710 3.219   -16.116 1.00 43.77 ? 24  GLU B OE1 1 
ATOM   632  O OE2 . GLU B 1 24 ? -10.782 1.179   -16.946 1.00 37.49 ? 24  GLU B OE2 1 
ATOM   633  N N   . ASP B 1 25 ? -8.672  0.996   -10.823 1.00 14.95 ? 25  ASP B N   1 
ATOM   634  C CA  . ASP B 1 25 ? -7.463  0.948   -10.014 1.00 14.95 ? 25  ASP B CA  1 
ATOM   635  C C   . ASP B 1 25 ? -7.270  -0.446  -9.423  1.00 12.69 ? 25  ASP B C   1 
ATOM   636  O O   . ASP B 1 25 ? -6.137  -0.939  -9.318  1.00 14.03 ? 25  ASP B O   1 
ATOM   637  C CB  . ASP B 1 25 ? -7.533  2.015   -8.913  1.00 15.30 ? 25  ASP B CB  1 
ATOM   638  C CG  . ASP B 1 25 ? -7.143  3.402   -9.410  1.00 17.70 ? 25  ASP B CG  1 
ATOM   639  O OD1 . ASP B 1 25 ? -6.725  3.536   -10.582 1.00 17.55 ? 25  ASP B OD1 1 
ATOM   640  O OD2 . ASP B 1 25 ? -7.261  4.363   -8.624  1.00 17.77 ? 25  ASP B OD2 1 
ATOM   641  N N   . ALA B 1 26 ? -8.369  -1.099  -9.043  1.00 11.75 ? 26  ALA B N   1 
ATOM   642  C CA  . ALA B 1 26 ? -8.299  -2.475  -8.579  1.00 13.72 ? 26  ALA B CA  1 
ATOM   643  C C   . ALA B 1 26 ? -7.648  -3.375  -9.628  1.00 14.64 ? 26  ALA B C   1 
ATOM   644  O O   . ALA B 1 26 ? -6.818  -4.231  -9.295  1.00 14.05 ? 26  ALA B O   1 
ATOM   645  C CB  . ALA B 1 26 ? -9.702  -2.976  -8.226  1.00 12.36 ? 26  ALA B CB  1 
ATOM   646  N N   . GLU B 1 27 ? -8.005  -3.182  -10.901 1.00 12.63 ? 27  GLU B N   1 
ATOM   647  C CA  . GLU B 1 27 ? -7.414  -3.981  -11.970 1.00 15.63 ? 27  GLU B CA  1 
ATOM   648  C C   . GLU B 1 27 ? -5.948  -3.656  -12.174 1.00 15.17 ? 27  GLU B C   1 
ATOM   649  O O   . GLU B 1 27 ? -5.161  -4.544  -12.538 1.00 16.35 ? 27  GLU B O   1 
ATOM   650  C CB  . GLU B 1 27 ? -8.173  -3.751  -13.272 1.00 17.25 ? 27  GLU B CB  1 
ATOM   651  C CG  . GLU B 1 27 ? -9.510  -4.431  -13.289 1.00 20.27 ? 27  GLU B CG  1 
ATOM   652  C CD  . GLU B 1 27 ? -10.538 -3.680  -14.087 1.00 18.88 ? 27  GLU B CD  1 
ATOM   653  O OE1 . GLU B 1 27 ? -10.184 -2.706  -14.813 1.00 21.43 ? 27  GLU B OE1 1 
ATOM   654  O OE2 . GLU B 1 27 ? -11.710 -4.084  -13.990 1.00 22.78 ? 27  GLU B OE2 1 
ATOM   655  N N   . GLU B 1 28 ? -5.562  -2.395  -11.968 1.00 13.40 ? 28  GLU B N   1 
ATOM   656  C CA  . GLU B 1 28 ? -4.152  -2.045  -12.058 1.00 14.74 ? 28  GLU B CA  1 
ATOM   657  C C   . GLU B 1 28 ? -3.346  -2.757  -10.983 1.00 16.34 ? 28  GLU B C   1 
ATOM   658  O O   . GLU B 1 28 ? -2.224  -3.201  -11.239 1.00 15.19 ? 28  GLU B O   1 
ATOM   659  C CB  . GLU B 1 28 ? -3.968  -0.530  -11.971 1.00 15.73 ? 28  GLU B CB  1 
ATOM   660  C CG  . GLU B 1 28 ? -2.515  -0.046  -11.960 1.00 20.23 ? 28  GLU B CG  1 
ATOM   661  C CD  . GLU B 1 28 ? -1.720  -0.432  -13.199 1.00 32.27 ? 28  GLU B CD  1 
ATOM   662  O OE1 . GLU B 1 28 ? -2.329  -0.730  -14.256 1.00 26.59 ? 28  GLU B OE1 1 
ATOM   663  O OE2 . GLU B 1 28 ? -0.467  -0.432  -13.103 1.00 33.32 ? 28  GLU B OE2 1 
ATOM   664  N N   . VAL B 1 29 ? -3.909  -2.901  -9.782  1.00 14.84 ? 29  VAL B N   1 
ATOM   665  C CA  . VAL B 1 29 ? -3.188  -3.581  -8.704  1.00 15.37 ? 29  VAL B CA  1 
ATOM   666  C C   . VAL B 1 29 ? -3.112  -5.080  -8.971  1.00 15.40 ? 29  VAL B C   1 
ATOM   667  O O   . VAL B 1 29 ? -2.092  -5.725  -8.691  1.00 16.87 ? 29  VAL B O   1 
ATOM   668  C CB  . VAL B 1 29 ? -3.836  -3.275  -7.339  1.00 14.05 ? 29  VAL B CB  1 
ATOM   669  C CG1 . VAL B 1 29 ? -3.175  -4.096  -6.237  1.00 12.27 ? 29  VAL B CG1 1 
ATOM   670  C CG2 . VAL B 1 29 ? -3.717  -1.775  -7.033  1.00 14.24 ? 29  VAL B CG2 1 
ATOM   671  N N   . VAL B 1 30 ? -4.170  -5.664  -9.523  1.00 14.38 ? 30  VAL B N   1 
ATOM   672  C CA  . VAL B 1 30 ? -4.054  -7.051  -9.983  1.00 17.14 ? 30  VAL B CA  1 
ATOM   673  C C   . VAL B 1 30 ? -2.892  -7.202  -10.953 1.00 18.67 ? 30  VAL B C   1 
ATOM   674  O O   . VAL B 1 30 ? -2.137  -8.182  -10.893 1.00 20.36 ? 30  VAL B O   1 
ATOM   675  C CB  . VAL B 1 30 ? -5.373  -7.523  -10.608 1.00 17.87 ? 30  VAL B CB  1 
ATOM   676  C CG1 . VAL B 1 30 ? -5.193  -8.898  -11.261 1.00 19.45 ? 30  VAL B CG1 1 
ATOM   677  C CG2 . VAL B 1 30 ? -6.421  -7.583  -9.525  1.00 16.35 ? 30  VAL B CG2 1 
ATOM   678  N N   . LYS B 1 31 ? -2.713  -6.228  -11.848 1.00 17.70 ? 31  LYS B N   1 
ATOM   679  C CA  . LYS B 1 31 ? -1.578  -6.282  -12.767 1.00 19.28 ? 31  LYS B CA  1 
ATOM   680  C C   . LYS B 1 31 ? -0.252  -6.340  -12.016 1.00 23.27 ? 31  LYS B C   1 
ATOM   681  O O   . LYS B 1 31 ? 0.664   -7.077  -12.408 1.00 22.88 ? 31  LYS B O   1 
ATOM   682  C CB  . LYS B 1 31 ? -1.598  -5.084  -13.722 1.00 19.41 ? 31  LYS B CB  1 
ATOM   683  C CG  . LYS B 1 31 ? -0.292  -4.949  -14.522 1.00 23.82 ? 31  LYS B CG  1 
ATOM   684  C CD  . LYS B 1 31 ? -0.375  -3.896  -15.611 1.00 22.29 ? 31  LYS B CD  1 
ATOM   685  C CE  . LYS B 1 31 ? 1.021   -3.532  -16.129 1.00 30.13 ? 31  LYS B CE  1 
ATOM   686  N NZ  . LYS B 1 31 ? 0.963   -2.760  -17.420 1.00 22.55 ? 31  LYS B NZ  1 
ATOM   687  N N   . MET B 1 32 ? -0.138  -5.583  -10.921 1.00 17.73 ? 32  MET B N   1 
ATOM   688  C CA  . MET B 1 32 ? 1.093   -5.587  -10.140 1.00 24.98 ? 32  MET B CA  1 
ATOM   689  C C   . MET B 1 32 ? 1.319   -6.927  -9.462  1.00 23.68 ? 32  MET B C   1 
ATOM   690  O O   . MET B 1 32 ? 2.465   -7.380  -9.348  1.00 23.02 ? 32  MET B O   1 
ATOM   691  C CB  . MET B 1 32 ? 1.040   -4.490  -9.100  1.00 21.00 ? 32  MET B CB  1 
ATOM   692  C CG  . MET B 1 32 ? 0.298   -3.329  -9.606  1.00 31.26 ? 32  MET B CG  1 
ATOM   693  S SD  . MET B 1 32 ? 1.085   -1.829  -9.080  1.00 47.86 ? 32  MET B SD  1 
ATOM   694  C CE  . MET B 1 32 ? 2.350   -1.839  -10.346 1.00 22.59 ? 32  MET B CE  1 
ATOM   695  N N   . ILE B 1 33 ? 0.244   -7.556  -8.978  1.00 17.66 ? 33  ILE B N   1 
ATOM   696  C CA  . ILE B 1 33 ? 0.359   -8.914  -8.452  1.00 19.21 ? 33  ILE B CA  1 
ATOM   697  C C   . ILE B 1 33 ? 0.824   -9.868  -9.553  1.00 22.79 ? 33  ILE B C   1 
ATOM   698  O O   . ILE B 1 33 ? 1.632   -10.776 -9.312  1.00 24.81 ? 33  ILE B O   1 
ATOM   699  C CB  . ILE B 1 33 ? -0.973  -9.364  -7.832  1.00 18.80 ? 33  ILE B CB  1 
ATOM   700  C CG1 . ILE B 1 33 ? -1.453  -8.372  -6.752  1.00 15.58 ? 33  ILE B CG1 1 
ATOM   701  C CG2 . ILE B 1 33 ? -0.831  -10.740 -7.225  1.00 19.56 ? 33  ILE B CG2 1 
ATOM   702  C CD1 . ILE B 1 33 ? -2.831  -8.714  -6.199  1.00 15.02 ? 33  ILE B CD1 1 
ATOM   703  N N   . GLU B 1 34 ? 0.338   -9.665  -10.779 1.00 22.14 ? 34  GLU B N   1 
ATOM   704  C CA  . GLU B 1 34 ? 0.784   -10.488 -11.901 1.00 22.56 ? 34  GLU B CA  1 
ATOM   705  C C   . GLU B 1 34 ? 2.282   -10.335 -12.120 1.00 23.42 ? 34  GLU B C   1 
ATOM   706  O O   . GLU B 1 34 ? 3.009   -11.329 -12.245 1.00 27.78 ? 34  GLU B O   1 
ATOM   707  C CB  . GLU B 1 34 ? 0.007   -10.112 -13.164 1.00 25.78 ? 34  GLU B CB  1 
ATOM   708  C CG  . GLU B 1 34 ? -1.424  -10.615 -13.173 1.00 17.42 ? 34  GLU B CG  1 
ATOM   709  C CD  . GLU B 1 34 ? -2.236  -10.072 -14.349 1.00 21.36 ? 34  GLU B CD  1 
ATOM   710  O OE1 . GLU B 1 34 ? -1.962  -8.950  -14.844 1.00 22.63 ? 34  GLU B OE1 1 
ATOM   711  O OE2 . GLU B 1 34 ? -3.159  -10.771 -14.777 1.00 19.84 ? 34  GLU B OE2 1 
ATOM   712  N N   . GLU B 1 35 ? 2.764   -9.093  -12.143 1.00 22.18 ? 35  GLU B N   1 
ATOM   713  C CA  . GLU B 1 35 ? 4.197   -8.849  -12.256 1.00 28.64 ? 35  GLU B CA  1 
ATOM   714  C C   . GLU B 1 35 ? 4.954   -9.551  -11.139 1.00 34.01 ? 35  GLU B C   1 
ATOM   715  O O   . GLU B 1 35 ? 5.963   -10.227 -11.379 1.00 31.36 ? 35  GLU B O   1 
ATOM   716  C CB  . GLU B 1 35 ? 4.472   -7.347  -12.226 1.00 26.92 ? 35  GLU B CB  1 
ATOM   717  C CG  . GLU B 1 35 ? 4.157   -6.641  -13.529 1.00 25.86 ? 35  GLU B CG  1 
ATOM   718  C CD  . GLU B 1 35 ? 5.204   -6.926  -14.580 1.00 31.58 ? 35  GLU B CD  1 
ATOM   719  O OE1 . GLU B 1 35 ? 6.250   -6.239  -14.542 1.00 30.96 ? 35  GLU B OE1 1 
ATOM   720  O OE2 . GLU B 1 35 ? 4.994   -7.846  -15.423 1.00 30.73 ? 35  GLU B OE2 1 
ATOM   721  N N   . LEU B 1 36 ? 4.475   -9.397  -9.903  1.00 29.62 ? 36  LEU B N   1 
ATOM   722  C CA  . LEU B 1 36 ? 5.088   -10.078 -8.772  1.00 28.83 ? 36  LEU B CA  1 
ATOM   723  C C   . LEU B 1 36 ? 5.006   -11.593 -8.929  1.00 28.76 ? 36  LEU B C   1 
ATOM   724  O O   . LEU B 1 36 ? 5.982   -12.303 -8.665  1.00 36.71 ? 36  LEU B O   1 
ATOM   725  C CB  . LEU B 1 36 ? 4.416   -9.613  -7.473  1.00 27.03 ? 36  LEU B CB  1 
ATOM   726  C CG  . LEU B 1 36 ? 5.024   -10.030 -6.135  1.00 26.15 ? 36  LEU B CG  1 
ATOM   727  C CD1 . LEU B 1 36 ? 6.453   -9.571  -6.014  1.00 28.28 ? 36  LEU B CD1 1 
ATOM   728  C CD2 . LEU B 1 36 ? 4.192   -9.471  -4.982  1.00 26.78 ? 36  LEU B CD2 1 
ATOM   729  N N   . ALA B 1 37 ? 3.859   -12.109 -9.372  1.00 25.25 ? 37  ALA B N   1 
ATOM   730  C CA  . ALA B 1 37 ? 3.731   -13.553 -9.549  1.00 29.93 ? 37  ALA B CA  1 
ATOM   731  C C   . ALA B 1 37 ? 4.697   -14.090 -10.605 1.00 40.49 ? 37  ALA B C   1 
ATOM   732  O O   . ALA B 1 37 ? 5.203   -15.212 -10.472 1.00 36.69 ? 37  ALA B O   1 
ATOM   733  C CB  . ALA B 1 37 ? 2.293   -13.917 -9.914  1.00 29.69 ? 37  ALA B CB  1 
ATOM   734  N N   . ARG B 1 38 ? 4.973   -13.308 -11.651 1.00 36.22 ? 38  ARG B N   1 
ATOM   735  C CA  . ARG B 1 38 ? 5.846   -13.788 -12.719 1.00 35.70 ? 38  ARG B CA  1 
ATOM   736  C C   . ARG B 1 38 ? 7.314   -13.736 -12.311 1.00 34.94 ? 38  ARG B C   1 
ATOM   737  O O   . ARG B 1 38 ? 8.081   -14.648 -12.631 1.00 47.29 ? 38  ARG B O   1 
ATOM   738  C CB  . ARG B 1 38 ? 5.608   -12.975 -13.996 1.00 35.36 ? 38  ARG B CB  1 
ATOM   739  C CG  . ARG B 1 38 ? 4.279   -13.266 -14.683 1.00 31.37 ? 38  ARG B CG  1 
ATOM   740  C CD  . ARG B 1 38 ? 3.977   -12.237 -15.767 1.00 29.54 ? 38  ARG B CD  1 
ATOM   741  N NE  . ARG B 1 38 ? 5.029   -12.161 -16.773 1.00 31.75 ? 38  ARG B NE  1 
ATOM   742  C CZ  . ARG B 1 38 ? 5.051   -12.884 -17.886 1.00 32.09 ? 38  ARG B CZ  1 
ATOM   743  N NH1 . ARG B 1 38 ? 4.083   -13.743 -18.176 1.00 32.32 ? 38  ARG B NH1 1 
ATOM   744  N NH2 . ARG B 1 38 ? 6.077   -12.755 -18.725 1.00 34.97 ? 38  ARG B NH2 1 
ATOM   745  N N   . ARG B 1 39 ? 7.714   -12.684 -11.594 1.00 35.87 ? 39  ARG B N   1 
ATOM   746  C CA  . ARG B 1 39 ? 9.100   -12.527 -11.164 1.00 42.31 ? 39  ARG B CA  1 
ATOM   747  C C   . ARG B 1 39 ? 9.503   -13.566 -10.123 1.00 49.24 ? 39  ARG B C   1 
ATOM   748  O O   . ARG B 1 39 ? 10.683  -13.934 -10.044 1.00 52.49 ? 39  ARG B O   1 
ATOM   749  C CB  . ARG B 1 39 ? 9.303   -11.117 -10.605 1.00 44.54 ? 39  ARG B CB  1 
ATOM   750  C CG  . ARG B 1 39 ? 10.573  -10.929 -9.777  1.00 48.57 ? 39  ARG B CG  1 
ATOM   751  C CD  . ARG B 1 39 ? 10.942  -9.457  -9.650  1.00 48.90 ? 39  ARG B CD  1 
ATOM   752  N NE  . ARG B 1 39 ? 9.765   -8.597  -9.676  1.00 45.06 ? 39  ARG B NE  1 
ATOM   753  C CZ  . ARG B 1 39 ? 9.027   -8.302  -8.613  1.00 50.75 ? 39  ARG B CZ  1 
ATOM   754  N NH1 . ARG B 1 39 ? 9.341   -8.754  -7.406  1.00 50.29 ? 39  ARG B NH1 1 
ATOM   755  N NH2 . ARG B 1 39 ? 7.946   -7.537  -8.764  1.00 46.42 ? 39  ARG B NH2 1 
ATOM   756  N N   . THR B 1 40 ? 8.554   -14.050 -9.327  1.00 47.69 ? 40  THR B N   1 
ATOM   757  C CA  . THR B 1 40 ? 8.840   -14.917 -8.189  1.00 44.12 ? 40  THR B CA  1 
ATOM   758  C C   . THR B 1 40 ? 8.487   -16.375 -8.416  1.00 43.16 ? 40  THR B C   1 
ATOM   759  O O   . THR B 1 40 ? 9.203   -17.255 -7.936  1.00 46.95 ? 40  THR B O   1 
ATOM   760  C CB  . THR B 1 40 ? 8.077   -14.436 -6.948  1.00 40.27 ? 40  THR B CB  1 
ATOM   761  O OG1 . THR B 1 40 ? 6.669   -14.511 -7.203  1.00 34.78 ? 40  THR B OG1 1 
ATOM   762  C CG2 . THR B 1 40 ? 8.469   -13.011 -6.572  1.00 37.32 ? 40  THR B CG2 1 
ATOM   763  N N   . ASN B 1 41 ? 7.378   -16.653 -9.098  1.00 43.83 ? 41  ASN B N   1 
ATOM   764  C CA  . ASN B 1 41 ? 6.812   -18.003 -9.158  1.00 48.74 ? 41  ASN B CA  1 
ATOM   765  C C   . ASN B 1 41 ? 6.597   -18.587 -7.760  1.00 50.69 ? 41  ASN B C   1 
ATOM   766  O O   . ASN B 1 41 ? 6.628   -19.807 -7.573  1.00 55.56 ? 41  ASN B O   1 
ATOM   767  C CB  . ASN B 1 41 ? 7.683   -18.938 -10.009 1.00 54.17 ? 41  ASN B CB  1 
ATOM   768  C CG  . ASN B 1 41 ? 6.882   -20.070 -10.643 1.00 56.94 ? 41  ASN B CG  1 
ATOM   769  O OD1 . ASN B 1 41 ? 5.664   -19.964 -10.827 1.00 58.65 ? 41  ASN B OD1 1 
ATOM   770  N ND2 . ASN B 1 41 ? 7.565   -21.159 -10.981 1.00 60.05 ? 41  ASN B ND2 1 
ATOM   771  N N   . ASP B 1 42 ? 6.372   -17.721 -6.768  1.00 47.60 ? 42  ASP B N   1 
ATOM   772  C CA  . ASP B 1 42 ? 6.055   -18.180 -5.412  1.00 43.28 ? 42  ASP B CA  1 
ATOM   773  C C   . ASP B 1 42 ? 4.643   -18.752 -5.395  1.00 43.44 ? 42  ASP B C   1 
ATOM   774  O O   . ASP B 1 42 ? 3.700   -18.046 -5.771  1.00 40.62 ? 42  ASP B O   1 
ATOM   775  C CB  . ASP B 1 42 ? 6.173   -17.031 -4.407  1.00 44.51 ? 42  ASP B CB  1 
ATOM   776  C CG  . ASP B 1 42 ? 6.060   -17.497 -2.948  1.00 44.10 ? 42  ASP B CG  1 
ATOM   777  O OD1 . ASP B 1 42 ? 5.109   -18.227 -2.596  1.00 48.37 ? 42  ASP B OD1 1 
ATOM   778  O OD2 . ASP B 1 42 ? 6.922   -17.108 -2.141  1.00 46.99 ? 42  ASP B OD2 1 
ATOM   779  N N   . PRO B 1 43 ? 4.449   -20.001 -4.967  1.00 45.46 ? 43  PRO B N   1 
ATOM   780  C CA  . PRO B 1 43 ? 3.101   -20.598 -5.032  1.00 46.09 ? 43  PRO B CA  1 
ATOM   781  C C   . PRO B 1 43 ? 2.063   -19.877 -4.189  1.00 38.96 ? 43  PRO B C   1 
ATOM   782  O O   . PRO B 1 43 ? 0.882   -19.878 -4.553  1.00 40.85 ? 43  PRO B O   1 
ATOM   783  C CB  . PRO B 1 43 ? 3.337   -22.032 -4.534  1.00 43.02 ? 43  PRO B CB  1 
ATOM   784  C CG  . PRO B 1 43 ? 4.772   -22.289 -4.864  1.00 45.30 ? 43  PRO B CG  1 
ATOM   785  C CD  . PRO B 1 43 ? 5.459   -20.989 -4.560  1.00 46.90 ? 43  PRO B CD  1 
ATOM   786  N N   . GLU B 1 44 ? 2.454   -19.268 -3.071  1.00 38.64 ? 44  GLU B N   1 
ATOM   787  C CA  . GLU B 1 44 ? 1.481   -18.521 -2.280  1.00 42.63 ? 44  GLU B CA  1 
ATOM   788  C C   . GLU B 1 44 ? 1.095   -17.217 -2.967  1.00 35.64 ? 44  GLU B C   1 
ATOM   789  O O   . GLU B 1 44 ? -0.068  -16.796 -2.910  1.00 32.09 ? 44  GLU B O   1 
ATOM   790  C CB  . GLU B 1 44 ? 2.024   -18.259 -0.873  1.00 36.71 ? 44  GLU B CB  1 
ATOM   791  C CG  . GLU B 1 44 ? 1.225   -17.226 -0.116  1.00 40.20 ? 44  GLU B CG  1 
ATOM   792  C CD  . GLU B 1 44 ? -0.079  -17.780 0.436   1.00 44.28 ? 44  GLU B CD  1 
ATOM   793  O OE1 . GLU B 1 44 ? -0.495  -18.880 0.017   1.00 48.90 ? 44  GLU B OE1 1 
ATOM   794  O OE2 . GLU B 1 44 ? -0.708  -17.095 1.267   1.00 50.50 ? 44  GLU B OE2 1 
ATOM   795  N N   . ILE B 1 45 ? 2.053   -16.570 -3.634  1.00 35.59 ? 45  ILE B N   1 
ATOM   796  C CA  . ILE B 1 45 ? 1.740   -15.365 -4.390  1.00 33.38 ? 45  ILE B CA  1 
ATOM   797  C C   . ILE B 1 45 ? 0.776   -15.682 -5.526  1.00 30.18 ? 45  ILE B C   1 
ATOM   798  O O   . ILE B 1 45 ? -0.142  -14.905 -5.814  1.00 29.03 ? 45  ILE B O   1 
ATOM   799  C CB  . ILE B 1 45 ? 3.032   -14.709 -4.896  1.00 30.71 ? 45  ILE B CB  1 
ATOM   800  C CG1 . ILE B 1 45 ? 3.806   -14.131 -3.713  1.00 34.66 ? 45  ILE B CG1 1 
ATOM   801  C CG2 . ILE B 1 45 ? 2.704   -13.613 -5.882  1.00 29.68 ? 45  ILE B CG2 1 
ATOM   802  C CD1 . ILE B 1 45 ? 5.127   -13.483 -4.080  1.00 35.19 ? 45  ILE B CD1 1 
ATOM   803  N N   . ARG B 1 46 ? 0.953   -16.832 -6.182  1.00 32.69 ? 46  ARG B N   1 
ATOM   804  C CA  . ARG B 1 46 ? -0.013  -17.242 -7.199  1.00 31.56 ? 46  ARG B CA  1 
ATOM   805  C C   . ARG B 1 46 ? -1.387  -17.523 -6.595  1.00 29.59 ? 46  ARG B C   1 
ATOM   806  O O   . ARG B 1 46 ? -2.412  -17.263 -7.243  1.00 27.20 ? 46  ARG B O   1 
ATOM   807  C CB  . ARG B 1 46 ? 0.510   -18.470 -7.962  1.00 32.58 ? 46  ARG B CB  1 
ATOM   808  C CG  . ARG B 1 46 ? 1.884   -18.257 -8.596  1.00 40.88 ? 46  ARG B CG  1 
ATOM   809  C CD  . ARG B 1 46 ? 2.151   -19.251 -9.717  1.00 50.77 ? 46  ARG B CD  1 
ATOM   810  N NE  . ARG B 1 46 ? 3.266   -20.135 -9.401  1.00 49.19 ? 46  ARG B NE  1 
ATOM   811  C CZ  . ARG B 1 46 ? 3.133   -21.367 -8.928  1.00 49.28 ? 46  ARG B CZ  1 
ATOM   812  N NH1 . ARG B 1 46 ? 1.942   -21.886 -8.673  1.00 45.57 ? 46  ARG B NH1 1 
ATOM   813  N NH2 . ARG B 1 46 ? 4.223   -22.095 -8.699  1.00 55.96 ? 46  ARG B NH2 1 
ATOM   814  N N   . ARG B 1 47 ? -1.441  -18.050 -5.368  1.00 29.69 ? 47  ARG B N   1 
ATOM   815  C CA  . ARG B 1 47 ? -2.733  -18.227 -4.709  1.00 29.47 ? 47  ARG B CA  1 
ATOM   816  C C   . ARG B 1 47 ? -3.389  -16.881 -4.439  1.00 27.10 ? 47  ARG B C   1 
ATOM   817  O O   . ARG B 1 47 ? -4.582  -16.691 -4.700  1.00 27.38 ? 47  ARG B O   1 
ATOM   818  C CB  . ARG B 1 47 ? -2.576  -19.007 -3.400  1.00 32.74 ? 47  ARG B CB  1 
ATOM   819  C CG  . ARG B 1 47 ? -3.916  -19.287 -2.701  1.00 37.18 ? 47  ARG B CG  1 
ATOM   820  C CD  . ARG B 1 47 ? -3.745  -19.765 -1.258  1.00 46.94 ? 47  ARG B CD  1 
ATOM   821  N NE  . ARG B 1 47 ? -3.161  -18.739 -0.400  1.00 48.30 ? 47  ARG B NE  1 
ATOM   822  C CZ  . ARG B 1 47 ? -3.806  -18.107 0.576   1.00 50.71 ? 47  ARG B CZ  1 
ATOM   823  N NH1 . ARG B 1 47 ? -5.069  -18.381 0.860   1.00 47.13 ? 47  ARG B NH1 1 
ATOM   824  N NH2 . ARG B 1 47 ? -3.167  -17.174 1.280   1.00 43.47 ? 47  ARG B NH2 1 
ATOM   825  N N   . LEU B 1 48 ? -2.619  -15.931 -3.917  1.00 26.58 ? 48  LEU B N   1 
ATOM   826  C CA  . LEU B 1 48 ? -3.170  -14.605 -3.671  1.00 27.21 ? 48  LEU B CA  1 
ATOM   827  C C   . LEU B 1 48 ? -3.611  -13.951 -4.978  1.00 23.95 ? 48  LEU B C   1 
ATOM   828  O O   . LEU B 1 48 ? -4.649  -13.279 -5.020  1.00 19.52 ? 48  LEU B O   1 
ATOM   829  C CB  . LEU B 1 48 ? -2.140  -13.750 -2.948  1.00 23.57 ? 48  LEU B CB  1 
ATOM   830  C CG  . LEU B 1 48 ? -1.871  -14.166 -1.497  1.00 29.32 ? 48  LEU B CG  1 
ATOM   831  C CD1 . LEU B 1 48 ? -0.612  -13.494 -0.990  1.00 30.22 ? 48  LEU B CD1 1 
ATOM   832  C CD2 . LEU B 1 48 ? -3.040  -13.864 -0.581  1.00 28.00 ? 48  LEU B CD2 1 
ATOM   833  N N   . LEU B 1 49 ? -2.850  -14.168 -6.061  1.00 24.05 ? 49  LEU B N   1 
ATOM   834  C CA  . LEU B 1 49 ? -3.244  -13.653 -7.372  1.00 25.42 ? 49  LEU B CA  1 
ATOM   835  C C   . LEU B 1 49 ? -4.615  -14.173 -7.772  1.00 21.36 ? 49  LEU B C   1 
ATOM   836  O O   . LEU B 1 49 ? -5.480  -13.402 -8.203  1.00 21.82 ? 49  LEU B O   1 
ATOM   837  C CB  . LEU B 1 49 ? -2.205  -14.022 -8.438  1.00 22.60 ? 49  LEU B CB  1 
ATOM   838  C CG  . LEU B 1 49 ? -2.577  -13.648 -9.883  1.00 23.64 ? 49  LEU B CG  1 
ATOM   839  C CD1 . LEU B 1 49 ? -2.947  -12.169 -10.024 1.00 19.49 ? 49  LEU B CD1 1 
ATOM   840  C CD2 . LEU B 1 49 ? -1.432  -13.999 -10.839 1.00 25.12 ? 49  LEU B CD2 1 
ATOM   841  N N   . GLU B 1 50 ? -4.835  -15.486 -7.638  1.00 26.20 ? 50  GLU B N   1 
ATOM   842  C CA  . GLU B 1 50 ? -6.119  -16.043 -8.050  1.00 26.31 ? 50  GLU B CA  1 
ATOM   843  C C   . GLU B 1 50 ? -7.253  -15.541 -7.168  1.00 23.66 ? 50  GLU B C   1 
ATOM   844  O O   . GLU B 1 50 ? -8.372  -15.345 -7.652  1.00 24.44 ? 50  GLU B O   1 
ATOM   845  C CB  . GLU B 1 50 ? -6.057  -17.572 -8.053  1.00 28.43 ? 50  GLU B CB  1 
ATOM   846  C CG  . GLU B 1 50 ? -5.112  -18.107 -9.136  1.00 30.92 ? 50  GLU B CG  1 
ATOM   847  C CD  . GLU B 1 50 ? -5.403  -17.497 -10.492 1.00 30.09 ? 50  GLU B CD  1 
ATOM   848  O OE1 . GLU B 1 50 ? -6.598  -17.430 -10.861 1.00 35.66 ? 50  GLU B OE1 1 
ATOM   849  O OE2 . GLU B 1 50 ? -4.448  -17.079 -11.189 1.00 27.28 ? 50  GLU B OE2 1 
ATOM   850  N N   . GLU B 1 51 ? -6.975  -15.312 -5.885  1.00 24.92 ? 51  GLU B N   1 
ATOM   851  C CA  . GLU B 1 51 ? -7.939  -14.667 -4.998  1.00 26.43 ? 51  GLU B CA  1 
ATOM   852  C C   . GLU B 1 51 ? -8.288  -13.260 -5.484  1.00 23.84 ? 51  GLU B C   1 
ATOM   853  O O   . GLU B 1 51 ? -9.464  -12.869 -5.511  1.00 21.67 ? 51  GLU B O   1 
ATOM   854  C CB  . GLU B 1 51 ? -7.357  -14.625 -3.584  1.00 27.37 ? 51  GLU B CB  1 
ATOM   855  C CG  . GLU B 1 51 ? -8.061  -15.485 -2.560  1.00 35.56 ? 51  GLU B CG  1 
ATOM   856  C CD  . GLU B 1 51 ? -7.552  -15.213 -1.150  1.00 40.59 ? 51  GLU B CD  1 
ATOM   857  O OE1 . GLU B 1 51 ? -8.306  -14.618 -0.348  1.00 42.91 ? 51  GLU B OE1 1 
ATOM   858  O OE2 . GLU B 1 51 ? -6.399  -15.602 -0.845  1.00 39.75 ? 51  GLU B OE2 1 
ATOM   859  N N   . ALA B 1 52 ? -7.270  -12.474 -5.845  1.00 19.84 ? 52  ALA B N   1 
ATOM   860  C CA  . ALA B 1 52 ? -7.515  -11.130 -6.365  1.00 22.81 ? 52  ALA B CA  1 
ATOM   861  C C   . ALA B 1 52 ? -8.312  -11.176 -7.665  1.00 23.55 ? 52  ALA B C   1 
ATOM   862  O O   . ALA B 1 52 ? -9.230  -10.376 -7.873  1.00 16.52 ? 52  ALA B O   1 
ATOM   863  C CB  . ALA B 1 52 ? -6.181  -10.406 -6.573  1.00 16.07 ? 52  ALA B CB  1 
ATOM   864  N N   . ARG B 1 53 ? -7.982  -12.113 -8.553  1.00 20.42 ? 53  ARG B N   1 
ATOM   865  C CA  . ARG B 1 53 ? -8.686  -12.171 -9.826  1.00 20.56 ? 53  ARG B CA  1 
ATOM   866  C C   . ARG B 1 53 ? -10.157 -12.469 -9.621  1.00 22.59 ? 53  ARG B C   1 
ATOM   867  O O   . ARG B 1 53 ? -11.019 -11.896 -10.301 1.00 23.14 ? 53  ARG B O   1 
ATOM   868  C CB  . ARG B 1 53 ? -8.040  -13.219 -10.730 1.00 21.92 ? 53  ARG B CB  1 
ATOM   869  C CG  . ARG B 1 53 ? -6.793  -12.700 -11.403 1.00 20.51 ? 53  ARG B CG  1 
ATOM   870  C CD  . ARG B 1 53 ? -5.962  -13.846 -11.940 1.00 22.58 ? 53  ARG B CD  1 
ATOM   871  N NE  . ARG B 1 53 ? -4.984  -13.366 -12.904 1.00 26.18 ? 53  ARG B NE  1 
ATOM   872  C CZ  . ARG B 1 53 ? -4.132  -14.155 -13.529 1.00 22.32 ? 53  ARG B CZ  1 
ATOM   873  N NH1 . ARG B 1 53 ? -4.113  -15.457 -13.300 1.00 23.34 ? 53  ARG B NH1 1 
ATOM   874  N NH2 . ARG B 1 53 ? -3.287  -13.630 -14.412 1.00 24.67 ? 53  ARG B NH2 1 
ATOM   875  N N   . LYS B 1 54 ? -10.464 -13.345 -8.663  1.00 22.45 ? 54  LYS B N   1 
ATOM   876  C CA  . LYS B 1 54 ? -11.850 -13.688 -8.384  1.00 22.86 ? 54  LYS B CA  1 
ATOM   877  C C   . LYS B 1 54 ? -12.636 -12.481 -7.913  1.00 26.75 ? 54  LYS B C   1 
ATOM   878  O O   . LYS B 1 54 ? -13.819 -12.356 -8.236  1.00 27.06 ? 54  LYS B O   1 
ATOM   879  C CB  . LYS B 1 54 ? -11.920 -14.794 -7.334  1.00 28.09 ? 54  LYS B CB  1 
ATOM   880  C CG  . LYS B 1 54 ? -13.319 -15.334 -7.142  1.00 35.89 ? 54  LYS B CG  1 
ATOM   881  C CD  . LYS B 1 54 ? -13.888 -14.961 -5.780  1.00 39.95 ? 54  LYS B CD  1 
ATOM   882  C CE  . LYS B 1 54 ? -15.231 -15.655 -5.563  1.00 43.84 ? 54  LYS B CE  1 
ATOM   883  N NZ  . LYS B 1 54 ? -16.027 -15.679 -6.826  1.00 42.50 ? 54  LYS B NZ  1 
ATOM   884  N N   . LEU B 1 55 ? -12.000 -11.575 -7.162  1.00 22.58 ? 55  LEU B N   1 
ATOM   885  C CA  . LEU B 1 55 ? -12.715 -10.389 -6.713  1.00 22.44 ? 55  LEU B CA  1 
ATOM   886  C C   . LEU B 1 55 ? -13.040 -9.467  -7.879  1.00 19.78 ? 55  LEU B C   1 
ATOM   887  O O   . LEU B 1 55 ? -14.075 -8.797  -7.866  1.00 23.37 ? 55  LEU B O   1 
ATOM   888  C CB  . LEU B 1 55 ? -11.900 -9.632  -5.663  1.00 21.77 ? 55  LEU B CB  1 
ATOM   889  C CG  . LEU B 1 55 ? -11.436 -10.340 -4.400  1.00 25.07 ? 55  LEU B CG  1 
ATOM   890  C CD1 . LEU B 1 55 ? -10.589 -9.377  -3.528  1.00 22.59 ? 55  LEU B CD1 1 
ATOM   891  C CD2 . LEU B 1 55 ? -12.638 -10.881 -3.626  1.00 24.18 ? 55  LEU B CD2 1 
ATOM   892  N N   . VAL B 1 56 ? -12.170 -9.419  -8.880  1.00 21.26 ? 56  VAL B N   1 
ATOM   893  C CA  . VAL B 1 56 ? -12.346 -8.552  -10.036 1.00 20.69 ? 56  VAL B CA  1 
ATOM   894  C C   . VAL B 1 56 ? -13.248 -9.243  -11.069 1.00 25.70 ? 56  VAL B C   1 
ATOM   895  O O   . VAL B 1 56 ? -14.256 -8.683  -11.504 1.00 26.84 ? 56  VAL B O   1 
ATOM   896  C CB  . VAL B 1 56 ? -10.981 -8.185  -10.660 1.00 20.73 ? 56  VAL B CB  1 
ATOM   897  C CG1 . VAL B 1 56 ? -11.167 -7.622  -12.065 1.00 24.49 ? 56  VAL B CG1 1 
ATOM   898  C CG2 . VAL B 1 56 ? -10.212 -7.182  -9.761  1.00 18.50 ? 56  VAL B CG2 1 
ATOM   899  N N   . GLU C 1 2  ? 9.772   -3.795  -7.102  1.00 41.09 ? 2   GLU C N   1 
ATOM   900  C CA  . GLU C 1 2  ? 10.267  -2.906  -8.144  1.00 37.17 ? 2   GLU C CA  1 
ATOM   901  C C   . GLU C 1 2  ? 9.772   -1.457  -8.002  1.00 37.71 ? 2   GLU C C   1 
ATOM   902  O O   . GLU C 1 2  ? 8.597   -1.199  -7.712  1.00 36.36 ? 2   GLU C O   1 
ATOM   903  C CB  . GLU C 1 2  ? 9.880   -3.449  -9.507  1.00 39.16 ? 2   GLU C CB  1 
ATOM   904  C CG  . GLU C 1 2  ? 10.783  -2.998  -10.598 1.00 38.19 ? 2   GLU C CG  1 
ATOM   905  C CD  . GLU C 1 2  ? 10.053  -2.129  -11.566 1.00 43.95 ? 2   GLU C CD  1 
ATOM   906  O OE1 . GLU C 1 2  ? 8.910   -1.734  -11.221 1.00 33.21 ? 2   GLU C OE1 1 
ATOM   907  O OE2 . GLU C 1 2  ? 10.611  -1.855  -12.656 1.00 43.30 ? 2   GLU C OE2 1 
ATOM   908  N N   . ASP C 1 3  ? 10.687  -0.522  -8.271  1.00 32.22 ? 3   ASP C N   1 
ATOM   909  C CA  . ASP C 1 3  ? 10.504  0.869   -7.862  1.00 35.63 ? 3   ASP C CA  1 
ATOM   910  C C   . ASP C 1 3  ? 9.346   1.536   -8.595  1.00 33.00 ? 3   ASP C C   1 
ATOM   911  O O   . ASP C 1 3  ? 8.592   2.313   -7.993  1.00 30.12 ? 3   ASP C O   1 
ATOM   912  C CB  . ASP C 1 3  ? 11.812  1.636   -8.086  1.00 35.74 ? 3   ASP C CB  1 
ATOM   913  C CG  . ASP C 1 3  ? 12.921  1.164   -7.168  1.00 38.69 ? 3   ASP C CG  1 
ATOM   914  O OD1 . ASP C 1 3  ? 12.595  0.652   -6.080  1.00 33.21 ? 3   ASP C OD1 1 
ATOM   915  O OD2 . ASP C 1 3  ? 14.113  1.276   -7.535  1.00 42.68 ? 3   ASP C OD2 1 
ATOM   916  N N   . ARG C 1 4  ? 9.195   1.266   -9.894  1.00 29.36 ? 4   ARG C N   1 
ATOM   917  C CA  . ARG C 1 4  ? 8.098   1.884   -10.636 1.00 28.70 ? 4   ARG C CA  1 
ATOM   918  C C   . ARG C 1 4  ? 6.746   1.381   -10.147 1.00 30.63 ? 4   ARG C C   1 
ATOM   919  O O   . ARG C 1 4  ? 5.787   2.158   -10.049 1.00 24.66 ? 4   ARG C O   1 
ATOM   920  C CB  . ARG C 1 4  ? 8.246   1.620   -12.134 1.00 33.79 ? 4   ARG C CB  1 
ATOM   921  C CG  . ARG C 1 4  ? 9.167   2.576   -12.858 1.00 36.21 ? 4   ARG C CG  1 
ATOM   922  C CD  . ARG C 1 4  ? 9.119   2.313   -14.355 1.00 39.96 ? 4   ARG C CD  1 
ATOM   923  N NE  . ARG C 1 4  ? 9.557   0.960   -14.670 1.00 46.01 ? 4   ARG C NE  1 
ATOM   924  C CZ  . ARG C 1 4  ? 10.818  0.623   -14.903 1.00 51.37 ? 4   ARG C CZ  1 
ATOM   925  N NH1 . ARG C 1 4  ? 11.788  1.521   -14.883 1.00 42.10 ? 4   ARG C NH1 1 
ATOM   926  N NH2 . ARG C 1 4  ? 11.112  -0.652  -15.155 1.00 51.00 ? 4   ARG C NH2 1 
ATOM   927  N N   . ASP C 1 5  ? 6.644   0.086   -9.848  1.00 28.18 ? 5   ASP C N   1 
ATOM   928  C CA  . ASP C 1 5  ? 5.387   -0.452  -9.331  1.00 30.80 ? 5   ASP C CA  1 
ATOM   929  C C   . ASP C 1 5  ? 5.041   0.154   -7.976  1.00 27.63 ? 5   ASP C C   1 
ATOM   930  O O   . ASP C 1 5  ? 3.866   0.414   -7.687  1.00 27.03 ? 5   ASP C O   1 
ATOM   931  C CB  . ASP C 1 5  ? 5.469   -1.973  -9.220  1.00 31.89 ? 5   ASP C CB  1 
ATOM   932  C CG  . ASP C 1 5  ? 5.463   -2.663  -10.575 1.00 35.21 ? 5   ASP C CG  1 
ATOM   933  O OD1 . ASP C 1 5  ? 5.240   -1.988  -11.606 1.00 35.98 ? 5   ASP C OD1 1 
ATOM   934  O OD2 . ASP C 1 5  ? 5.673   -3.889  -10.597 1.00 37.61 ? 5   ASP C OD2 1 
ATOM   935  N N   . THR C 1 6  ? 6.046   0.361   -7.121  1.00 22.57 ? 6   THR C N   1 
ATOM   936  C CA  . THR C 1 6  ? 5.817   1.060   -5.859  1.00 25.67 ? 6   THR C CA  1 
ATOM   937  C C   . THR C 1 6  ? 5.220   2.439   -6.102  1.00 24.50 ? 6   THR C C   1 
ATOM   938  O O   . THR C 1 6  ? 4.221   2.813   -5.476  1.00 20.56 ? 6   THR C O   1 
ATOM   939  C CB  . THR C 1 6  ? 7.120   1.176   -5.067  1.00 23.10 ? 6   THR C CB  1 
ATOM   940  O OG1 . THR C 1 6  ? 7.501   -0.120  -4.610  1.00 25.99 ? 6   THR C OG1 1 
ATOM   941  C CG2 . THR C 1 6  ? 6.919   2.075   -3.839  1.00 24.74 ? 6   THR C CG2 1 
ATOM   942  N N   . ALA C 1 7  ? 5.822   3.212   -7.015  1.00 24.77 ? 7   ALA C N   1 
ATOM   943  C CA  . ALA C 1 7  ? 5.297   4.537   -7.312  1.00 24.91 ? 7   ALA C CA  1 
ATOM   944  C C   . ALA C 1 7  ? 3.845   4.470   -7.777  1.00 24.16 ? 7   ALA C C   1 
ATOM   945  O O   . ALA C 1 7  ? 3.030   5.326   -7.404  1.00 17.89 ? 7   ALA C O   1 
ATOM   946  C CB  . ALA C 1 7  ? 6.159   5.226   -8.369  1.00 25.69 ? 7   ALA C CB  1 
ATOM   947  N N   . ARG C 1 8  ? 3.511   3.481   -8.621  1.00 20.23 ? 8   ARG C N   1 
ATOM   948  C CA  . ARG C 1 8  ? 2.131   3.346   -9.082  1.00 20.86 ? 8   ARG C CA  1 
ATOM   949  C C   . ARG C 1 8  ? 1.194   3.010   -7.929  1.00 15.46 ? 8   ARG C C   1 
ATOM   950  O O   . ARG C 1 8  ? 0.085   3.543   -7.859  1.00 18.04 ? 8   ARG C O   1 
ATOM   951  C CB  . ARG C 1 8  ? 2.014   2.271   -10.162 1.00 24.36 ? 8   ARG C CB  1 
ATOM   952  C CG  . ARG C 1 8  ? 2.912   2.458   -11.359 1.00 28.75 ? 8   ARG C CG  1 
ATOM   953  C CD  . ARG C 1 8  ? 2.483   1.527   -12.497 1.00 38.91 ? 8   ARG C CD  1 
ATOM   954  N NE  . ARG C 1 8  ? 3.623   0.985   -13.219 1.00 38.99 ? 8   ARG C NE  1 
ATOM   955  C CZ  . ARG C 1 8  ? 4.205   1.585   -14.246 1.00 40.17 ? 8   ARG C CZ  1 
ATOM   956  N NH1 . ARG C 1 8  ? 3.789   2.765   -14.684 1.00 39.10 ? 8   ARG C NH1 1 
ATOM   957  N NH2 . ARG C 1 8  ? 5.231   0.988   -14.849 1.00 43.12 ? 8   ARG C NH2 1 
ATOM   958  N N   . VAL C 1 9  ? 1.612   2.113   -7.034  1.00 17.77 ? 9   VAL C N   1 
ATOM   959  C CA  . VAL C 1 9  ? 0.773   1.760   -5.888  1.00 17.06 ? 9   VAL C CA  1 
ATOM   960  C C   . VAL C 1 9  ? 0.527   2.978   -5.008  1.00 19.52 ? 9   VAL C C   1 
ATOM   961  O O   . VAL C 1 9  ? -0.583  3.185   -4.502  1.00 13.92 ? 9   VAL C O   1 
ATOM   962  C CB  . VAL C 1 9  ? 1.413   0.618   -5.084  1.00 19.37 ? 9   VAL C CB  1 
ATOM   963  C CG1 . VAL C 1 9  ? 0.633   0.376   -3.807  1.00 26.24 ? 9   VAL C CG1 1 
ATOM   964  C CG2 . VAL C 1 9  ? 1.439   -0.662  -5.911  1.00 26.88 ? 9   VAL C CG2 1 
ATOM   965  N N   . LEU C 1 10 ? 1.563   3.786   -4.784  1.00 14.78 ? 10  LEU C N   1 
ATOM   966  C CA  . LEU C 1 10 ? 1.394   4.962   -3.941  1.00 15.14 ? 10  LEU C CA  1 
ATOM   967  C C   . LEU C 1 10 ? 0.480   5.977   -4.603  1.00 14.79 ? 10  LEU C C   1 
ATOM   968  O O   . LEU C 1 10 ? -0.311  6.640   -3.924  1.00 14.26 ? 10  LEU C O   1 
ATOM   969  C CB  . LEU C 1 10 ? 2.760   5.576   -3.608  1.00 13.27 ? 10  LEU C CB  1 
ATOM   970  C CG  . LEU C 1 10 ? 3.693   4.690   -2.781  1.00 17.77 ? 10  LEU C CG  1 
ATOM   971  C CD1 . LEU C 1 10 ? 5.146   5.199   -2.732  1.00 13.81 ? 10  LEU C CD1 1 
ATOM   972  C CD2 . LEU C 1 10 ? 3.144   4.502   -1.370  1.00 18.19 ? 10  LEU C CD2 1 
ATOM   973  N N   . LEU C 1 11 ? 0.561   6.124   -5.929  1.00 14.19 ? 11  LEU C N   1 
ATOM   974  C CA  . LEU C 1 11 ? -0.327  7.078   -6.586  1.00 14.86 ? 11  LEU C CA  1 
ATOM   975  C C   . LEU C 1 11 ? -1.784  6.668   -6.427  1.00 15.20 ? 11  LEU C C   1 
ATOM   976  O O   . LEU C 1 11 ? -2.664  7.516   -6.228  1.00 13.92 ? 11  LEU C O   1 
ATOM   977  C CB  . LEU C 1 11 ? 0.021   7.207   -8.069  1.00 17.79 ? 11  LEU C CB  1 
ATOM   978  C CG  . LEU C 1 11 ? -1.000  7.914   -8.956  1.00 17.47 ? 11  LEU C CG  1 
ATOM   979  C CD1 . LEU C 1 11 ? -1.212  9.357   -8.550  1.00 16.98 ? 11  LEU C CD1 1 
ATOM   980  C CD2 . LEU C 1 11 ? -0.534  7.815   -10.404 1.00 24.31 ? 11  LEU C CD2 1 
ATOM   981  N N   . ILE C 1 12 ? -2.058  5.368   -6.560  1.00 13.87 ? 12  ILE C N   1 
ATOM   982  C CA  . ILE C 1 12 ? -3.416  4.867   -6.369  1.00 16.45 ? 12  ILE C CA  1 
ATOM   983  C C   . ILE C 1 12 ? -3.878  5.111   -4.936  1.00 12.96 ? 12  ILE C C   1 
ATOM   984  O O   . ILE C 1 12 ? -5.050  5.411   -4.692  1.00 13.51 ? 12  ILE C O   1 
ATOM   985  C CB  . ILE C 1 12 ? -3.465  3.373   -6.749  1.00 15.47 ? 12  ILE C CB  1 
ATOM   986  C CG1 . ILE C 1 12 ? -3.301  3.226   -8.273  1.00 12.68 ? 12  ILE C CG1 1 
ATOM   987  C CG2 . ILE C 1 12 ? -4.766  2.679   -6.204  1.00 11.57 ? 12  ILE C CG2 1 
ATOM   988  C CD1 . ILE C 1 12 ? -3.159  1.775   -8.746  1.00 13.56 ? 12  ILE C CD1 1 
ATOM   989  N N   . MET C 1 13 ? -2.967  4.975   -3.967  1.00 12.80 ? 13  MET C N   1 
ATOM   990  C CA  . MET C 1 13 ? -3.312  5.298   -2.581  1.00 13.99 ? 13  MET C CA  1 
ATOM   991  C C   . MET C 1 13 ? -3.651  6.771   -2.420  1.00 12.77 ? 13  MET C C   1 
ATOM   992  O O   . MET C 1 13 ? -4.632  7.115   -1.749  1.00 12.69 ? 13  MET C O   1 
ATOM   993  C CB  . MET C 1 13 ? -2.166  4.922   -1.635  1.00 14.89 ? 13  MET C CB  1 
ATOM   994  C CG  . MET C 1 13 ? -1.918  3.424   -1.496  1.00 18.07 ? 13  MET C CG  1 
ATOM   995  S SD  . MET C 1 13 ? -0.581  3.080   -0.318  1.00 25.52 ? 13  MET C SD  1 
ATOM   996  C CE  . MET C 1 13 ? -1.333  3.802   1.152   1.00 26.39 ? 13  MET C CE  1 
ATOM   997  N N   . VAL C 1 14 ? -2.846  7.662   -3.023  1.00 10.20 ? 14  VAL C N   1 
ATOM   998  C CA  . VAL C 1 14 ? -3.158  9.095   -3.004  1.00 11.60 ? 14  VAL C CA  1 
ATOM   999  C C   . VAL C 1 14 ? -4.576  9.358   -3.512  1.00 13.75 ? 14  VAL C C   1 
ATOM   1000 O O   . VAL C 1 14 ? -5.371  10.054  -2.864  1.00 10.57 ? 14  VAL C O   1 
ATOM   1001 C CB  . VAL C 1 14 ? -2.123  9.886   -3.826  1.00 13.27 ? 14  VAL C CB  1 
ATOM   1002 C CG1 . VAL C 1 14 ? -2.573  11.340  -3.972  1.00 16.47 ? 14  VAL C CG1 1 
ATOM   1003 C CG2 . VAL C 1 14 ? -0.759  9.838   -3.152  1.00 12.12 ? 14  VAL C CG2 1 
ATOM   1004 N N   . ARG C 1 15 ? -4.895  8.839   -4.698  1.00 12.82 ? 15  ARG C N   1 
ATOM   1005 C CA  . ARG C 1 15 ? -6.232  8.980   -5.268  1.00 14.55 ? 15  ARG C CA  1 
ATOM   1006 C C   . ARG C 1 15 ? -7.304  8.426   -4.339  1.00 14.42 ? 15  ARG C C   1 
ATOM   1007 O O   . ARG C 1 15 ? -8.359  9.048   -4.163  1.00 13.14 ? 15  ARG C O   1 
ATOM   1008 C CB  . ARG C 1 15 ? -6.298  8.262   -6.622  1.00 16.36 ? 15  ARG C CB  1 
ATOM   1009 C CG  . ARG C 1 15 ? -7.615  8.435   -7.376  1.00 22.86 ? 15  ARG C CG  1 
ATOM   1010 C CD  . ARG C 1 15 ? -7.607  7.658   -8.713  1.00 22.96 ? 15  ARG C CD  1 
ATOM   1011 N NE  . ARG C 1 15 ? -6.638  8.225   -9.643  1.00 21.56 ? 15  ARG C NE  1 
ATOM   1012 C CZ  . ARG C 1 15 ? -5.524  7.624   -10.040 1.00 23.32 ? 15  ARG C CZ  1 
ATOM   1013 N NH1 . ARG C 1 15 ? -5.226  6.385   -9.666  1.00 19.23 ? 15  ARG C NH1 1 
ATOM   1014 N NH2 . ARG C 1 15 ? -4.681  8.286   -10.823 1.00 24.47 ? 15  ARG C NH2 1 
ATOM   1015 N N   . SER C 1 16 ? -7.068  7.235   -3.774  1.00 12.69 ? 16  SER C N   1 
ATOM   1016 C CA  . SER C 1 16 ? -8.068  6.598   -2.916  1.00 12.75 ? 16  SER C CA  1 
ATOM   1017 C C   . SER C 1 16 ? -8.313  7.410   -1.653  1.00 13.68 ? 16  SER C C   1 
ATOM   1018 O O   . SER C 1 16 ? -9.458  7.546   -1.201  1.00 12.44 ? 16  SER C O   1 
ATOM   1019 C CB  . SER C 1 16 ? -7.601  5.192   -2.533  1.00 18.59 ? 16  SER C CB  1 
ATOM   1020 O OG  . SER C 1 16 ? -7.353  4.426   -3.687  1.00 21.17 ? 16  SER C OG  1 
ATOM   1021 N N   . LEU C 1 17 ? -7.240  7.929   -1.056  1.00 11.97 ? 17  LEU C N   1 
ATOM   1022 C CA  . LEU C 1 17 ? -7.344  8.693   0.183   1.00 9.43  ? 17  LEU C CA  1 
ATOM   1023 C C   . LEU C 1 17 ? -8.104  9.986   -0.027  1.00 12.58 ? 17  LEU C C   1 
ATOM   1024 O O   . LEU C 1 17 ? -8.878  10.401  0.842   1.00 12.46 ? 17  LEU C O   1 
ATOM   1025 C CB  . LEU C 1 17 ? -5.938  8.968   0.738   1.00 11.42 ? 17  LEU C CB  1 
ATOM   1026 C CG  . LEU C 1 17 ? -5.269  7.714   1.318   1.00 10.96 ? 17  LEU C CG  1 
ATOM   1027 C CD1 . LEU C 1 17 ? -3.722  7.837   1.390   1.00 11.57 ? 17  LEU C CD1 1 
ATOM   1028 C CD2 . LEU C 1 17 ? -5.827  7.392   2.694   1.00 13.70 ? 17  LEU C CD2 1 
ATOM   1029 N N   . LEU C 1 18 ? -7.901  10.649  -1.172  1.00 12.88 ? 18  LEU C N   1 
ATOM   1030 C CA  . LEU C 1 18 ? -8.715  11.823  -1.459  1.00 14.54 ? 18  LEU C CA  1 
ATOM   1031 C C   . LEU C 1 18 ? -10.173 11.432  -1.651  1.00 14.64 ? 18  LEU C C   1 
ATOM   1032 O O   . LEU C 1 18 ? -11.078 12.146  -1.202  1.00 13.50 ? 18  LEU C O   1 
ATOM   1033 C CB  . LEU C 1 18 ? -8.185  12.564  -2.690  1.00 13.52 ? 18  LEU C CB  1 
ATOM   1034 C CG  . LEU C 1 18 ? -6.786  13.164  -2.530  1.00 14.41 ? 18  LEU C CG  1 
ATOM   1035 C CD1 . LEU C 1 18 ? -6.200  13.486  -3.880  1.00 22.01 ? 18  LEU C CD1 1 
ATOM   1036 C CD2 . LEU C 1 18 ? -6.814  14.395  -1.632  1.00 15.79 ? 18  LEU C CD2 1 
ATOM   1037 N N   . LYS C 1 19 ? -10.418 10.292  -2.300  1.00 13.01 ? 19  LYS C N   1 
ATOM   1038 C CA  . LYS C 1 19 ? -11.787 9.830   -2.503  1.00 14.29 ? 19  LYS C CA  1 
ATOM   1039 C C   . LYS C 1 19 ? -12.529 9.638   -1.182  1.00 13.23 ? 19  LYS C C   1 
ATOM   1040 O O   . LYS C 1 19 ? -13.729 9.940   -1.082  1.00 14.90 ? 19  LYS C O   1 
ATOM   1041 C CB  . LYS C 1 19 ? -11.785 8.525   -3.309  1.00 15.57 ? 19  LYS C CB  1 
ATOM   1042 C CG  . LYS C 1 19 ? -13.171 8.154   -3.834  1.00 15.27 ? 19  LYS C CG  1 
ATOM   1043 C CD  . LYS C 1 19 ? -13.180 6.837   -4.584  1.00 20.32 ? 19  LYS C CD  1 
ATOM   1044 C CE  . LYS C 1 19 ? -14.331 6.821   -5.585  1.00 21.23 ? 19  LYS C CE  1 
ATOM   1045 N NZ  . LYS C 1 19 ? -14.552 5.483   -6.151  1.00 22.79 ? 19  LYS C NZ  1 
ATOM   1046 N N   . ILE C 1 20 ? -11.848 9.133   -0.153  1.00 12.54 ? 20  ILE C N   1 
ATOM   1047 C CA  . ILE C 1 20 ? -12.529 8.900   1.122   1.00 11.52 ? 20  ILE C CA  1 
ATOM   1048 C C   . ILE C 1 20 ? -12.356 10.085  2.068   1.00 15.01 ? 20  ILE C C   1 
ATOM   1049 O O   . ILE C 1 20 ? -12.615 9.975   3.277   1.00 14.29 ? 20  ILE C O   1 
ATOM   1050 C CB  . ILE C 1 20 ? -12.056 7.593   1.786   1.00 11.81 ? 20  ILE C CB  1 
ATOM   1051 C CG1 . ILE C 1 20 ? -10.562 7.649   2.151   1.00 14.53 ? 20  ILE C CG1 1 
ATOM   1052 C CG2 . ILE C 1 20 ? -12.363 6.385   0.884   1.00 12.06 ? 20  ILE C CG2 1 
ATOM   1053 C CD1 . ILE C 1 20 ? -10.144 6.544   3.131   1.00 12.81 ? 20  ILE C CD1 1 
ATOM   1054 N N   . GLY C 1 21 ? -11.930 11.226  1.534   1.00 13.96 ? 21  GLY C N   1 
ATOM   1055 C CA  . GLY C 1 21 ? -11.916 12.459  2.309   1.00 13.43 ? 21  GLY C CA  1 
ATOM   1056 C C   . GLY C 1 21 ? -10.814 12.622  3.336   1.00 18.01 ? 21  GLY C C   1 
ATOM   1057 O O   . GLY C 1 21 ? -11.045 13.241  4.380   1.00 17.33 ? 21  GLY C O   1 
ATOM   1058 N N   . ASN C 1 22 ? -9.608  12.090  3.083   1.00 14.78 ? 22  ASN C N   1 
ATOM   1059 C CA  . ASN C 1 22 ? -8.459  12.269  3.974   1.00 15.30 ? 22  ASN C CA  1 
ATOM   1060 C C   . ASN C 1 22 ? -7.301  12.852  3.168   1.00 15.25 ? 22  ASN C C   1 
ATOM   1061 O O   . ASN C 1 22 ? -6.342  12.145  2.822   1.00 13.42 ? 22  ASN C O   1 
ATOM   1062 C CB  . ASN C 1 22 ? -8.053  10.960  4.656   1.00 16.56 ? 22  ASN C CB  1 
ATOM   1063 C CG  . ASN C 1 22 ? -7.161  11.182  5.872   1.00 21.65 ? 22  ASN C CG  1 
ATOM   1064 O OD1 . ASN C 1 22 ? -6.506  12.228  6.025   1.00 15.27 ? 22  ASN C OD1 1 
ATOM   1065 N ND2 . ASN C 1 22 ? -7.119  10.185  6.742   1.00 27.63 ? 22  ASN C ND2 1 
ATOM   1066 N N   . PRO C 1 23 ? -7.360  14.140  2.839   1.00 17.02 ? 23  PRO C N   1 
ATOM   1067 C CA  . PRO C 1 23 ? -6.234  14.746  2.111   1.00 17.74 ? 23  PRO C CA  1 
ATOM   1068 C C   . PRO C 1 23 ? -4.953  14.794  2.923   1.00 15.66 ? 23  PRO C C   1 
ATOM   1069 O O   . PRO C 1 23 ? -3.864  14.774  2.335   1.00 17.61 ? 23  PRO C O   1 
ATOM   1070 C CB  . PRO C 1 23 ? -6.755  16.149  1.765   1.00 16.42 ? 23  PRO C CB  1 
ATOM   1071 C CG  . PRO C 1 23 ? -7.837  16.421  2.808   1.00 16.76 ? 23  PRO C CG  1 
ATOM   1072 C CD  . PRO C 1 23 ? -8.485  15.077  3.013   1.00 14.95 ? 23  PRO C CD  1 
ATOM   1073 N N   . GLU C 1 24 ? -5.032  14.818  4.256   1.00 17.99 ? 24  GLU C N   1 
ATOM   1074 C CA  . GLU C 1 24 ? -3.810  14.830  5.057   1.00 18.32 ? 24  GLU C CA  1 
ATOM   1075 C C   . GLU C 1 24 ? -3.022  13.546  4.869   1.00 17.83 ? 24  GLU C C   1 
ATOM   1076 O O   . GLU C 1 24 ? -1.791  13.577  4.740   1.00 17.90 ? 24  GLU C O   1 
ATOM   1077 C CB  . GLU C 1 24 ? -4.132  15.040  6.541   1.00 18.90 ? 24  GLU C CB  1 
ATOM   1078 C CG  . GLU C 1 24 ? -4.545  16.465  6.832   1.00 27.75 ? 24  GLU C CG  1 
ATOM   1079 C CD  . GLU C 1 24 ? -5.910  16.787  6.241   1.00 31.18 ? 24  GLU C CD  1 
ATOM   1080 O OE1 . GLU C 1 24 ? -6.130  17.962  5.857   1.00 36.37 ? 24  GLU C OE1 1 
ATOM   1081 O OE2 . GLU C 1 24 ? -6.763  15.867  6.170   1.00 30.54 ? 24  GLU C OE2 1 
ATOM   1082 N N   . ASP C 1 25 ? -3.707  12.404  4.851   1.00 15.95 ? 25  ASP C N   1 
ATOM   1083 C CA  . ASP C 1 25 ? -3.002  11.148  4.611   1.00 17.60 ? 25  ASP C CA  1 
ATOM   1084 C C   . ASP C 1 25 ? -2.520  11.065  3.172   1.00 12.40 ? 25  ASP C C   1 
ATOM   1085 O O   . ASP C 1 25 ? -1.441  10.526  2.907   1.00 11.53 ? 25  ASP C O   1 
ATOM   1086 C CB  . ASP C 1 25 ? -3.902  9.965   4.951   1.00 14.46 ? 25  ASP C CB  1 
ATOM   1087 C CG  . ASP C 1 25 ? -3.942  9.678   6.442   1.00 19.24 ? 25  ASP C CG  1 
ATOM   1088 O OD1 . ASP C 1 25 ? -3.241  10.390  7.197   1.00 14.48 ? 25  ASP C OD1 1 
ATOM   1089 O OD2 . ASP C 1 25 ? -4.644  8.728   6.853   1.00 17.46 ? 25  ASP C OD2 1 
ATOM   1090 N N   . ALA C 1 26 ? -3.301  11.600  2.234   1.00 15.31 ? 26  ALA C N   1 
ATOM   1091 C CA  . ALA C 1 26 ? -2.872  11.636  0.836   1.00 12.82 ? 26  ALA C CA  1 
ATOM   1092 C C   . ALA C 1 26 ? -1.573  12.423  0.674   1.00 16.21 ? 26  ALA C C   1 
ATOM   1093 O O   . ALA C 1 26 ? -0.682  12.015  -0.083  1.00 18.49 ? 26  ALA C O   1 
ATOM   1094 C CB  . ALA C 1 26 ? -3.978  12.233  -0.034  1.00 12.47 ? 26  ALA C CB  1 
ATOM   1095 N N   . GLU C 1 27 ? -1.457  13.562  1.366   1.00 17.02 ? 27  GLU C N   1 
ATOM   1096 C CA  . GLU C 1 27 ? -0.236  14.372  1.315   1.00 17.97 ? 27  GLU C CA  1 
ATOM   1097 C C   . GLU C 1 27 ? 0.949   13.625  1.898   1.00 15.23 ? 27  GLU C C   1 
ATOM   1098 O O   . GLU C 1 27 ? 2.082   13.751  1.411   1.00 16.65 ? 27  GLU C O   1 
ATOM   1099 C CB  . GLU C 1 27 ? -0.455  15.679  2.076   1.00 15.93 ? 27  GLU C CB  1 
ATOM   1100 C CG  . GLU C 1 27 ? -1.464  16.571  1.412   1.00 14.33 ? 27  GLU C CG  1 
ATOM   1101 C CD  . GLU C 1 27 ? -2.159  17.490  2.380   1.00 21.04 ? 27  GLU C CD  1 
ATOM   1102 O OE1 . GLU C 1 27 ? -1.895  17.417  3.605   1.00 24.52 ? 27  GLU C OE1 1 
ATOM   1103 O OE2 . GLU C 1 27 ? -2.978  18.293  1.911   1.00 19.00 ? 27  GLU C OE2 1 
ATOM   1104 N N   . GLU C 1 28 ? 0.708   12.860  2.957   1.00 16.22 ? 28  GLU C N   1 
ATOM   1105 C CA  . GLU C 1 28 ? 1.757   12.036  3.537   1.00 20.47 ? 28  GLU C CA  1 
ATOM   1106 C C   . GLU C 1 28 ? 2.252   11.003  2.537   1.00 20.39 ? 28  GLU C C   1 
ATOM   1107 O O   . GLU C 1 28 ? 3.449   10.693  2.501   1.00 18.53 ? 28  GLU C O   1 
ATOM   1108 C CB  . GLU C 1 28 ? 1.245   11.362  4.811   1.00 19.17 ? 28  GLU C CB  1 
ATOM   1109 C CG  . GLU C 1 28 ? 2.268   10.518  5.545   1.00 20.90 ? 28  GLU C CG  1 
ATOM   1110 C CD  . GLU C 1 28 ? 3.412   11.336  6.135   1.00 28.44 ? 28  GLU C CD  1 
ATOM   1111 O OE1 . GLU C 1 28 ? 3.257   12.568  6.275   1.00 28.17 ? 28  GLU C OE1 1 
ATOM   1112 O OE2 . GLU C 1 28 ? 4.459   10.740  6.462   1.00 28.68 ? 28  GLU C OE2 1 
ATOM   1113 N N   . VAL C 1 29 ? 1.345   10.446  1.726   1.00 17.01 ? 29  VAL C N   1 
ATOM   1114 C CA  . VAL C 1 29 ? 1.750   9.472   0.715   1.00 18.82 ? 29  VAL C CA  1 
ATOM   1115 C C   . VAL C 1 29 ? 2.506   10.159  -0.421  1.00 18.13 ? 29  VAL C C   1 
ATOM   1116 O O   . VAL C 1 29 ? 3.436   9.582   -0.993  1.00 18.64 ? 29  VAL C O   1 
ATOM   1117 C CB  . VAL C 1 29 ? 0.531   8.679   0.201   1.00 16.55 ? 29  VAL C CB  1 
ATOM   1118 C CG1 . VAL C 1 29 ? 0.951   7.687   -0.922  1.00 14.28 ? 29  VAL C CG1 1 
ATOM   1119 C CG2 . VAL C 1 29 ? -0.121  7.924   1.370   1.00 13.69 ? 29  VAL C CG2 1 
ATOM   1120 N N   . VAL C 1 30 ? 2.150   11.401  -0.751  1.00 19.31 ? 30  VAL C N   1 
ATOM   1121 C CA  . VAL C 1 30 ? 2.956   12.154  -1.714  1.00 19.55 ? 30  VAL C CA  1 
ATOM   1122 C C   . VAL C 1 30 ? 4.392   12.292  -1.214  1.00 18.70 ? 30  VAL C C   1 
ATOM   1123 O O   . VAL C 1 30 ? 5.344   12.109  -1.978  1.00 22.83 ? 30  VAL C O   1 
ATOM   1124 C CB  . VAL C 1 30 ? 2.305   13.520  -2.008  1.00 21.06 ? 30  VAL C CB  1 
ATOM   1125 C CG1 . VAL C 1 30 ? 3.269   14.424  -2.796  1.00 21.57 ? 30  VAL C CG1 1 
ATOM   1126 C CG2 . VAL C 1 30 ? 1.006   13.319  -2.782  1.00 17.99 ? 30  VAL C CG2 1 
ATOM   1127 N N   . LYS C 1 31 ? 4.572   12.560  0.087   1.00 21.24 ? 31  LYS C N   1 
ATOM   1128 C CA  . LYS C 1 31 ? 5.918   12.634  0.666   1.00 19.87 ? 31  LYS C CA  1 
ATOM   1129 C C   . LYS C 1 31 ? 6.666   11.306  0.525   1.00 24.49 ? 31  LYS C C   1 
ATOM   1130 O O   . LYS C 1 31 ? 7.884   11.287  0.300   1.00 21.05 ? 31  LYS C O   1 
ATOM   1131 C CB  . LYS C 1 31 ? 5.817   13.074  2.134   1.00 19.71 ? 31  LYS C CB  1 
ATOM   1132 C CG  . LYS C 1 31 ? 7.079   12.935  2.973   1.00 26.03 ? 31  LYS C CG  1 
ATOM   1133 C CD  . LYS C 1 31 ? 6.751   12.770  4.474   1.00 29.01 ? 31  LYS C CD  1 
ATOM   1134 C CE  . LYS C 1 31 ? 5.821   13.869  5.021   1.00 23.57 ? 31  LYS C CE  1 
ATOM   1135 N NZ  . LYS C 1 31 ? 5.890   13.998  6.544   1.00 25.38 ? 31  LYS C NZ  1 
ATOM   1136 N N   . MET C 1 32 ? 5.957   10.183  0.620   1.00 22.77 ? 32  MET C N   1 
ATOM   1137 C CA  . MET C 1 32 ? 6.613   8.894   0.408   1.00 21.68 ? 32  MET C CA  1 
ATOM   1138 C C   . MET C 1 32 ? 7.052   8.724   -1.046  1.00 21.03 ? 32  MET C C   1 
ATOM   1139 O O   . MET C 1 32 ? 8.122   8.158   -1.317  1.00 22.00 ? 32  MET C O   1 
ATOM   1140 C CB  . MET C 1 32 ? 5.684   7.752   0.830   1.00 21.57 ? 32  MET C CB  1 
ATOM   1141 C CG  . MET C 1 32 ? 5.255   7.808   2.286   1.00 25.97 ? 32  MET C CG  1 
ATOM   1142 S SD  . MET C 1 32 ? 6.623   7.579   3.458   1.00 35.77 ? 32  MET C SD  1 
ATOM   1143 C CE  . MET C 1 32 ? 6.913   9.253   4.018   1.00 33.88 ? 32  MET C CE  1 
ATOM   1144 N N   . ILE C 1 33 ? 6.253   9.212   -1.992  1.00 16.87 ? 33  ILE C N   1 
ATOM   1145 C CA  . ILE C 1 33 ? 6.672   9.201   -3.388  1.00 18.89 ? 33  ILE C CA  1 
ATOM   1146 C C   . ILE C 1 33 ? 7.858   10.144  -3.610  1.00 24.71 ? 33  ILE C C   1 
ATOM   1147 O O   . ILE C 1 33 ? 8.728   9.871   -4.444  1.00 23.39 ? 33  ILE C O   1 
ATOM   1148 C CB  . ILE C 1 33 ? 5.484   9.553   -4.302  1.00 18.49 ? 33  ILE C CB  1 
ATOM   1149 C CG1 . ILE C 1 33 ? 4.340   8.534   -4.133  1.00 16.16 ? 33  ILE C CG1 1 
ATOM   1150 C CG2 . ILE C 1 33 ? 5.894   9.552   -5.766  1.00 20.19 ? 33  ILE C CG2 1 
ATOM   1151 C CD1 . ILE C 1 33 ? 3.099   8.915   -4.927  1.00 19.19 ? 33  ILE C CD1 1 
ATOM   1152 N N   . GLU C 1 34 ? 7.926   11.255  -2.876  1.00 21.16 ? 34  GLU C N   1 
ATOM   1153 C CA  . GLU C 1 34 ? 9.072   12.152  -3.022  1.00 20.75 ? 34  GLU C CA  1 
ATOM   1154 C C   . GLU C 1 34 ? 10.354  11.476  -2.555  1.00 24.13 ? 34  GLU C C   1 
ATOM   1155 O O   . GLU C 1 34 ? 11.398  11.588  -3.208  1.00 30.03 ? 34  GLU C O   1 
ATOM   1156 C CB  . GLU C 1 34 ? 8.815   13.454  -2.256  1.00 18.67 ? 34  GLU C CB  1 
ATOM   1157 C CG  . GLU C 1 34 ? 7.848   14.411  -2.986  1.00 21.13 ? 34  GLU C CG  1 
ATOM   1158 C CD  . GLU C 1 34 ? 7.366   15.556  -2.104  1.00 20.58 ? 34  GLU C CD  1 
ATOM   1159 O OE1 . GLU C 1 34 ? 7.438   15.401  -0.869  1.00 22.19 ? 34  GLU C OE1 1 
ATOM   1160 O OE2 . GLU C 1 34 ? 6.910   16.597  -2.641  1.00 21.40 ? 34  GLU C OE2 1 
ATOM   1161 N N   . GLU C 1 35 ? 10.290  10.748  -1.439  1.00 21.07 ? 35  GLU C N   1 
ATOM   1162 C CA  . GLU C 1 35 ? 11.451  10.001  -0.977  1.00 23.25 ? 35  GLU C CA  1 
ATOM   1163 C C   . GLU C 1 35 ? 11.860  8.947   -1.994  1.00 29.77 ? 35  GLU C C   1 
ATOM   1164 O O   . GLU C 1 35 ? 13.055  8.716   -2.221  1.00 28.39 ? 35  GLU C O   1 
ATOM   1165 C CB  . GLU C 1 35 ? 11.151  9.350   0.373   1.00 22.81 ? 35  GLU C CB  1 
ATOM   1166 C CG  . GLU C 1 35 ? 11.293  10.274  1.579   1.00 29.11 ? 35  GLU C CG  1 
ATOM   1167 C CD  . GLU C 1 35 ? 12.726  10.738  1.780   1.00 30.58 ? 35  GLU C CD  1 
ATOM   1168 O OE1 . GLU C 1 35 ? 13.491  10.018  2.449   1.00 33.82 ? 35  GLU C OE1 1 
ATOM   1169 O OE2 . GLU C 1 35 ? 13.082  11.815  1.264   1.00 29.43 ? 35  GLU C OE2 1 
ATOM   1170 N N   . LEU C 1 36 ? 10.879  8.287   -2.613  1.00 29.14 ? 36  LEU C N   1 
ATOM   1171 C CA  . LEU C 1 36 ? 11.193  7.310   -3.647  1.00 27.82 ? 36  LEU C CA  1 
ATOM   1172 C C   . LEU C 1 36 ? 11.850  7.984   -4.841  1.00 25.34 ? 36  LEU C C   1 
ATOM   1173 O O   . LEU C 1 36 ? 12.891  7.529   -5.324  1.00 30.14 ? 36  LEU C O   1 
ATOM   1174 C CB  . LEU C 1 36 ? 9.923   6.566   -4.069  1.00 26.36 ? 36  LEU C CB  1 
ATOM   1175 C CG  . LEU C 1 36 ? 10.081  5.584   -5.225  1.00 24.88 ? 36  LEU C CG  1 
ATOM   1176 C CD1 . LEU C 1 36 ? 11.069  4.494   -4.823  1.00 23.71 ? 36  LEU C CD1 1 
ATOM   1177 C CD2 . LEU C 1 36 ? 8.711   5.000   -5.586  1.00 23.34 ? 36  LEU C CD2 1 
ATOM   1178 N N   . ALA C 1 37 ? 11.262  9.085   -5.319  1.00 23.34 ? 37  ALA C N   1 
ATOM   1179 C CA  . ALA C 1 37 ? 11.819  9.791   -6.471  1.00 29.71 ? 37  ALA C CA  1 
ATOM   1180 C C   . ALA C 1 37 ? 13.246  10.263  -6.217  1.00 33.16 ? 37  ALA C C   1 
ATOM   1181 O O   . ALA C 1 37 ? 14.069  10.287  -7.143  1.00 29.51 ? 37  ALA C O   1 
ATOM   1182 C CB  . ALA C 1 37 ? 10.930  10.979  -6.836  1.00 27.83 ? 37  ALA C CB  1 
ATOM   1183 N N   . ARG C 1 38 ? 13.563  10.613  -4.969  1.00 31.33 ? 38  ARG C N   1 
ATOM   1184 C CA  . ARG C 1 38 ? 14.863  11.188  -4.653  1.00 32.32 ? 38  ARG C CA  1 
ATOM   1185 C C   . ARG C 1 38 ? 15.963  10.140  -4.599  1.00 33.42 ? 38  ARG C C   1 
ATOM   1186 O O   . ARG C 1 38 ? 17.123  10.466  -4.865  1.00 37.00 ? 38  ARG C O   1 
ATOM   1187 C CB  . ARG C 1 38 ? 14.804  11.924  -3.317  1.00 32.76 ? 38  ARG C CB  1 
ATOM   1188 C CG  . ARG C 1 38 ? 14.224  13.320  -3.391  1.00 34.85 ? 38  ARG C CG  1 
ATOM   1189 C CD  . ARG C 1 38 ? 14.021  13.820  -1.978  1.00 34.13 ? 38  ARG C CD  1 
ATOM   1190 N NE  . ARG C 1 38 ? 15.305  13.907  -1.295  1.00 33.64 ? 38  ARG C NE  1 
ATOM   1191 C CZ  . ARG C 1 38 ? 16.133  14.938  -1.402  1.00 35.85 ? 38  ARG C CZ  1 
ATOM   1192 N NH1 . ARG C 1 38 ? 15.807  16.017  -2.099  1.00 34.17 ? 38  ARG C NH1 1 
ATOM   1193 N NH2 . ARG C 1 38 ? 17.322  14.880  -0.807  1.00 36.69 ? 38  ARG C NH2 1 
ATOM   1194 N N   . ARG C 1 39 ? 15.644  8.898   -4.240  1.00 31.03 ? 39  ARG C N   1 
ATOM   1195 C CA  . ARG C 1 39 ? 16.643  7.840   -4.214  1.00 29.33 ? 39  ARG C CA  1 
ATOM   1196 C C   . ARG C 1 39 ? 16.704  7.028   -5.510  1.00 36.36 ? 39  ARG C C   1 
ATOM   1197 O O   . ARG C 1 39 ? 17.474  6.064   -5.576  1.00 38.90 ? 39  ARG C O   1 
ATOM   1198 C CB  . ARG C 1 39 ? 16.405  6.902   -3.025  1.00 34.20 ? 39  ARG C CB  1 
ATOM   1199 C CG  . ARG C 1 39 ? 15.201  5.961   -3.132  1.00 33.96 ? 39  ARG C CG  1 
ATOM   1200 C CD  . ARG C 1 39 ? 15.056  5.153   -1.845  1.00 43.05 ? 39  ARG C CD  1 
ATOM   1201 N NE  . ARG C 1 39 ? 14.240  3.954   -1.999  1.00 45.64 ? 39  ARG C NE  1 
ATOM   1202 C CZ  . ARG C 1 39 ? 12.935  3.895   -1.763  1.00 46.15 ? 39  ARG C CZ  1 
ATOM   1203 N NH1 . ARG C 1 39 ? 12.253  4.960   -1.375  1.00 41.61 ? 39  ARG C NH1 1 
ATOM   1204 N NH2 . ARG C 1 39 ? 12.298  2.734   -1.912  1.00 49.22 ? 39  ARG C NH2 1 
ATOM   1205 N N   . THR C 1 40 ? 15.945  7.394   -6.542  1.00 31.37 ? 40  THR C N   1 
ATOM   1206 C CA  . THR C 1 40 ? 15.919  6.578   -7.752  1.00 38.21 ? 40  THR C CA  1 
ATOM   1207 C C   . THR C 1 40 ? 16.324  7.327   -9.012  1.00 43.16 ? 40  THR C C   1 
ATOM   1208 O O   . THR C 1 40 ? 17.115  6.795   -9.801  1.00 55.23 ? 40  THR C O   1 
ATOM   1209 C CB  . THR C 1 40 ? 14.525  5.947   -7.970  1.00 32.75 ? 40  THR C CB  1 
ATOM   1210 O OG1 . THR C 1 40 ? 13.540  6.972   -8.120  1.00 30.75 ? 40  THR C OG1 1 
ATOM   1211 C CG2 . THR C 1 40 ? 14.150  5.039   -6.815  1.00 35.45 ? 40  THR C CG2 1 
ATOM   1212 N N   . ASN C 1 41 ? 15.697  8.460   -9.307  1.00 42.04 ? 41  ASN C N   1 
ATOM   1213 C CA  . ASN C 1 41 ? 15.954  9.136   -10.590 1.00 48.36 ? 41  ASN C CA  1 
ATOM   1214 C C   . ASN C 1 41 ? 15.438  8.263   -11.742 1.00 51.25 ? 41  ASN C C   1 
ATOM   1215 O O   . ASN C 1 41 ? 16.229  7.651   -12.458 1.00 59.72 ? 41  ASN C O   1 
ATOM   1216 C CB  . ASN C 1 41 ? 17.432  9.496   -10.775 1.00 58.75 ? 41  ASN C CB  1 
ATOM   1217 C CG  . ASN C 1 41 ? 17.667  10.375  -11.986 1.00 61.70 ? 41  ASN C CG  1 
ATOM   1218 O OD1 . ASN C 1 41 ? 16.725  10.913  -12.570 1.00 62.88 ? 41  ASN C OD1 1 
ATOM   1219 N ND2 . ASN C 1 41 ? 18.928  10.526  -12.371 1.00 51.86 ? 41  ASN C ND2 1 
ATOM   1220 N N   . ASP C 1 42 ? 14.123  8.202   -11.924 1.00 48.72 ? 42  ASP C N   1 
ATOM   1221 C CA  . ASP C 1 42 ? 13.491  7.399   -12.967 1.00 40.57 ? 42  ASP C CA  1 
ATOM   1222 C C   . ASP C 1 42 ? 12.447  8.323   -13.582 1.00 37.35 ? 42  ASP C C   1 
ATOM   1223 O O   . ASP C 1 42 ? 11.605  8.874   -12.849 1.00 38.53 ? 42  ASP C O   1 
ATOM   1224 C CB  . ASP C 1 42 ? 12.847  6.126   -12.401 1.00 39.90 ? 42  ASP C CB  1 
ATOM   1225 C CG  . ASP C 1 42 ? 12.248  5.230   -13.469 1.00 36.68 ? 42  ASP C CG  1 
ATOM   1226 O OD1 . ASP C 1 42 ? 11.621  5.732   -14.430 1.00 37.03 ? 42  ASP C OD1 1 
ATOM   1227 O OD2 . ASP C 1 42 ? 12.376  3.998   -13.321 1.00 40.71 ? 42  ASP C OD2 1 
ATOM   1228 N N   . PRO C 1 43 ? 12.486  8.548   -14.897 1.00 40.64 ? 43  PRO C N   1 
ATOM   1229 C CA  . PRO C 1 43 ? 11.556  9.521   -15.495 1.00 36.96 ? 43  PRO C CA  1 
ATOM   1230 C C   . PRO C 1 43 ? 10.096  9.170   -15.274 1.00 35.87 ? 43  PRO C C   1 
ATOM   1231 O O   . PRO C 1 43 ? 9.260   10.078  -15.167 1.00 33.83 ? 43  PRO C O   1 
ATOM   1232 C CB  . PRO C 1 43 ? 11.918  9.503   -16.989 1.00 39.95 ? 43  PRO C CB  1 
ATOM   1233 C CG  . PRO C 1 43 ? 13.226  8.797   -17.097 1.00 44.73 ? 43  PRO C CG  1 
ATOM   1234 C CD  . PRO C 1 43 ? 13.418  7.957   -15.874 1.00 43.57 ? 43  PRO C CD  1 
ATOM   1235 N N   . GLU C 1 44 ? 9.764   7.879   -15.208 1.00 38.03 ? 44  GLU C N   1 
ATOM   1236 C CA  . GLU C 1 44 ? 8.382   7.486   -14.958 1.00 36.85 ? 44  GLU C CA  1 
ATOM   1237 C C   . GLU C 1 44 ? 7.987   7.723   -13.501 1.00 34.70 ? 44  GLU C C   1 
ATOM   1238 O O   . GLU C 1 44 ? 6.862   8.151   -13.223 1.00 31.82 ? 44  GLU C O   1 
ATOM   1239 C CB  . GLU C 1 44 ? 8.179   6.024   -15.345 1.00 36.77 ? 44  GLU C CB  1 
ATOM   1240 C CG  . GLU C 1 44 ? 7.333   5.872   -16.598 1.00 42.81 ? 44  GLU C CG  1 
ATOM   1241 C CD  . GLU C 1 44 ? 5.938   6.422   -16.407 1.00 44.36 ? 44  GLU C CD  1 
ATOM   1242 O OE1 . GLU C 1 44 ? 5.345   6.147   -15.346 1.00 42.44 ? 44  GLU C OE1 1 
ATOM   1243 O OE2 . GLU C 1 44 ? 5.440   7.144   -17.302 1.00 46.36 ? 44  GLU C OE2 1 
ATOM   1244 N N   . ILE C 1 45 ? 8.888   7.434   -12.558 1.00 29.64 ? 45  ILE C N   1 
ATOM   1245 C CA  . ILE C 1 45 ? 8.607   7.749   -11.162 1.00 30.99 ? 45  ILE C CA  1 
ATOM   1246 C C   . ILE C 1 45 ? 8.386   9.248   -10.993 1.00 32.38 ? 45  ILE C C   1 
ATOM   1247 O O   . ILE C 1 45 ? 7.453   9.676   -10.304 1.00 27.56 ? 45  ILE C O   1 
ATOM   1248 C CB  . ILE C 1 45 ? 9.736   7.230   -10.258 1.00 26.64 ? 45  ILE C CB  1 
ATOM   1249 C CG1 . ILE C 1 45 ? 9.848   5.706   -10.384 1.00 23.27 ? 45  ILE C CG1 1 
ATOM   1250 C CG2 . ILE C 1 45 ? 9.487   7.642   -8.800  1.00 26.92 ? 45  ILE C CG2 1 
ATOM   1251 C CD1 . ILE C 1 45 ? 10.790  5.066   -9.397  1.00 29.50 ? 45  ILE C CD1 1 
ATOM   1252 N N   . ARG C 1 46 ? 9.225   10.067  -11.641 1.00 30.74 ? 46  ARG C N   1 
ATOM   1253 C CA  . ARG C 1 46 ? 9.039   11.515  -11.614 1.00 29.16 ? 46  ARG C CA  1 
ATOM   1254 C C   . ARG C 1 46 ? 7.702   11.912  -12.223 1.00 29.49 ? 46  ARG C C   1 
ATOM   1255 O O   . ARG C 1 46 ? 7.055   12.861  -11.763 1.00 23.94 ? 46  ARG C O   1 
ATOM   1256 C CB  . ARG C 1 46 ? 10.182  12.208  -12.363 1.00 36.14 ? 46  ARG C CB  1 
ATOM   1257 C CG  . ARG C 1 46 ? 11.305  12.716  -11.472 1.00 33.59 ? 46  ARG C CG  1 
ATOM   1258 C CD  . ARG C 1 46 ? 12.232  13.671  -12.234 1.00 41.86 ? 46  ARG C CD  1 
ATOM   1259 N NE  . ARG C 1 46 ? 12.543  13.175  -13.573 1.00 47.42 ? 46  ARG C NE  1 
ATOM   1260 C CZ  . ARG C 1 46 ? 12.272  13.821  -14.702 1.00 50.42 ? 46  ARG C CZ  1 
ATOM   1261 N NH1 . ARG C 1 46 ? 11.714  15.021  -14.697 1.00 52.43 ? 46  ARG C NH1 1 
ATOM   1262 N NH2 . ARG C 1 46 ? 12.571  13.248  -15.867 1.00 44.74 ? 46  ARG C NH2 1 
ATOM   1263 N N   . ARG C 1 47 ? 7.270   11.201  -13.261 1.00 24.93 ? 47  ARG C N   1 
ATOM   1264 C CA  . ARG C 1 47 ? 5.976   11.510  -13.856 1.00 29.31 ? 47  ARG C CA  1 
ATOM   1265 C C   . ARG C 1 47 ? 4.832   11.132  -12.917 1.00 27.21 ? 47  ARG C C   1 
ATOM   1266 O O   . ARG C 1 47 ? 3.845   11.869  -12.794 1.00 25.61 ? 47  ARG C O   1 
ATOM   1267 C CB  . ARG C 1 47 ? 5.832   10.785  -15.196 1.00 32.52 ? 47  ARG C CB  1 
ATOM   1268 C CG  . ARG C 1 47 ? 4.448   10.926  -15.802 1.00 34.41 ? 47  ARG C CG  1 
ATOM   1269 C CD  . ARG C 1 47 ? 4.363   10.282  -17.184 1.00 43.50 ? 47  ARG C CD  1 
ATOM   1270 N NE  . ARG C 1 47 ? 3.821   8.928   -17.119 1.00 44.89 ? 47  ARG C NE  1 
ATOM   1271 C CZ  . ARG C 1 47 ? 2.580   8.620   -16.762 1.00 47.92 ? 47  ARG C CZ  1 
ATOM   1272 N NH1 . ARG C 1 47 ? 1.690   9.556   -16.461 1.00 41.88 ? 47  ARG C NH1 1 
ATOM   1273 N NH2 . ARG C 1 47 ? 2.219   7.341   -16.708 1.00 46.90 ? 47  ARG C NH2 1 
ATOM   1274 N N   . LEU C 1 48 ? 4.943   9.979   -12.254 1.00 22.64 ? 48  LEU C N   1 
ATOM   1275 C CA  . LEU C 1 48 ? 3.920   9.575   -11.291 1.00 23.79 ? 48  LEU C CA  1 
ATOM   1276 C C   . LEU C 1 48 ? 3.862   10.528  -10.104 1.00 25.30 ? 48  LEU C C   1 
ATOM   1277 O O   . LEU C 1 48 ? 2.775   10.851  -9.612  1.00 24.73 ? 48  LEU C O   1 
ATOM   1278 C CB  . LEU C 1 48 ? 4.191   8.150   -10.827 1.00 22.88 ? 48  LEU C CB  1 
ATOM   1279 C CG  . LEU C 1 48 ? 3.982   7.160   -11.977 1.00 25.89 ? 48  LEU C CG  1 
ATOM   1280 C CD1 . LEU C 1 48 ? 4.256   5.762   -11.511 1.00 28.70 ? 48  LEU C CD1 1 
ATOM   1281 C CD2 . LEU C 1 48 ? 2.557   7.281   -12.508 1.00 31.13 ? 48  LEU C CD2 1 
ATOM   1282 N N   . LEU C 1 49 ? 5.023   10.984  -9.626  1.00 23.18 ? 49  LEU C N   1 
ATOM   1283 C CA  . LEU C 1 49 ? 5.040   11.946  -8.529  1.00 23.95 ? 49  LEU C CA  1 
ATOM   1284 C C   . LEU C 1 49 ? 4.322   13.227  -8.919  1.00 25.03 ? 49  LEU C C   1 
ATOM   1285 O O   . LEU C 1 49 ? 3.565   13.794  -8.120  1.00 26.31 ? 49  LEU C O   1 
ATOM   1286 C CB  . LEU C 1 49 ? 6.485   12.255  -8.115  1.00 20.97 ? 49  LEU C CB  1 
ATOM   1287 C CG  . LEU C 1 49 ? 6.629   13.457  -7.177  1.00 24.22 ? 49  LEU C CG  1 
ATOM   1288 C CD1 . LEU C 1 49 ? 5.950   13.168  -5.844  1.00 17.96 ? 49  LEU C CD1 1 
ATOM   1289 C CD2 . LEU C 1 49 ? 8.096   13.832  -6.966  1.00 19.86 ? 49  LEU C CD2 1 
ATOM   1290 N N   . GLU C 1 50 ? 4.553   13.706  -10.144 1.00 23.95 ? 50  GLU C N   1 
ATOM   1291 C CA  . GLU C 1 50 ? 3.903   14.934  -10.585 1.00 25.99 ? 50  GLU C CA  1 
ATOM   1292 C C   . GLU C 1 50 ? 2.391   14.769  -10.664 1.00 26.10 ? 50  GLU C C   1 
ATOM   1293 O O   . GLU C 1 50 ? 1.641   15.690  -10.317 1.00 24.52 ? 50  GLU C O   1 
ATOM   1294 C CB  . GLU C 1 50 ? 4.460   15.384  -11.941 1.00 28.47 ? 50  GLU C CB  1 
ATOM   1295 C CG  . GLU C 1 50 ? 5.817   16.098  -11.850 1.00 28.64 ? 50  GLU C CG  1 
ATOM   1296 C CD  . GLU C 1 50 ? 5.931   17.025  -10.637 1.00 30.12 ? 50  GLU C CD  1 
ATOM   1297 O OE1 . GLU C 1 50 ? 5.204   18.045  -10.589 1.00 31.51 ? 50  GLU C OE1 1 
ATOM   1298 O OE2 . GLU C 1 50 ? 6.751   16.734  -9.732  1.00 29.27 ? 50  GLU C OE2 1 
ATOM   1299 N N   . GLU C 1 51 ? 1.912   13.613  -11.130 1.00 25.56 ? 51  GLU C N   1 
ATOM   1300 C CA  . GLU C 1 51 ? 0.462   13.509  -11.237 1.00 26.35 ? 51  GLU C CA  1 
ATOM   1301 C C   . GLU C 1 51 ? -0.195  13.279  -9.872  1.00 19.15 ? 51  GLU C C   1 
ATOM   1302 O O   . GLU C 1 51 ? -1.331  13.705  -9.669  1.00 22.26 ? 51  GLU C O   1 
ATOM   1303 C CB  . GLU C 1 51 ? 0.080   12.434  -12.257 1.00 32.03 ? 51  GLU C CB  1 
ATOM   1304 C CG  . GLU C 1 51 ? -0.116  11.055  -11.733 1.00 33.52 ? 51  GLU C CG  1 
ATOM   1305 C CD  . GLU C 1 51 ? -0.586  10.100  -12.831 1.00 35.99 ? 51  GLU C CD  1 
ATOM   1306 O OE1 . GLU C 1 51 ? 0.263   9.655   -13.636 1.00 31.95 ? 51  GLU C OE1 1 
ATOM   1307 O OE2 . GLU C 1 51 ? -1.807  9.813   -12.901 1.00 39.94 ? 51  GLU C OE2 1 
ATOM   1308 N N   . ALA C 1 52 ? 0.515   12.659  -8.921  1.00 18.98 ? 52  ALA C N   1 
ATOM   1309 C CA  . ALA C 1 52 ? 0.058   12.625  -7.528  1.00 19.99 ? 52  ALA C CA  1 
ATOM   1310 C C   . ALA C 1 52 ? -0.019  14.026  -6.931  1.00 23.47 ? 52  ALA C C   1 
ATOM   1311 O O   . ALA C 1 52 ? -0.996  14.381  -6.259  1.00 18.60 ? 52  ALA C O   1 
ATOM   1312 C CB  . ALA C 1 52 ? 0.999   11.760  -6.699  1.00 17.46 ? 52  ALA C CB  1 
ATOM   1313 N N   . ARG C 1 53 ? 1.034   14.824  -7.139  1.00 24.59 ? 53  ARG C N   1 
ATOM   1314 C CA  . ARG C 1 53 ? 1.040   16.200  -6.665  1.00 23.93 ? 53  ARG C CA  1 
ATOM   1315 C C   . ARG C 1 53 ? -0.175  16.950  -7.183  1.00 25.40 ? 53  ARG C C   1 
ATOM   1316 O O   . ARG C 1 53 ? -0.799  17.719  -6.444  1.00 25.34 ? 53  ARG C O   1 
ATOM   1317 C CB  . ARG C 1 53 ? 2.344   16.899  -7.096  1.00 21.07 ? 53  ARG C CB  1 
ATOM   1318 C CG  . ARG C 1 53 ? 3.529   16.608  -6.171  1.00 21.16 ? 53  ARG C CG  1 
ATOM   1319 C CD  . ARG C 1 53 ? 4.875   17.053  -6.775  1.00 21.12 ? 53  ARG C CD  1 
ATOM   1320 N NE  . ARG C 1 53 ? 5.926   17.038  -5.765  1.00 21.21 ? 53  ARG C NE  1 
ATOM   1321 C CZ  . ARG C 1 53 ? 7.206   17.290  -6.001  1.00 21.85 ? 53  ARG C CZ  1 
ATOM   1322 N NH1 . ARG C 1 53 ? 7.645   17.544  -7.221  1.00 24.19 ? 53  ARG C NH1 1 
ATOM   1323 N NH2 . ARG C 1 53 ? 8.063   17.307  -4.982  1.00 25.39 ? 53  ARG C NH2 1 
ATOM   1324 N N   . LYS C 1 54 ? -0.553  16.699  -8.442  1.00 23.93 ? 54  LYS C N   1 
ATOM   1325 C CA  . LYS C 1 54 ? -1.684  17.396  -9.049  1.00 23.40 ? 54  LYS C CA  1 
ATOM   1326 C C   . LYS C 1 54 ? -3.018  16.986  -8.432  1.00 26.80 ? 54  LYS C C   1 
ATOM   1327 O O   . LYS C 1 54 ? -3.948  17.795  -8.387  1.00 26.35 ? 54  LYS C O   1 
ATOM   1328 C CB  . LYS C 1 54 ? -1.723  17.129  -10.555 1.00 30.53 ? 54  LYS C CB  1 
ATOM   1329 C CG  . LYS C 1 54 ? -0.817  18.039  -11.393 1.00 38.19 ? 54  LYS C CG  1 
ATOM   1330 C CD  . LYS C 1 54 ? -1.601  19.091  -12.164 1.00 42.61 ? 54  LYS C CD  1 
ATOM   1331 C CE  . LYS C 1 54 ? -0.731  20.318  -12.453 1.00 50.96 ? 54  LYS C CE  1 
ATOM   1332 N NZ  . LYS C 1 54 ? -0.985  20.912  -13.801 1.00 43.64 ? 54  LYS C NZ  1 
ATOM   1333 N N   . LEU C 1 55 ? -3.162  15.732  -7.997  1.00 26.15 ? 55  LEU C N   1 
ATOM   1334 C CA  . LEU C 1 55 ? -4.414  15.356  -7.344  1.00 23.94 ? 55  LEU C CA  1 
ATOM   1335 C C   . LEU C 1 55 ? -4.592  16.096  -6.028  1.00 22.33 ? 55  LEU C C   1 
ATOM   1336 O O   . LEU C 1 55 ? -5.723  16.379  -5.626  1.00 24.09 ? 55  LEU C O   1 
ATOM   1337 C CB  . LEU C 1 55 ? -4.462  13.850  -7.106  1.00 22.28 ? 55  LEU C CB  1 
ATOM   1338 C CG  . LEU C 1 55 ? -4.440  12.973  -8.349  1.00 19.66 ? 55  LEU C CG  1 
ATOM   1339 C CD1 . LEU C 1 55 ? -4.365  11.508  -7.947  1.00 21.21 ? 55  LEU C CD1 1 
ATOM   1340 C CD2 . LEU C 1 55 ? -5.692  13.262  -9.163  1.00 24.09 ? 55  LEU C CD2 1 
ATOM   1341 N N   . VAL C 1 56 ? -3.493  16.429  -5.360  1.00 22.88 ? 56  VAL C N   1 
ATOM   1342 C CA  . VAL C 1 56 ? -3.532  17.059  -4.047  1.00 22.58 ? 56  VAL C CA  1 
ATOM   1343 C C   . VAL C 1 56 ? -3.625  18.578  -4.169  1.00 28.85 ? 56  VAL C C   1 
ATOM   1344 O O   . VAL C 1 56 ? -4.449  19.215  -3.504  1.00 24.32 ? 56  VAL C O   1 
ATOM   1345 C CB  . VAL C 1 56 ? -2.305  16.643  -3.219  1.00 23.65 ? 56  VAL C CB  1 
ATOM   1346 C CG1 . VAL C 1 56 ? -2.084  17.593  -2.043  1.00 24.52 ? 56  VAL C CG1 1 
ATOM   1347 C CG2 . VAL C 1 56 ? -2.482  15.211  -2.716  1.00 20.65 ? 56  VAL C CG2 1 
HETATM 1348 N N1  . 308 D 2 .  ? 6.785   -1.921  0.082   1.00 51.39 ? 101 308 C N1  1 
HETATM 1349 C C10 . 308 D 2 .  ? 5.488   -1.269  -0.072  1.00 49.82 ? 101 308 C C10 1 
HETATM 1350 C C7  . 308 D 2 .  ? 4.384   -2.317  0.106   1.00 44.81 ? 101 308 C C7  1 
HETATM 1351 C C1  . 308 D 2 .  ? 3.014   -1.682  -0.121  1.00 45.61 ? 101 308 C C1  1 
HETATM 1352 C C8  . 308 D 2 .  ? 5.266   -0.138  0.944   1.00 43.89 ? 101 308 C C8  1 
HETATM 1353 C C5  . 308 D 2 .  ? 3.899   0.510   0.733   1.00 42.61 ? 101 308 C C5  1 
HETATM 1354 C C6  . 308 D 2 .  ? 2.814   -0.556  0.892   1.00 38.89 ? 101 308 C C6  1 
HETATM 1355 C C4  . 308 D 2 .  ? 3.830   1.079   -0.682  1.00 40.15 ? 101 308 C C4  1 
HETATM 1356 C C9  . 308 D 2 .  ? 5.409   -0.663  -1.475  1.00 43.42 ? 101 308 C C9  1 
HETATM 1357 C C3  . 308 D 2 .  ? 4.036   -0.038  -1.706  1.00 37.52 ? 101 308 C C3  1 
HETATM 1358 C C2  . 308 D 2 .  ? 2.965   -1.116  -1.540  1.00 41.93 ? 101 308 C C2  1 
HETATM 1359 O O   . HOH E 3 .  ? 16.160  2.021   7.512   1.00 49.61 ? 101 HOH A O   1 
HETATM 1360 O O   . HOH E 3 .  ? -0.126  -12.700 6.685   1.00 44.65 ? 102 HOH A O   1 
HETATM 1361 O O   . HOH E 3 .  ? -6.807  7.186   6.016   1.00 24.14 ? 103 HOH A O   1 
HETATM 1362 O O   . HOH E 3 .  ? 10.551  -3.592  18.211  1.00 55.20 ? 104 HOH A O   1 
HETATM 1363 O O   . HOH E 3 .  ? -7.176  -10.094 10.333  1.00 16.27 ? 105 HOH A O   1 
HETATM 1364 O O   . HOH E 3 .  ? 5.789   -13.525 12.674  1.00 57.55 ? 106 HOH A O   1 
HETATM 1365 O O   . HOH E 3 .  ? -16.431 5.467   8.094   1.00 12.09 ? 107 HOH A O   1 
HETATM 1366 O O   . HOH E 3 .  ? -10.127 5.203   10.579  1.00 16.54 ? 108 HOH A O   1 
HETATM 1367 O O   . HOH E 3 .  ? -4.508  -5.543  17.115  1.00 26.45 ? 109 HOH A O   1 
HETATM 1368 O O   . HOH E 3 .  ? -15.778 -6.010  6.645   1.00 20.56 ? 110 HOH A O   1 
HETATM 1369 O O   . HOH E 3 .  ? -10.751 -9.994  4.247   1.00 27.21 ? 111 HOH A O   1 
HETATM 1370 O O   . HOH E 3 .  ? 1.522   7.348   8.863   1.00 31.90 ? 112 HOH A O   1 
HETATM 1371 O O   . HOH E 3 .  ? -12.757 -8.560  4.094   1.00 26.22 ? 113 HOH A O   1 
HETATM 1372 O O   . HOH E 3 .  ? 3.391   -10.356 12.967  1.00 34.78 ? 114 HOH A O   1 
HETATM 1373 O O   . HOH E 3 .  ? -6.849  7.979   13.254  1.00 31.97 ? 115 HOH A O   1 
HETATM 1374 O O   . HOH E 3 .  ? -10.400 3.785   15.153  1.00 31.01 ? 116 HOH A O   1 
HETATM 1375 O O   . HOH E 3 .  ? 2.074   8.904   13.353  1.00 48.00 ? 117 HOH A O   1 
HETATM 1376 O O   . HOH E 3 .  ? -13.062 -3.768  2.107   1.00 25.80 ? 118 HOH A O   1 
HETATM 1377 O O   . HOH E 3 .  ? -11.653 11.384  10.064  1.00 25.62 ? 119 HOH A O   1 
HETATM 1378 O O   . HOH E 3 .  ? 1.844   5.125   20.068  1.00 32.51 ? 120 HOH A O   1 
HETATM 1379 O O   . HOH E 3 .  ? 4.998   11.992  14.010  1.00 49.71 ? 121 HOH A O   1 
HETATM 1380 O O   . HOH E 3 .  ? -15.758 6.830   10.449  1.00 23.52 ? 122 HOH A O   1 
HETATM 1381 O O   . HOH E 3 .  ? 17.313  6.927   13.585  1.00 50.07 ? 123 HOH A O   1 
HETATM 1382 O O   . HOH E 3 .  ? -0.369  8.522   9.902   1.00 32.31 ? 124 HOH A O   1 
HETATM 1383 O O   . HOH E 3 .  ? -8.818  -2.293  19.420  1.00 31.95 ? 125 HOH A O   1 
HETATM 1384 O O   . HOH E 3 .  ? 0.645   -8.017  21.042  1.00 48.99 ? 126 HOH A O   1 
HETATM 1385 O O   . HOH E 3 .  ? -16.530 1.378   10.261  0.58 18.14 ? 127 HOH A O   1 
HETATM 1386 O O   . HOH E 3 .  ? 11.905  9.376   10.746  1.00 52.69 ? 128 HOH A O   1 
HETATM 1387 O O   . HOH E 3 .  ? -4.224  5.963   17.727  1.00 37.97 ? 129 HOH A O   1 
HETATM 1388 O O   . HOH E 3 .  ? -15.719 3.298   11.074  0.71 18.81 ? 130 HOH A O   1 
HETATM 1389 O O   . HOH E 3 .  ? -11.563 -1.985  19.465  1.00 28.58 ? 131 HOH A O   1 
HETATM 1390 O O   . HOH E 3 .  ? -12.722 4.154   11.656  1.00 23.41 ? 132 HOH A O   1 
HETATM 1391 O O   . HOH E 3 .  ? -14.466 -7.868  2.188   1.00 34.22 ? 133 HOH A O   1 
HETATM 1392 O O   . HOH E 3 .  ? -1.226  4.911   20.573  1.00 32.45 ? 134 HOH A O   1 
HETATM 1393 O O   . HOH E 3 .  ? -3.854  -0.072  22.597  1.00 44.72 ? 135 HOH A O   1 
HETATM 1394 O O   . HOH E 3 .  ? 18.419  0.223   15.798  1.00 43.89 ? 136 HOH A O   1 
HETATM 1395 O O   . HOH E 3 .  ? -9.251  5.282   12.681  1.00 31.37 ? 137 HOH A O   1 
HETATM 1396 O O   . HOH E 3 .  ? 4.768   -14.046 10.670  1.00 56.98 ? 138 HOH A O   1 
HETATM 1397 O O   . HOH E 3 .  ? 17.810  -5.988  25.951  1.00 50.35 ? 139 HOH A O   1 
HETATM 1398 O O   . HOH E 3 .  ? 20.579  0.594   25.573  1.00 47.28 ? 140 HOH A O   1 
HETATM 1399 O O   . HOH F 3 .  ? 11.882  -11.988 0.353   1.00 50.05 ? 101 HOH B O   1 
HETATM 1400 O O   . HOH F 3 .  ? -16.021 -10.375 -11.317 1.00 45.32 ? 102 HOH B O   1 
HETATM 1401 O O   . HOH F 3 .  ? 11.884  -10.009 -1.253  1.00 46.10 ? 103 HOH B O   1 
HETATM 1402 O O   . HOH F 3 .  ? -0.681  -1.130  -16.452 1.00 33.09 ? 104 HOH B O   1 
HETATM 1403 O O   . HOH F 3 .  ? -10.549 -4.024  2.001   1.00 20.94 ? 105 HOH B O   1 
HETATM 1404 O O   . HOH F 3 .  ? -3.891  -7.585  -15.867 1.00 19.32 ? 106 HOH B O   1 
HETATM 1405 O O   . HOH F 3 .  ? -16.246 -1.437  -7.542  1.00 21.05 ? 107 HOH B O   1 
HETATM 1406 O O   . HOH F 3 .  ? -11.134 -14.059 -3.854  1.00 26.04 ? 108 HOH B O   1 
HETATM 1407 O O   . HOH F 3 .  ? -14.620 -5.167  -2.022  1.00 18.21 ? 109 HOH B O   1 
HETATM 1408 O O   . HOH F 3 .  ? -5.931  -14.997 1.855   1.00 40.12 ? 110 HOH B O   1 
HETATM 1409 O O   . HOH F 3 .  ? -8.423  5.001   -6.217  1.00 19.56 ? 111 HOH B O   1 
HETATM 1410 O O   . HOH F 3 .  ? -10.655 6.298   -6.655  1.00 28.24 ? 112 HOH B O   1 
HETATM 1411 O O   . HOH F 3 .  ? 3.812   -15.903 -19.864 1.00 30.42 ? 113 HOH B O   1 
HETATM 1412 O O   . HOH F 3 .  ? -15.628 -8.567  -5.576  1.00 31.33 ? 114 HOH B O   1 
HETATM 1413 O O   . HOH F 3 .  ? -12.773 2.642   -12.053 1.00 27.46 ? 115 HOH B O   1 
HETATM 1414 O O   . HOH F 3 .  ? 7.810   -9.716  -13.396 1.00 32.39 ? 116 HOH B O   1 
HETATM 1415 O O   . HOH F 3 .  ? -4.391  3.103   -12.048 1.00 29.98 ? 117 HOH B O   1 
HETATM 1416 O O   . HOH F 3 .  ? -7.628  5.776   -11.994 1.00 29.90 ? 118 HOH B O   1 
HETATM 1417 O O   . HOH F 3 .  ? -13.634 -9.581  -0.411  1.00 32.10 ? 119 HOH B O   1 
HETATM 1418 O O   . HOH F 3 .  ? 12.663  -12.978 3.054   1.00 53.46 ? 120 HOH B O   1 
HETATM 1419 O O   . HOH F 3 .  ? -7.938  -12.707 1.823   1.00 32.12 ? 121 HOH B O   1 
HETATM 1420 O O   . HOH F 3 .  ? -14.550 4.687   -10.783 1.00 31.10 ? 122 HOH B O   1 
HETATM 1421 O O   . HOH F 3 .  ? -13.152 -12.746 -12.133 1.00 28.22 ? 123 HOH B O   1 
HETATM 1422 O O   . HOH F 3 .  ? -16.242 -5.348  4.268   1.00 31.77 ? 124 HOH B O   1 
HETATM 1423 O O   . HOH F 3 .  ? -6.703  -10.344 2.617   1.00 23.20 ? 125 HOH B O   1 
HETATM 1424 O O   . HOH F 3 .  ? -18.883 0.238   -4.675  1.00 34.40 ? 126 HOH B O   1 
HETATM 1425 O O   . HOH F 3 .  ? -1.577  -17.075 -14.462 1.00 29.94 ? 127 HOH B O   1 
HETATM 1426 O O   . HOH F 3 .  ? 2.302   -13.438 3.950   1.00 42.84 ? 128 HOH B O   1 
HETATM 1427 O O   . HOH F 3 .  ? -16.631 -4.421  -3.498  1.00 24.20 ? 129 HOH B O   1 
HETATM 1428 O O   . HOH F 3 .  ? -5.386  -21.894 1.161   1.00 45.48 ? 130 HOH B O   1 
HETATM 1429 O O   . HOH F 3 .  ? 0.764   -20.300 3.241   1.00 54.11 ? 131 HOH B O   1 
HETATM 1430 O O   . HOH F 3 .  ? -11.079 8.560   -7.598  1.00 27.43 ? 132 HOH B O   1 
HETATM 1431 O O   . HOH F 3 .  ? -15.176 -5.358  0.503   1.00 26.82 ? 133 HOH B O   1 
HETATM 1432 O O   . HOH F 3 .  ? -17.740 -0.022  -8.798  1.00 29.45 ? 134 HOH B O   1 
HETATM 1433 O O   . HOH F 3 .  ? -14.401 -7.515  -3.182  1.00 27.42 ? 135 HOH B O   1 
HETATM 1434 O O   . HOH F 3 .  ? -17.222 6.730   -10.600 1.00 54.09 ? 136 HOH B O   1 
HETATM 1435 O O   . HOH F 3 .  ? 13.472  -16.511 -5.448  1.00 53.25 ? 137 HOH B O   1 
HETATM 1436 O O   . HOH G 3 .  ? -2.832  13.756  -11.480 1.00 30.15 ? 201 HOH C O   1 
HETATM 1437 O O   . HOH G 3 .  ? 14.716  2.263   -9.589  1.00 37.13 ? 202 HOH C O   1 
HETATM 1438 O O   . HOH G 3 .  ? 8.348   15.129  -10.443 1.00 24.96 ? 203 HOH C O   1 
HETATM 1439 O O   . HOH G 3 .  ? -11.546 9.305   5.491   1.00 21.32 ? 204 HOH C O   1 
HETATM 1440 O O   . HOH G 3 .  ? 7.004   -0.954  -14.573 1.00 44.58 ? 205 HOH C O   1 
HETATM 1441 O O   . HOH G 3 .  ? 6.736   11.193  7.807   1.00 38.90 ? 206 HOH C O   1 
HETATM 1442 O O   . HOH G 3 .  ? 4.520   17.745  -3.058  1.00 19.07 ? 207 HOH C O   1 
HETATM 1443 O O   . HOH G 3 .  ? 17.827  13.237  -13.413 1.00 55.34 ? 208 HOH C O   1 
HETATM 1444 O O   . HOH G 3 .  ? 9.271   12.560  -16.249 1.00 37.37 ? 209 HOH C O   1 
HETATM 1445 O O   . HOH G 3 .  ? 5.606   16.786  0.631   1.00 16.11 ? 210 HOH C O   1 
HETATM 1446 O O   . HOH G 3 .  ? -12.131 15.532  5.476   1.00 22.43 ? 211 HOH C O   1 
HETATM 1447 O O   . HOH G 3 .  ? -9.610  10.860  -5.836  1.00 20.33 ? 212 HOH C O   1 
HETATM 1448 O O   . HOH G 3 .  ? 15.111  8.684   -0.319  1.00 37.89 ? 213 HOH C O   1 
HETATM 1449 O O   . HOH G 3 .  ? -0.930  7.301   -14.614 1.00 44.48 ? 214 HOH C O   1 
HETATM 1450 O O   . HOH G 3 .  ? -10.463 14.678  -0.068  1.00 27.10 ? 215 HOH C O   1 
HETATM 1451 O O   . HOH G 3 .  ? -7.912  10.735  -10.109 1.00 33.42 ? 216 HOH C O   1 
HETATM 1452 O O   . HOH G 3 .  ? 10.697  5.176   1.025   1.00 43.12 ? 217 HOH C O   1 
HETATM 1453 O O   . HOH G 3 .  ? 15.870  11.487  0.669   1.00 27.77 ? 218 HOH C O   1 
HETATM 1454 O O   . HOH G 3 .  ? -3.243  5.244   -11.423 1.00 24.59 ? 219 HOH C O   1 
HETATM 1455 O O   . HOH G 3 .  ? -7.884  14.953  -6.912  1.00 27.04 ? 220 HOH C O   1 
HETATM 1456 O O   . HOH G 3 .  ? -3.072  7.029   -13.056 1.00 33.64 ? 221 HOH C O   1 
HETATM 1457 O O   . HOH G 3 .  ? -4.195  20.820  -8.543  1.00 40.36 ? 222 HOH C O   1 
HETATM 1458 O O   . HOH G 3 .  ? -9.168  7.926   6.719   1.00 18.62 ? 223 HOH C O   1 
HETATM 1459 O O   . HOH G 3 .  ? 4.860   -5.684  -8.262  1.00 42.06 ? 224 HOH C O   1 
HETATM 1460 O O   . HOH G 3 .  ? -5.299  11.155  9.517   1.00 26.48 ? 225 HOH C O   1 
HETATM 1461 O O   . HOH G 3 .  ? -9.920  17.294  5.865   1.00 33.39 ? 226 HOH C O   1 
HETATM 1462 O O   . HOH G 3 .  ? 13.531  -1.194  -10.802 1.00 40.82 ? 227 HOH C O   1 
HETATM 1463 O O   . HOH G 3 .  ? 8.317   11.674  -18.190 1.00 42.02 ? 228 HOH C O   1 
HETATM 1464 O O   . HOH G 3 .  ? -11.621 12.780  -4.692  1.00 26.30 ? 229 HOH C O   1 
HETATM 1465 O O   . HOH G 3 .  ? 0.224   10.362  8.216   1.00 38.93 ? 230 HOH C O   1 
HETATM 1466 O O   . HOH G 3 .  ? 14.089  6.626   1.293   1.00 42.24 ? 231 HOH C O   1 
HETATM 1467 O O   . HOH G 3 .  ? 13.193  -3.729  -15.591 1.00 44.24 ? 232 HOH C O   1 
HETATM 1468 O O   . HOH G 3 .  ? 12.316  -5.487  -9.551  1.00 50.26 ? 233 HOH C O   1 
HETATM 1469 O O   . HOH G 3 .  ? 14.585  -2.322  -9.097  1.00 38.80 ? 234 HOH C O   1 
HETATM 1470 O O   . HOH G 3 .  ? 4.480   -3.137  -5.668  1.00 39.00 ? 235 HOH C O   1 
HETATM 1471 O O   . HOH G 3 .  ? 5.904   -4.827  -6.077  1.00 39.53 ? 236 HOH C O   1 
HETATM 1472 O O   . HOH G 3 .  ? -8.382  7.397   -13.432 1.00 48.58 ? 237 HOH C O   1 
# 
